data_2CEA
#
_entry.id   2CEA
#
_cell.length_a   165.316
_cell.length_b   165.316
_cell.length_c   234.749
_cell.angle_alpha   90.00
_cell.angle_beta   90.00
_cell.angle_gamma   90.00
#
_symmetry.space_group_name_H-M   'P 41 21 2'
#
loop_
_entity.id
_entity.type
_entity.pdbx_description
1 polymer 'CELL DIVISION PROTEIN FTSH'
2 non-polymer 'ZINC ION'
3 non-polymer "ADENOSINE-5'-DIPHOSPHATE"
4 non-polymer 'MAGNESIUM ION'
5 water water
#
_entity_poly.entity_id   1
_entity_poly.type   'polypeptide(L)'
_entity_poly.pdbx_seq_one_letter_code
;MATMYKPSGNKRVTFKDVGGAEEAIEELKEVVEFLKDPSKFNRIGARMPKGILLVGPPGTGKTLLARAVAGEANVPFFHI
SGSDFVELFVGVGAARVRDLFAQAKAHAPCIVFIDEIDAVGRHRGAGLGGGHDEREQTLNQLLVEMDGFDSKEGIIVMAA
TNRPDILDPALLRPGRFDKKIVVDPPDMLGRKKILEIHTRNKPLAEDVNLEIIAKRTPGFVGADLENLVNEAALLAAREG
RDKITMKDFEEAIDRVIAGPARKSLLISPAEKRIIAYHEAGHAVVSTVVPNGEPVHRISIIPRGYKALGYTLHLPEEDKY
LVSRNELLDKLTALLGGRAAEEVVFGDVTSGAANDIERATEIARNMVCQLGMSEELGPLAWGKEEQEVFLGKEITRLRNY
SEEVASKIDEEVKKIVTNCYERAKEIIRKYRKQLDNIVEILLEKETIEGDELRRILSEEFEKVVEAAALEHHHHHH
;
_entity_poly.pdbx_strand_id   A,B,C,D,E,F
#
# COMPACT_ATOMS: atom_id res chain seq x y z
N TYR A 5 57.18 52.95 -12.06
CA TYR A 5 55.75 52.60 -12.40
C TYR A 5 55.06 53.67 -13.25
N LYS A 6 54.98 53.42 -14.56
CA LYS A 6 54.40 54.37 -15.53
C LYS A 6 53.48 53.65 -16.58
N PRO A 7 52.60 54.42 -17.26
CA PRO A 7 51.76 53.83 -18.30
C PRO A 7 52.58 52.97 -19.28
N SER A 8 52.19 51.71 -19.46
CA SER A 8 52.91 50.78 -20.36
C SER A 8 53.12 51.39 -21.75
N GLY A 9 54.33 51.28 -22.30
CA GLY A 9 54.64 51.83 -23.63
C GLY A 9 54.57 50.76 -24.72
N ASN A 10 53.82 49.68 -24.44
CA ASN A 10 53.67 48.57 -25.39
C ASN A 10 52.46 48.75 -26.36
N LYS A 11 52.43 47.98 -27.46
CA LYS A 11 51.43 48.16 -28.53
C LYS A 11 49.98 48.08 -28.05
N ARG A 12 49.17 49.04 -28.50
CA ARG A 12 47.73 49.07 -28.22
C ARG A 12 47.02 47.83 -28.75
N VAL A 13 46.20 47.22 -27.90
CA VAL A 13 45.42 46.09 -28.35
C VAL A 13 43.97 46.25 -28.00
N THR A 14 43.11 45.70 -28.84
CA THR A 14 41.69 45.79 -28.62
C THR A 14 41.14 44.37 -28.67
N PHE A 15 39.83 44.21 -28.55
CA PHE A 15 39.23 42.90 -28.54
C PHE A 15 39.37 42.26 -29.90
N LYS A 16 39.60 43.07 -30.92
CA LYS A 16 39.85 42.58 -32.25
C LYS A 16 41.09 41.73 -32.29
N ASP A 17 41.88 41.81 -31.23
CA ASP A 17 43.14 41.10 -31.16
C ASP A 17 43.09 39.86 -30.27
N VAL A 18 41.94 39.61 -29.68
CA VAL A 18 41.74 38.45 -28.83
C VAL A 18 40.80 37.48 -29.52
N GLY A 19 41.25 36.25 -29.70
CA GLY A 19 40.42 35.22 -30.32
C GLY A 19 39.98 34.17 -29.30
N GLY A 20 38.81 33.58 -29.53
CA GLY A 20 38.35 32.45 -28.73
C GLY A 20 37.96 32.76 -27.29
N ALA A 21 37.57 33.99 -27.00
CA ALA A 21 37.19 34.31 -25.62
C ALA A 21 35.97 35.21 -25.58
N GLU A 22 34.97 34.86 -26.37
CA GLU A 22 33.79 35.70 -26.50
C GLU A 22 33.06 35.87 -25.20
N GLU A 23 32.98 34.81 -24.41
CA GLU A 23 32.23 34.88 -23.18
C GLU A 23 32.87 35.90 -22.28
N ALA A 24 34.21 35.90 -22.26
CA ALA A 24 34.96 36.77 -21.37
C ALA A 24 34.93 38.19 -21.88
N ILE A 25 35.00 38.34 -23.19
CA ILE A 25 34.96 39.66 -23.77
C ILE A 25 33.64 40.28 -23.36
N GLU A 26 32.59 39.51 -23.44
CA GLU A 26 31.29 40.02 -23.12
C GLU A 26 31.22 40.48 -21.68
N GLU A 27 31.83 39.76 -20.76
CA GLU A 27 31.82 40.19 -19.38
C GLU A 27 32.59 41.49 -19.20
N LEU A 28 33.63 41.69 -20.02
CA LEU A 28 34.49 42.86 -19.87
C LEU A 28 34.02 44.08 -20.63
N LYS A 29 33.06 43.91 -21.53
CA LYS A 29 32.58 45.05 -22.27
C LYS A 29 31.97 46.11 -21.35
N GLU A 30 31.27 45.71 -20.29
CA GLU A 30 30.71 46.72 -19.38
C GLU A 30 31.83 47.43 -18.67
N VAL A 31 32.94 46.75 -18.40
CA VAL A 31 34.07 47.43 -17.76
C VAL A 31 34.62 48.48 -18.70
N VAL A 32 34.70 48.15 -19.99
CA VAL A 32 35.10 49.12 -21.00
C VAL A 32 34.13 50.30 -21.09
N GLU A 33 32.83 50.05 -21.10
CA GLU A 33 31.87 51.17 -21.11
C GLU A 33 32.17 52.11 -19.94
N PHE A 34 32.52 51.52 -18.81
CA PHE A 34 32.75 52.26 -17.58
C PHE A 34 34.01 53.14 -17.70
N LEU A 35 35.09 52.58 -18.21
CA LEU A 35 36.35 53.35 -18.31
C LEU A 35 36.22 54.51 -19.28
N LYS A 36 35.46 54.34 -20.36
CA LYS A 36 35.27 55.41 -21.35
C LYS A 36 34.48 56.58 -20.80
N ASP A 37 33.73 56.36 -19.72
CA ASP A 37 32.85 57.38 -19.19
C ASP A 37 32.24 56.97 -17.85
N PRO A 38 33.01 57.02 -16.79
CA PRO A 38 32.53 56.53 -15.50
C PRO A 38 31.25 57.22 -15.01
N SER A 39 30.95 58.40 -15.55
CA SER A 39 29.89 59.23 -14.98
C SER A 39 28.56 58.62 -15.24
N LYS A 40 28.49 57.82 -16.29
CA LYS A 40 27.24 57.14 -16.65
C LYS A 40 26.82 56.11 -15.57
N PHE A 41 27.79 55.56 -14.86
CA PHE A 41 27.51 54.62 -13.78
C PHE A 41 27.38 55.33 -12.46
N ASN A 42 28.27 56.28 -12.23
CA ASN A 42 28.29 57.03 -11.01
C ASN A 42 26.96 57.72 -10.75
N ARG A 43 26.38 58.34 -11.76
CA ARG A 43 25.22 59.17 -11.52
C ARG A 43 23.97 58.36 -11.15
N ILE A 44 23.94 57.07 -11.46
CA ILE A 44 22.80 56.25 -11.06
C ILE A 44 23.17 55.23 -10.00
N GLY A 45 24.40 55.28 -9.55
CA GLY A 45 24.84 54.42 -8.45
C GLY A 45 25.20 53.01 -8.86
N ALA A 46 25.41 52.80 -10.15
CA ALA A 46 25.83 51.52 -10.64
C ALA A 46 27.25 51.29 -10.14
N ARG A 47 27.45 50.39 -9.19
CA ARG A 47 28.82 50.17 -8.72
C ARG A 47 29.55 49.03 -9.43
N MET A 48 30.76 49.33 -9.88
CA MET A 48 31.63 48.33 -10.51
C MET A 48 32.56 47.66 -9.50
N PRO A 49 33.10 46.51 -9.87
CA PRO A 49 34.02 45.83 -9.01
C PRO A 49 35.34 46.56 -9.07
N LYS A 50 36.08 46.56 -7.95
CA LYS A 50 37.40 47.20 -7.89
C LYS A 50 38.46 46.25 -8.42
N GLY A 51 38.21 44.97 -8.25
CA GLY A 51 39.16 43.96 -8.67
C GLY A 51 38.52 42.86 -9.47
N ILE A 52 39.14 42.51 -10.60
CA ILE A 52 38.68 41.38 -11.39
C ILE A 52 39.78 40.36 -11.57
N LEU A 53 39.48 39.13 -11.22
CA LEU A 53 40.48 38.10 -11.26
C LEU A 53 40.32 37.23 -12.50
N LEU A 54 41.40 37.14 -13.29
CA LEU A 54 41.38 36.32 -14.49
C LEU A 54 42.01 34.96 -14.25
N VAL A 55 41.24 33.90 -14.39
CA VAL A 55 41.73 32.59 -14.06
C VAL A 55 41.86 31.72 -15.31
N GLY A 56 42.97 31.02 -15.43
CA GLY A 56 43.24 30.23 -16.61
C GLY A 56 44.70 29.86 -16.73
N PRO A 57 44.99 28.80 -17.48
CA PRO A 57 46.35 28.34 -17.69
C PRO A 57 47.15 29.34 -18.46
N PRO A 58 48.47 29.19 -18.43
CA PRO A 58 49.36 30.11 -19.11
C PRO A 58 49.11 30.17 -20.60
N GLY A 59 49.28 31.34 -21.19
CA GLY A 59 49.16 31.51 -22.62
C GLY A 59 47.74 31.46 -23.19
N THR A 60 46.74 31.64 -22.33
CA THR A 60 45.37 31.65 -22.78
C THR A 60 44.92 33.05 -23.11
N GLY A 61 45.74 34.04 -22.78
CA GLY A 61 45.42 35.43 -23.12
C GLY A 61 44.86 36.24 -21.97
N LYS A 62 45.21 35.85 -20.75
CA LYS A 62 44.84 36.61 -19.56
C LYS A 62 45.38 38.03 -19.66
N THR A 63 46.67 38.17 -19.91
CA THR A 63 47.29 39.49 -20.07
C THR A 63 46.72 40.24 -21.30
N LEU A 64 46.71 39.57 -22.44
CA LEU A 64 46.13 40.15 -23.65
C LEU A 64 44.80 40.79 -23.31
N LEU A 65 43.96 40.05 -22.62
CA LEU A 65 42.69 40.55 -22.24
C LEU A 65 42.80 41.87 -21.51
N ALA A 66 43.52 41.85 -20.40
CA ALA A 66 43.69 43.06 -19.62
C ALA A 66 44.09 44.20 -20.52
N ARG A 67 45.07 43.96 -21.38
CA ARG A 67 45.56 45.01 -22.27
C ARG A 67 44.50 45.47 -23.25
N ALA A 68 43.64 44.57 -23.68
CA ALA A 68 42.59 44.90 -24.65
C ALA A 68 41.56 45.83 -24.02
N VAL A 69 41.22 45.58 -22.77
CA VAL A 69 40.27 46.43 -22.08
C VAL A 69 40.79 47.86 -22.14
N ALA A 70 42.04 48.04 -21.72
CA ALA A 70 42.67 49.36 -21.70
C ALA A 70 42.66 50.01 -23.06
N GLY A 71 43.03 49.24 -24.07
CA GLY A 71 43.11 49.77 -25.42
C GLY A 71 41.76 50.12 -25.98
N GLU A 72 40.75 49.33 -25.64
CA GLU A 72 39.41 49.56 -26.13
C GLU A 72 38.80 50.83 -25.47
N ALA A 73 39.14 51.08 -24.21
CA ALA A 73 38.65 52.28 -23.52
C ALA A 73 39.61 53.44 -23.69
N ASN A 74 40.72 53.19 -24.36
CA ASN A 74 41.72 54.23 -24.58
C ASN A 74 42.11 54.88 -23.26
N VAL A 75 42.69 54.08 -22.39
CA VAL A 75 42.99 54.47 -21.05
C VAL A 75 44.34 53.89 -20.72
N PRO A 76 45.10 54.50 -19.80
CA PRO A 76 46.42 53.91 -19.54
C PRO A 76 46.32 52.52 -18.90
N PHE A 77 47.43 51.79 -18.96
CA PHE A 77 47.49 50.41 -18.51
C PHE A 77 48.78 50.25 -17.73
N PHE A 78 48.67 49.94 -16.45
CA PHE A 78 49.85 49.68 -15.64
C PHE A 78 50.06 48.18 -15.49
N HIS A 79 51.17 47.67 -16.04
CA HIS A 79 51.45 46.23 -16.00
C HIS A 79 52.46 45.92 -14.91
N ILE A 80 52.03 45.20 -13.89
CA ILE A 80 52.94 44.78 -12.83
C ILE A 80 52.99 43.29 -12.76
N SER A 81 54.10 42.76 -12.29
CA SER A 81 54.23 41.34 -12.12
C SER A 81 54.36 41.02 -10.65
N GLY A 82 53.58 40.05 -10.19
CA GLY A 82 53.54 39.72 -8.77
C GLY A 82 54.81 39.04 -8.30
N SER A 83 55.53 38.44 -9.24
CA SER A 83 56.75 37.73 -8.91
C SER A 83 57.87 38.73 -8.69
N ASP A 84 57.60 39.99 -8.98
CA ASP A 84 58.57 41.06 -8.73
C ASP A 84 58.73 41.25 -7.24
N PHE A 85 57.62 41.08 -6.50
CA PHE A 85 57.55 41.48 -5.09
C PHE A 85 58.13 40.46 -4.14
N VAL A 86 58.01 39.18 -4.48
CA VAL A 86 58.79 38.17 -3.77
C VAL A 86 60.27 38.60 -3.78
N GLU A 87 60.99 38.28 -2.72
CA GLU A 87 62.46 38.44 -2.71
C GLU A 87 62.91 39.87 -2.40
N LEU A 88 61.99 40.75 -2.05
CA LEU A 88 62.32 42.14 -1.80
C LEU A 88 62.92 42.37 -0.42
N PHE A 89 63.70 43.43 -0.29
CA PHE A 89 64.20 43.83 1.00
C PHE A 89 63.02 44.19 1.89
N VAL A 90 63.29 44.42 3.17
CA VAL A 90 62.24 44.72 4.14
C VAL A 90 61.54 46.07 3.89
N GLY A 91 60.24 46.01 3.63
CA GLY A 91 59.42 47.23 3.44
C GLY A 91 59.29 47.61 1.98
N VAL A 92 60.33 47.35 1.21
CA VAL A 92 60.40 47.76 -0.17
C VAL A 92 59.11 47.38 -0.91
N GLY A 93 58.60 46.19 -0.65
CA GLY A 93 57.38 45.71 -1.31
C GLY A 93 56.17 46.59 -1.06
N ALA A 94 55.88 46.87 0.19
CA ALA A 94 54.74 47.71 0.52
C ALA A 94 54.88 49.04 -0.22
N ALA A 95 56.05 49.65 -0.11
CA ALA A 95 56.31 50.98 -0.68
C ALA A 95 56.04 51.01 -2.20
N ARG A 96 56.34 49.90 -2.88
CA ARG A 96 56.11 49.81 -4.33
C ARG A 96 54.64 49.76 -4.61
N VAL A 97 53.92 49.03 -3.78
CA VAL A 97 52.48 48.93 -3.97
C VAL A 97 51.85 50.29 -3.73
N ARG A 98 52.28 50.98 -2.69
CA ARG A 98 51.78 52.31 -2.43
C ARG A 98 52.00 53.19 -3.64
N ASP A 99 53.23 53.21 -4.15
CA ASP A 99 53.53 54.09 -5.28
C ASP A 99 52.72 53.71 -6.52
N LEU A 100 52.54 52.41 -6.74
CA LEU A 100 51.73 51.93 -7.85
C LEU A 100 50.34 52.56 -7.83
N PHE A 101 49.72 52.60 -6.66
CA PHE A 101 48.38 53.11 -6.58
C PHE A 101 48.34 54.62 -6.64
N ALA A 102 49.36 55.24 -6.08
CA ALA A 102 49.48 56.67 -6.19
C ALA A 102 49.45 57.04 -7.65
N GLN A 103 50.20 56.31 -8.48
CA GLN A 103 50.28 56.59 -9.90
C GLN A 103 48.95 56.34 -10.56
N ALA A 104 48.29 55.26 -10.16
CA ALA A 104 47.03 54.89 -10.76
C ALA A 104 46.02 56.00 -10.56
N LYS A 105 46.14 56.70 -9.45
CA LYS A 105 45.18 57.74 -9.16
C LYS A 105 45.48 58.99 -9.96
N ALA A 106 46.75 59.26 -10.18
CA ALA A 106 47.13 60.42 -10.94
C ALA A 106 46.63 60.28 -12.37
N HIS A 107 46.51 59.04 -12.83
CA HIS A 107 46.25 58.76 -14.25
C HIS A 107 44.84 58.19 -14.50
N ALA A 108 43.99 58.20 -13.48
CA ALA A 108 42.65 57.64 -13.64
C ALA A 108 41.84 58.45 -14.64
N PRO A 109 40.92 57.78 -15.36
CA PRO A 109 40.60 56.37 -15.32
C PRO A 109 41.69 55.50 -15.93
N CYS A 110 41.83 54.28 -15.43
CA CYS A 110 42.85 53.37 -15.95
C CYS A 110 42.73 51.96 -15.38
N ILE A 111 43.46 51.06 -15.98
CA ILE A 111 43.52 49.69 -15.55
C ILE A 111 44.89 49.43 -14.92
N VAL A 112 44.89 48.81 -13.74
CA VAL A 112 46.13 48.37 -13.11
C VAL A 112 46.14 46.87 -13.10
N PHE A 113 47.13 46.28 -13.75
CA PHE A 113 47.13 44.84 -13.95
C PHE A 113 48.29 44.16 -13.23
N ILE A 114 47.96 43.14 -12.45
CA ILE A 114 48.95 42.40 -11.66
C ILE A 114 48.99 40.96 -12.11
N ASP A 115 50.02 40.62 -12.89
CA ASP A 115 50.21 39.26 -13.37
C ASP A 115 50.67 38.34 -12.25
N GLU A 116 50.45 37.04 -12.42
CA GLU A 116 50.97 36.06 -11.48
C GLU A 116 50.74 36.54 -10.06
N ILE A 117 49.50 36.90 -9.75
CA ILE A 117 49.18 37.46 -8.43
C ILE A 117 49.43 36.48 -7.30
N ASP A 118 49.23 35.19 -7.55
CA ASP A 118 49.43 34.18 -6.50
C ASP A 118 50.77 34.36 -5.79
N ALA A 119 51.77 34.84 -6.54
CA ALA A 119 53.13 34.99 -6.03
C ALA A 119 53.19 35.94 -4.83
N VAL A 120 52.22 36.86 -4.74
CA VAL A 120 52.18 37.81 -3.65
C VAL A 120 50.91 37.63 -2.82
N GLY A 121 49.91 36.96 -3.39
CA GLY A 121 48.62 36.79 -2.74
C GLY A 121 48.47 35.43 -2.10
N ARG A 122 49.47 35.09 -1.28
CA ARG A 122 49.55 33.78 -0.70
C ARG A 122 49.42 33.91 0.82
N HIS A 132 56.15 33.33 4.22
CA HIS A 132 55.25 33.79 5.27
C HIS A 132 55.97 34.81 6.16
N ASP A 133 56.18 36.02 5.64
CA ASP A 133 57.10 36.97 6.28
C ASP A 133 56.89 38.42 5.82
N GLU A 134 57.55 38.79 4.73
CA GLU A 134 57.47 40.13 4.15
C GLU A 134 56.36 40.16 3.11
N ARG A 135 55.90 38.97 2.75
CA ARG A 135 54.75 38.81 1.89
C ARG A 135 53.55 39.34 2.64
N GLU A 136 53.47 39.00 3.92
CA GLU A 136 52.42 39.50 4.79
C GLU A 136 52.28 41.01 4.64
N GLN A 137 53.42 41.70 4.75
CA GLN A 137 53.44 43.17 4.68
C GLN A 137 52.99 43.65 3.33
N THR A 138 53.62 43.10 2.30
CA THR A 138 53.33 43.47 0.92
C THR A 138 51.85 43.25 0.60
N LEU A 139 51.33 42.08 0.96
CA LEU A 139 49.93 41.75 0.71
C LEU A 139 48.98 42.64 1.51
N ASN A 140 49.23 42.77 2.81
CA ASN A 140 48.39 43.62 3.63
C ASN A 140 48.29 45.02 2.99
N GLN A 141 49.38 45.48 2.39
CA GLN A 141 49.37 46.82 1.77
C GLN A 141 48.45 46.81 0.57
N LEU A 142 48.62 45.81 -0.29
CA LEU A 142 47.69 45.60 -1.41
C LEU A 142 46.27 45.72 -0.87
N LEU A 143 45.92 44.92 0.11
CA LEU A 143 44.56 44.94 0.68
C LEU A 143 44.11 46.35 1.09
N VAL A 144 44.99 47.08 1.76
CA VAL A 144 44.69 48.43 2.20
C VAL A 144 44.42 49.38 1.02
N GLU A 145 45.19 49.24 -0.05
CA GLU A 145 45.07 50.13 -1.21
C GLU A 145 43.80 49.81 -1.98
N MET A 146 43.49 48.53 -2.13
CA MET A 146 42.23 48.12 -2.74
C MET A 146 41.12 48.81 -1.97
N ASP A 147 41.06 48.56 -0.66
CA ASP A 147 40.06 49.19 0.19
C ASP A 147 40.08 50.70 0.07
N GLY A 148 41.26 51.22 -0.27
CA GLY A 148 41.51 52.66 -0.22
C GLY A 148 40.98 53.49 -1.39
N PHE A 149 40.90 52.92 -2.58
CA PHE A 149 40.66 53.73 -3.76
C PHE A 149 39.19 53.82 -4.16
N ASP A 150 38.82 54.97 -4.71
CA ASP A 150 37.45 55.25 -5.11
C ASP A 150 37.18 54.62 -6.45
N SER A 151 36.33 53.59 -6.48
CA SER A 151 36.01 52.98 -7.74
C SER A 151 35.58 54.05 -8.71
N LYS A 152 34.82 55.04 -8.21
CA LYS A 152 34.17 56.02 -9.07
C LYS A 152 35.16 56.80 -9.88
N GLU A 153 36.42 56.71 -9.50
CA GLU A 153 37.48 57.42 -10.17
C GLU A 153 37.80 56.76 -11.51
N GLY A 154 37.24 55.59 -11.73
CA GLY A 154 37.48 54.88 -12.98
C GLY A 154 38.75 54.04 -12.93
N ILE A 155 39.04 53.50 -11.74
CA ILE A 155 40.18 52.65 -11.56
C ILE A 155 39.69 51.23 -11.43
N ILE A 156 40.31 50.35 -12.18
CA ILE A 156 40.01 48.95 -12.09
C ILE A 156 41.31 48.21 -12.04
N VAL A 157 41.49 47.39 -11.01
CA VAL A 157 42.64 46.53 -10.90
C VAL A 157 42.27 45.14 -11.38
N MET A 158 42.93 44.69 -12.44
CA MET A 158 42.73 43.35 -12.92
C MET A 158 43.91 42.52 -12.53
N ALA A 159 43.65 41.24 -12.22
CA ALA A 159 44.67 40.35 -11.74
C ALA A 159 44.50 38.97 -12.38
N ALA A 160 45.62 38.31 -12.67
CA ALA A 160 45.60 37.01 -13.38
C ALA A 160 46.34 35.93 -12.61
N THR A 161 45.89 34.69 -12.76
CA THR A 161 46.53 33.57 -12.11
C THR A 161 46.07 32.29 -12.75
N ASN A 162 46.94 31.28 -12.77
CA ASN A 162 46.51 29.95 -13.15
C ASN A 162 46.40 29.11 -11.94
N ARG A 163 46.51 29.74 -10.79
CA ARG A 163 46.68 29.02 -9.55
C ARG A 163 45.81 29.64 -8.43
N PRO A 164 44.48 29.70 -8.66
CA PRO A 164 43.52 30.41 -7.79
C PRO A 164 43.31 29.81 -6.39
N ASP A 165 43.68 28.55 -6.19
CA ASP A 165 43.47 27.91 -4.91
C ASP A 165 44.58 28.25 -3.93
N ILE A 166 45.61 28.93 -4.43
CA ILE A 166 46.74 29.40 -3.59
C ILE A 166 46.36 30.67 -2.84
N LEU A 167 45.41 31.42 -3.39
CA LEU A 167 45.17 32.78 -2.98
C LEU A 167 44.57 32.94 -1.59
N ASP A 168 45.11 33.91 -0.87
CA ASP A 168 44.57 34.28 0.41
C ASP A 168 43.11 34.74 0.19
N PRO A 169 42.16 34.11 0.89
CA PRO A 169 40.76 34.42 0.71
C PRO A 169 40.40 35.85 1.03
N ALA A 170 41.26 36.56 1.76
CA ALA A 170 41.04 38.00 2.00
C ALA A 170 41.00 38.80 0.66
N LEU A 171 41.65 38.27 -0.36
CA LEU A 171 41.71 38.93 -1.65
C LEU A 171 40.40 38.79 -2.41
N LEU A 172 39.68 37.72 -2.15
CA LEU A 172 38.48 37.41 -2.90
C LEU A 172 37.24 37.96 -2.18
N ARG A 173 37.43 38.65 -1.06
CA ARG A 173 36.31 39.18 -0.33
C ARG A 173 35.65 40.36 -1.08
N PRO A 174 34.34 40.52 -0.88
CA PRO A 174 33.62 41.63 -1.49
C PRO A 174 34.36 42.90 -1.27
N GLY A 175 34.41 43.74 -2.30
CA GLY A 175 35.12 44.98 -2.20
C GLY A 175 36.52 44.81 -2.73
N ARG A 176 36.89 43.58 -3.09
CA ARG A 176 38.23 43.36 -3.59
C ARG A 176 38.25 42.65 -4.92
N PHE A 177 38.78 41.45 -4.96
CA PHE A 177 38.68 40.67 -6.17
C PHE A 177 37.51 39.73 -6.06
N ASP A 178 36.31 40.27 -6.28
CA ASP A 178 35.12 39.45 -6.18
C ASP A 178 34.49 39.20 -7.53
N LYS A 179 35.26 39.41 -8.58
CA LYS A 179 34.81 38.98 -9.88
C LYS A 179 35.86 38.14 -10.53
N LYS A 180 35.51 36.90 -10.82
CA LYS A 180 36.43 36.01 -11.47
C LYS A 180 35.93 35.78 -12.88
N ILE A 181 36.87 35.73 -13.81
CA ILE A 181 36.55 35.44 -15.16
C ILE A 181 37.42 34.33 -15.59
N VAL A 182 36.80 33.20 -15.90
CA VAL A 182 37.53 32.03 -16.30
C VAL A 182 37.85 32.12 -17.77
N VAL A 183 39.12 31.92 -18.11
CA VAL A 183 39.57 31.94 -19.49
C VAL A 183 40.08 30.55 -19.88
N ASP A 184 39.31 29.85 -20.72
CA ASP A 184 39.64 28.47 -21.12
C ASP A 184 40.45 28.40 -22.44
N PRO A 185 41.17 27.28 -22.63
CA PRO A 185 41.68 26.87 -23.94
C PRO A 185 40.57 26.91 -24.99
N PRO A 186 40.90 27.42 -26.17
CA PRO A 186 39.97 27.64 -27.25
C PRO A 186 39.54 26.38 -27.91
N ASP A 187 38.28 26.34 -28.32
CA ASP A 187 37.77 25.25 -29.14
C ASP A 187 38.27 25.44 -30.57
N MET A 188 37.74 24.66 -31.50
CA MET A 188 38.28 24.66 -32.85
C MET A 188 38.05 26.01 -33.55
N LEU A 189 36.84 26.55 -33.50
CA LEU A 189 36.62 27.89 -34.08
C LEU A 189 37.52 28.93 -33.39
N GLY A 190 37.55 28.90 -32.08
CA GLY A 190 38.37 29.83 -31.37
C GLY A 190 39.80 29.79 -31.83
N ARG A 191 40.34 28.60 -32.08
CA ARG A 191 41.73 28.51 -32.55
C ARG A 191 41.83 29.06 -33.96
N LYS A 192 40.81 28.87 -34.75
CA LYS A 192 40.80 29.42 -36.10
C LYS A 192 40.95 30.95 -36.01
N LYS A 193 40.22 31.59 -35.10
CA LYS A 193 40.28 33.05 -34.99
C LYS A 193 41.65 33.54 -34.55
N ILE A 194 42.25 32.85 -33.61
CA ILE A 194 43.54 33.23 -33.15
C ILE A 194 44.57 33.14 -34.27
N LEU A 195 44.40 32.19 -35.19
CA LEU A 195 45.24 32.11 -36.37
C LEU A 195 44.96 33.32 -37.27
N GLU A 196 43.69 33.61 -37.52
CA GLU A 196 43.39 34.80 -38.30
C GLU A 196 44.25 35.90 -37.70
N ILE A 197 44.08 36.14 -36.41
CA ILE A 197 44.64 37.32 -35.80
C ILE A 197 46.15 37.40 -36.03
N HIS A 198 46.84 36.32 -35.71
CA HIS A 198 48.30 36.34 -35.76
C HIS A 198 48.83 36.17 -37.17
N THR A 199 47.93 36.28 -38.14
CA THR A 199 48.22 36.09 -39.55
C THR A 199 47.92 37.40 -40.32
N ARG A 200 47.08 38.26 -39.72
CA ARG A 200 46.69 39.53 -40.31
C ARG A 200 47.78 40.06 -41.16
N ASN A 201 48.96 40.15 -40.58
CA ASN A 201 50.02 40.93 -41.14
C ASN A 201 51.04 40.09 -41.87
N LYS A 202 50.73 38.84 -42.17
CA LYS A 202 51.71 38.01 -42.87
C LYS A 202 51.23 37.61 -44.27
N PRO A 203 52.17 37.31 -45.17
CA PRO A 203 51.83 36.93 -46.52
C PRO A 203 51.49 35.47 -46.61
N LEU A 204 50.22 35.16 -46.74
CA LEU A 204 49.81 33.79 -46.84
C LEU A 204 49.61 33.41 -48.29
N ALA A 205 49.92 32.18 -48.64
CA ALA A 205 49.57 31.67 -49.95
C ALA A 205 48.07 31.44 -49.91
N GLU A 206 47.46 31.30 -51.07
CA GLU A 206 46.01 31.15 -51.12
C GLU A 206 45.58 29.71 -50.82
N ASP A 207 46.53 28.83 -50.54
CA ASP A 207 46.20 27.45 -50.21
C ASP A 207 46.11 27.23 -48.71
N VAL A 208 46.39 28.25 -47.91
CA VAL A 208 46.43 28.07 -46.46
C VAL A 208 45.05 27.90 -45.86
N ASN A 209 44.78 26.73 -45.34
CA ASN A 209 43.47 26.46 -44.74
C ASN A 209 43.50 26.55 -43.21
N LEU A 210 43.04 27.66 -42.66
CA LEU A 210 43.17 27.87 -41.22
C LEU A 210 42.23 26.97 -40.44
N GLU A 211 41.10 26.61 -41.02
CA GLU A 211 40.21 25.71 -40.33
C GLU A 211 40.91 24.36 -40.10
N ILE A 212 41.55 23.84 -41.15
CA ILE A 212 42.22 22.55 -41.02
C ILE A 212 43.31 22.65 -39.96
N ILE A 213 44.11 23.71 -40.02
CA ILE A 213 45.12 23.91 -39.00
C ILE A 213 44.52 23.97 -37.59
N ALA A 214 43.42 24.71 -37.44
CA ALA A 214 42.67 24.67 -36.20
C ALA A 214 42.34 23.20 -35.82
N LYS A 215 41.75 22.46 -36.75
CA LYS A 215 41.36 21.11 -36.45
C LYS A 215 42.54 20.28 -36.00
N ARG A 216 43.71 20.54 -36.55
CA ARG A 216 44.86 19.71 -36.25
C ARG A 216 45.65 20.21 -35.03
N THR A 217 45.10 21.14 -34.28
CA THR A 217 45.82 21.68 -33.12
C THR A 217 45.03 21.58 -31.83
N PRO A 218 44.45 20.41 -31.55
CA PRO A 218 43.64 20.32 -30.34
C PRO A 218 44.53 20.55 -29.17
N GLY A 219 44.07 21.29 -28.17
CA GLY A 219 44.84 21.49 -26.96
C GLY A 219 45.73 22.73 -26.98
N PHE A 220 45.92 23.33 -28.16
CA PHE A 220 46.80 24.48 -28.26
C PHE A 220 46.13 25.65 -27.63
N VAL A 221 46.91 26.50 -26.97
CA VAL A 221 46.40 27.74 -26.41
C VAL A 221 46.92 28.86 -27.27
N GLY A 222 46.38 30.05 -27.09
CA GLY A 222 46.77 31.17 -27.91
C GLY A 222 48.26 31.29 -28.06
N ALA A 223 48.98 31.19 -26.95
CA ALA A 223 50.45 31.34 -26.98
C ALA A 223 51.10 30.32 -27.93
N ASP A 224 50.52 29.12 -27.98
CA ASP A 224 51.03 28.06 -28.83
C ASP A 224 50.76 28.32 -30.29
N LEU A 225 49.63 28.92 -30.57
CA LEU A 225 49.26 29.18 -31.94
C LEU A 225 50.11 30.31 -32.52
N GLU A 226 50.34 31.36 -31.74
CA GLU A 226 51.17 32.46 -32.17
C GLU A 226 52.53 31.87 -32.53
N ASN A 227 52.99 30.91 -31.73
CA ASN A 227 54.28 30.26 -31.96
C ASN A 227 54.29 29.50 -33.26
N LEU A 228 53.22 28.75 -33.48
CA LEU A 228 53.06 27.96 -34.68
C LEU A 228 53.11 28.85 -35.91
N VAL A 229 52.43 29.98 -35.86
CA VAL A 229 52.43 30.86 -36.98
C VAL A 229 53.85 31.35 -37.23
N ASN A 230 54.55 31.63 -36.15
CA ASN A 230 55.86 32.13 -36.28
C ASN A 230 56.78 31.10 -36.90
N GLU A 231 56.66 29.86 -36.47
CA GLU A 231 57.48 28.77 -36.99
C GLU A 231 57.18 28.57 -38.49
N ALA A 232 55.94 28.80 -38.86
CA ALA A 232 55.55 28.76 -40.25
C ALA A 232 56.35 29.79 -41.03
N ALA A 233 56.40 30.99 -40.49
CA ALA A 233 56.98 32.10 -41.17
C ALA A 233 58.48 31.90 -41.30
N LEU A 234 59.12 31.44 -40.24
CA LEU A 234 60.54 31.22 -40.25
C LEU A 234 60.90 30.15 -41.26
N LEU A 235 60.02 29.18 -41.43
CA LEU A 235 60.24 28.06 -42.33
C LEU A 235 60.32 28.55 -43.77
N ALA A 236 59.35 29.35 -44.17
CA ALA A 236 59.32 29.90 -45.50
C ALA A 236 60.55 30.79 -45.71
N ALA A 237 60.79 31.66 -44.74
CA ALA A 237 61.93 32.56 -44.80
C ALA A 237 63.21 31.75 -44.98
N ARG A 238 63.38 30.72 -44.16
CA ARG A 238 64.56 29.88 -44.22
C ARG A 238 64.77 29.46 -45.67
N GLU A 239 63.67 29.16 -46.35
CA GLU A 239 63.74 28.61 -47.70
C GLU A 239 63.72 29.68 -48.79
N GLY A 240 63.76 30.95 -48.38
CA GLY A 240 63.78 32.07 -49.33
C GLY A 240 62.45 32.24 -50.05
N ARG A 241 61.36 32.08 -49.34
CA ARG A 241 60.07 32.24 -49.95
C ARG A 241 59.27 33.42 -49.34
N ASP A 242 58.43 34.04 -50.15
CA ASP A 242 57.76 35.27 -49.77
C ASP A 242 56.27 35.08 -49.50
N LYS A 243 55.82 33.84 -49.41
CA LYS A 243 54.47 33.55 -48.97
C LYS A 243 54.55 32.33 -48.11
N ILE A 244 53.80 32.33 -47.02
CA ILE A 244 53.69 31.16 -46.21
C ILE A 244 52.59 30.25 -46.80
N THR A 245 52.93 28.97 -46.99
CA THR A 245 52.00 28.07 -47.64
C THR A 245 51.42 27.13 -46.63
N MET A 246 50.50 26.30 -47.06
CA MET A 246 49.86 25.34 -46.18
C MET A 246 50.87 24.25 -45.70
N LYS A 247 51.80 23.86 -46.56
CA LYS A 247 52.79 22.88 -46.16
C LYS A 247 53.67 23.42 -45.06
N ASP A 248 53.85 24.75 -45.04
CA ASP A 248 54.63 25.38 -43.98
C ASP A 248 53.94 25.26 -42.63
N PHE A 249 52.63 25.51 -42.59
CA PHE A 249 51.89 25.37 -41.32
C PHE A 249 51.81 23.91 -40.91
N GLU A 250 51.58 23.04 -41.88
CA GLU A 250 51.54 21.62 -41.62
C GLU A 250 52.87 21.19 -40.97
N GLU A 251 54.01 21.54 -41.57
CA GLU A 251 55.30 21.20 -40.98
C GLU A 251 55.51 21.85 -39.63
N ALA A 252 55.02 23.07 -39.48
CA ALA A 252 55.24 23.81 -38.25
C ALA A 252 54.64 23.09 -37.05
N ILE A 253 53.46 22.50 -37.23
CA ILE A 253 52.72 21.88 -36.12
C ILE A 253 53.56 20.87 -35.39
N ASP A 254 54.23 20.02 -36.15
CA ASP A 254 55.21 19.08 -35.60
C ASP A 254 56.23 19.83 -34.71
N ARG A 255 56.63 21.02 -35.15
CA ARG A 255 57.69 21.78 -34.48
C ARG A 255 57.27 22.31 -33.09
N VAL A 256 56.11 22.95 -33.00
CA VAL A 256 55.59 23.43 -31.72
C VAL A 256 55.21 22.24 -30.79
N ILE A 257 55.15 21.04 -31.36
CA ILE A 257 54.91 19.80 -30.58
C ILE A 257 56.24 19.14 -30.19
N LEU A 266 47.08 14.39 -25.82
CA LEU A 266 46.58 13.75 -27.02
C LEU A 266 45.46 12.77 -26.63
N ILE A 267 44.54 12.51 -27.57
CA ILE A 267 43.45 11.56 -27.32
C ILE A 267 43.03 10.93 -28.63
N SER A 268 42.90 9.61 -28.61
CA SER A 268 42.48 8.86 -29.80
C SER A 268 41.29 9.50 -30.49
N PRO A 269 41.13 9.21 -31.78
CA PRO A 269 39.95 9.53 -32.54
C PRO A 269 38.85 8.48 -32.32
N ALA A 270 39.25 7.28 -31.94
CA ALA A 270 38.29 6.25 -31.56
C ALA A 270 37.59 6.68 -30.26
N GLU A 271 38.41 7.16 -29.32
CA GLU A 271 37.96 7.63 -28.02
C GLU A 271 37.18 8.94 -28.17
N LYS A 272 37.62 9.80 -29.09
CA LYS A 272 36.93 11.05 -29.33
C LYS A 272 35.48 10.70 -29.74
N ARG A 273 35.35 9.76 -30.67
CA ARG A 273 34.03 9.31 -31.14
C ARG A 273 33.13 9.01 -29.94
N ILE A 274 33.66 8.20 -29.04
CA ILE A 274 32.87 7.66 -27.98
C ILE A 274 32.41 8.77 -27.03
N ILE A 275 33.35 9.60 -26.62
CA ILE A 275 33.07 10.75 -25.79
C ILE A 275 31.96 11.59 -26.43
N ALA A 276 32.06 11.81 -27.75
CA ALA A 276 31.09 12.63 -28.46
C ALA A 276 29.69 12.02 -28.40
N TYR A 277 29.58 10.73 -28.60
CA TYR A 277 28.28 10.07 -28.55
C TYR A 277 27.71 10.12 -27.13
N HIS A 278 28.57 9.93 -26.16
CA HIS A 278 28.17 9.95 -24.76
C HIS A 278 27.61 11.33 -24.42
N GLU A 279 28.34 12.36 -24.81
CA GLU A 279 27.92 13.72 -24.52
C GLU A 279 26.65 14.06 -25.28
N ALA A 280 26.62 13.72 -26.57
CA ALA A 280 25.43 13.95 -27.37
C ALA A 280 24.25 13.23 -26.71
N GLY A 281 24.53 12.08 -26.16
CA GLY A 281 23.52 11.34 -25.46
C GLY A 281 22.90 12.15 -24.33
N HIS A 282 23.71 12.64 -23.41
CA HIS A 282 23.15 13.39 -22.33
C HIS A 282 22.24 14.48 -22.94
N ALA A 283 22.72 15.13 -23.99
CA ALA A 283 22.04 16.28 -24.56
C ALA A 283 20.70 15.91 -25.20
N VAL A 284 20.69 14.82 -25.96
CA VAL A 284 19.49 14.44 -26.64
C VAL A 284 18.42 14.10 -25.63
N VAL A 285 18.75 13.25 -24.67
CA VAL A 285 17.74 12.82 -23.71
C VAL A 285 17.19 14.02 -22.92
N SER A 286 18.11 14.84 -22.42
CA SER A 286 17.75 16.03 -21.71
C SER A 286 16.74 16.81 -22.45
N THR A 287 16.93 16.95 -23.75
CA THR A 287 16.09 17.78 -24.55
C THR A 287 14.72 17.17 -24.70
N VAL A 288 14.67 15.85 -24.84
CA VAL A 288 13.45 15.13 -25.20
C VAL A 288 12.57 14.95 -23.99
N VAL A 289 13.20 14.58 -22.90
CA VAL A 289 12.53 14.40 -21.65
C VAL A 289 11.88 15.72 -21.27
N PRO A 290 10.62 15.68 -20.86
CA PRO A 290 9.81 16.90 -20.70
C PRO A 290 10.34 17.82 -19.62
N ASN A 291 11.02 17.26 -18.64
CA ASN A 291 11.42 18.02 -17.48
C ASN A 291 12.86 18.27 -17.44
N GLY A 292 13.55 17.92 -18.50
CA GLY A 292 14.98 18.03 -18.51
C GLY A 292 15.47 19.45 -18.27
N GLU A 293 16.75 19.56 -17.97
CA GLU A 293 17.45 20.85 -17.92
C GLU A 293 17.85 21.29 -19.33
N PRO A 294 17.38 22.45 -19.76
CA PRO A 294 17.80 22.98 -21.03
C PRO A 294 19.31 22.89 -21.19
N VAL A 295 19.75 22.51 -22.37
CA VAL A 295 21.15 22.37 -22.61
C VAL A 295 21.75 23.63 -23.16
N HIS A 296 22.70 24.20 -22.42
CA HIS A 296 23.34 25.44 -22.83
C HIS A 296 24.55 25.19 -23.75
N ARG A 297 25.35 24.16 -23.46
CA ARG A 297 26.56 23.87 -24.25
C ARG A 297 27.03 22.42 -24.08
N ILE A 298 27.48 21.81 -25.17
CA ILE A 298 28.14 20.49 -25.11
C ILE A 298 29.58 20.66 -25.56
N SER A 299 30.46 19.87 -24.96
CA SER A 299 31.90 20.04 -25.21
C SER A 299 32.63 18.73 -24.98
N ILE A 300 33.67 18.47 -25.79
CA ILE A 300 34.35 17.20 -25.67
C ILE A 300 35.77 17.35 -25.21
N ILE A 301 36.10 18.50 -24.62
CA ILE A 301 37.46 18.76 -24.10
C ILE A 301 37.75 17.91 -22.85
N LYS A 319 16.14 23.81 -7.73
CA LYS A 319 14.80 24.32 -7.96
C LYS A 319 14.14 24.75 -6.67
N TYR A 320 14.49 24.09 -5.57
CA TYR A 320 13.88 24.35 -4.26
C TYR A 320 12.94 23.20 -3.95
N LEU A 321 11.96 22.98 -4.81
CA LEU A 321 11.18 21.76 -4.80
C LEU A 321 11.43 21.03 -6.07
N VAL A 322 11.38 19.73 -5.99
CA VAL A 322 11.56 18.93 -7.15
C VAL A 322 10.60 17.74 -7.09
N SER A 323 9.91 17.49 -8.20
CA SER A 323 8.88 16.47 -8.24
C SER A 323 9.45 15.12 -8.61
N ARG A 324 8.62 14.09 -8.49
CA ARG A 324 8.99 12.75 -8.88
C ARG A 324 9.32 12.69 -10.37
N ASN A 325 8.53 13.36 -11.20
CA ASN A 325 8.76 13.25 -12.62
C ASN A 325 10.03 13.98 -13.01
N GLU A 326 10.23 15.16 -12.40
CA GLU A 326 11.47 15.92 -12.58
C GLU A 326 12.67 15.02 -12.30
N LEU A 327 12.66 14.29 -11.17
CA LEU A 327 13.80 13.49 -10.75
C LEU A 327 14.03 12.32 -11.70
N LEU A 328 12.95 11.72 -12.18
CA LEU A 328 13.08 10.62 -13.09
C LEU A 328 13.65 11.09 -14.42
N ASP A 329 13.18 12.25 -14.89
CA ASP A 329 13.64 12.80 -16.16
C ASP A 329 15.13 13.16 -16.07
N LYS A 330 15.55 13.61 -14.90
CA LYS A 330 16.94 13.89 -14.65
C LYS A 330 17.78 12.58 -14.60
N LEU A 331 17.22 11.57 -13.97
CA LEU A 331 17.92 10.34 -13.85
C LEU A 331 18.11 9.81 -15.24
N THR A 332 17.12 9.98 -16.07
CA THR A 332 17.14 9.40 -17.36
C THR A 332 18.20 10.08 -18.22
N ALA A 333 18.19 11.41 -18.18
CA ALA A 333 19.23 12.20 -18.81
C ALA A 333 20.63 11.75 -18.34
N LEU A 334 20.77 11.55 -17.05
CA LEU A 334 22.03 11.17 -16.50
C LEU A 334 22.53 9.88 -17.13
N LEU A 335 21.61 9.05 -17.62
CA LEU A 335 21.98 7.73 -18.15
C LEU A 335 22.12 7.73 -19.70
N GLY A 336 21.97 8.88 -20.32
CA GLY A 336 21.89 8.93 -21.75
C GLY A 336 23.24 8.67 -22.37
N GLY A 337 24.27 9.18 -21.73
CA GLY A 337 25.63 8.93 -22.20
C GLY A 337 25.85 7.45 -22.37
N ARG A 338 25.55 6.71 -21.35
CA ARG A 338 25.78 5.32 -21.40
C ARG A 338 24.82 4.65 -22.36
N ALA A 339 23.60 5.14 -22.40
CA ALA A 339 22.59 4.59 -23.28
C ALA A 339 23.05 4.69 -24.72
N ALA A 340 23.73 5.76 -25.04
CA ALA A 340 24.15 6.01 -26.40
C ALA A 340 25.35 5.18 -26.76
N GLU A 341 26.19 4.86 -25.78
CA GLU A 341 27.30 3.93 -26.01
C GLU A 341 26.76 2.55 -26.29
N GLU A 342 25.81 2.11 -25.49
CA GLU A 342 25.34 0.74 -25.61
C GLU A 342 24.73 0.52 -26.98
N VAL A 343 23.81 1.40 -27.33
CA VAL A 343 23.08 1.33 -28.58
C VAL A 343 23.97 1.46 -29.80
N VAL A 344 24.83 2.47 -29.82
CA VAL A 344 25.66 2.70 -30.98
C VAL A 344 26.83 1.71 -31.10
N PHE A 345 27.47 1.36 -29.98
CA PHE A 345 28.70 0.55 -30.03
C PHE A 345 28.52 -0.85 -29.51
N GLY A 346 27.42 -1.10 -28.81
CA GLY A 346 27.19 -2.41 -28.22
C GLY A 346 28.04 -2.60 -26.97
N ASP A 347 29.27 -2.10 -27.02
CA ASP A 347 30.18 -2.13 -25.87
C ASP A 347 29.85 -0.93 -25.01
N VAL A 348 30.23 -1.01 -23.75
CA VAL A 348 30.12 0.12 -22.87
C VAL A 348 31.50 0.39 -22.26
N THR A 349 31.74 1.65 -21.84
CA THR A 349 33.03 2.01 -21.27
C THR A 349 32.91 2.49 -19.87
N SER A 350 34.08 2.68 -19.24
CA SER A 350 34.18 3.16 -17.87
C SER A 350 33.70 4.60 -17.81
N GLY A 351 33.47 5.17 -18.98
CA GLY A 351 33.15 6.57 -19.12
C GLY A 351 32.02 7.04 -18.24
N ALA A 352 31.02 6.20 -18.05
CA ALA A 352 29.81 6.61 -17.34
C ALA A 352 29.81 6.24 -15.88
N ALA A 353 30.98 6.01 -15.31
CA ALA A 353 31.05 5.66 -13.88
C ALA A 353 30.37 6.71 -12.98
N ASN A 354 30.70 7.97 -13.21
CA ASN A 354 30.20 9.03 -12.36
C ASN A 354 28.70 9.24 -12.55
N ASP A 355 28.22 9.03 -13.77
CA ASP A 355 26.82 9.18 -14.07
C ASP A 355 26.02 8.12 -13.34
N ILE A 356 26.54 6.91 -13.31
CA ILE A 356 25.90 5.82 -12.64
C ILE A 356 25.83 6.10 -11.14
N GLU A 357 26.91 6.60 -10.57
CA GLU A 357 26.91 6.93 -9.17
C GLU A 357 25.86 7.97 -8.89
N ARG A 358 25.81 8.97 -9.73
CA ARG A 358 24.89 10.06 -9.55
C ARG A 358 23.48 9.53 -9.66
N ALA A 359 23.23 8.76 -10.71
CA ALA A 359 21.91 8.27 -10.95
C ALA A 359 21.44 7.45 -9.77
N THR A 360 22.32 6.63 -9.24
CA THR A 360 21.97 5.74 -8.17
C THR A 360 21.65 6.56 -6.94
N GLU A 361 22.45 7.59 -6.69
CA GLU A 361 22.27 8.42 -5.52
C GLU A 361 20.86 9.03 -5.52
N ILE A 362 20.42 9.51 -6.67
CA ILE A 362 19.13 10.12 -6.78
C ILE A 362 18.09 9.09 -6.43
N ALA A 363 18.17 7.92 -7.05
CA ALA A 363 17.18 6.89 -6.82
C ALA A 363 17.12 6.48 -5.34
N ARG A 364 18.28 6.32 -4.70
CA ARG A 364 18.27 5.91 -3.33
C ARG A 364 17.54 6.96 -2.55
N ASN A 365 17.67 8.20 -2.98
CA ASN A 365 17.11 9.30 -2.25
C ASN A 365 15.60 9.38 -2.43
N MET A 366 15.16 8.96 -3.60
CA MET A 366 13.78 8.97 -3.88
C MET A 366 13.14 7.99 -2.92
N VAL A 367 13.81 6.88 -2.76
CA VAL A 367 13.27 5.75 -2.06
C VAL A 367 13.38 5.85 -0.54
N CYS A 368 14.48 6.42 -0.04
CA CYS A 368 14.72 6.42 1.38
C CYS A 368 14.43 7.73 2.08
N GLN A 369 14.44 8.82 1.34
CA GLN A 369 14.23 10.12 1.97
C GLN A 369 13.01 10.86 1.50
N LEU A 370 12.62 10.62 0.25
CA LEU A 370 11.57 11.40 -0.38
C LEU A 370 10.24 10.65 -0.47
N GLY A 371 10.15 9.48 0.11
CA GLY A 371 8.89 8.77 0.11
C GLY A 371 8.29 8.51 -1.26
N MET A 372 9.13 8.44 -2.27
CA MET A 372 8.63 8.33 -3.61
C MET A 372 8.69 6.92 -4.13
N SER A 373 8.74 5.93 -3.27
CA SER A 373 8.67 4.56 -3.78
C SER A 373 7.29 3.93 -3.65
N GLU A 374 6.96 3.11 -4.64
CA GLU A 374 5.84 2.19 -4.58
C GLU A 374 5.65 1.70 -3.15
N GLU A 375 6.43 0.69 -2.82
CA GLU A 375 6.05 -0.21 -1.79
C GLU A 375 6.53 0.21 -0.44
N LEU A 376 7.59 1.01 -0.41
CA LEU A 376 8.22 1.37 0.85
C LEU A 376 7.57 2.54 1.64
N GLY A 377 6.72 3.32 1.00
CA GLY A 377 5.87 4.26 1.76
C GLY A 377 6.51 5.61 2.03
N PRO A 378 5.75 6.52 2.63
CA PRO A 378 6.26 7.83 2.94
C PRO A 378 7.04 7.80 4.27
N LEU A 379 8.14 7.06 4.26
CA LEU A 379 8.94 6.91 5.42
C LEU A 379 10.35 7.22 5.13
N ALA A 380 11.05 7.66 6.16
CA ALA A 380 12.44 7.89 6.06
C ALA A 380 13.19 6.63 6.51
N TRP A 381 13.78 5.96 5.55
CA TRP A 381 14.64 4.82 5.83
C TRP A 381 16.10 5.24 5.91
N GLY A 382 16.64 5.22 7.12
CA GLY A 382 18.04 5.56 7.36
C GLY A 382 18.25 6.95 7.96
N LYS A 383 19.31 7.10 8.76
CA LYS A 383 19.81 8.43 9.20
C LYS A 383 18.88 9.08 10.24
N LEU A 397 23.70 6.51 8.04
CA LEU A 397 23.77 5.14 8.53
C LEU A 397 22.41 4.44 8.36
N ARG A 398 22.24 3.32 9.06
CA ARG A 398 21.18 2.37 8.77
C ARG A 398 20.46 1.91 10.03
N ASN A 399 19.19 2.29 10.15
CA ASN A 399 18.40 1.94 11.31
C ASN A 399 17.20 1.12 10.89
N TYR A 400 17.42 0.14 10.00
CA TYR A 400 16.34 -0.69 9.52
C TYR A 400 16.80 -2.14 9.18
N SER A 401 15.83 -3.04 9.00
CA SER A 401 16.05 -4.46 8.88
C SER A 401 16.62 -4.90 7.54
N GLU A 402 17.04 -6.15 7.48
CA GLU A 402 17.53 -6.72 6.25
C GLU A 402 16.41 -6.89 5.23
N GLU A 403 15.20 -7.16 5.71
CA GLU A 403 14.03 -7.23 4.83
C GLU A 403 13.80 -5.90 4.14
N VAL A 404 13.93 -4.79 4.87
CA VAL A 404 13.78 -3.49 4.23
C VAL A 404 14.98 -3.15 3.33
N ALA A 405 16.16 -3.57 3.75
CA ALA A 405 17.36 -3.31 2.99
C ALA A 405 17.22 -3.90 1.61
N SER A 406 16.61 -5.07 1.56
CA SER A 406 16.46 -5.79 0.32
C SER A 406 15.39 -5.17 -0.56
N LYS A 407 14.34 -4.63 0.04
CA LYS A 407 13.29 -4.00 -0.73
C LYS A 407 13.79 -2.73 -1.30
N ILE A 408 14.57 -2.02 -0.53
CA ILE A 408 15.16 -0.79 -1.01
C ILE A 408 16.00 -1.04 -2.26
N ASP A 409 16.83 -2.09 -2.25
CA ASP A 409 17.66 -2.39 -3.41
C ASP A 409 16.83 -2.75 -4.66
N GLU A 410 15.74 -3.49 -4.48
CA GLU A 410 14.86 -3.80 -5.60
C GLU A 410 14.25 -2.55 -6.19
N GLU A 411 13.81 -1.63 -5.35
CA GLU A 411 13.10 -0.48 -5.86
C GLU A 411 14.09 0.41 -6.55
N VAL A 412 15.20 0.65 -5.88
CA VAL A 412 16.24 1.44 -6.45
C VAL A 412 16.62 0.83 -7.79
N LYS A 413 16.91 -0.46 -7.82
CA LYS A 413 17.28 -1.09 -9.09
C LYS A 413 16.19 -0.88 -10.11
N LYS A 414 14.95 -0.94 -9.65
CA LYS A 414 13.82 -0.89 -10.55
C LYS A 414 13.74 0.47 -11.22
N ILE A 415 13.98 1.50 -10.45
CA ILE A 415 13.88 2.84 -10.96
C ILE A 415 14.98 3.12 -11.97
N VAL A 416 16.21 2.80 -11.61
CA VAL A 416 17.33 3.09 -12.50
C VAL A 416 17.22 2.25 -13.75
N THR A 417 16.81 1.00 -13.62
CA THR A 417 16.69 0.19 -14.81
C THR A 417 15.63 0.70 -15.74
N ASN A 418 14.50 1.10 -15.18
CA ASN A 418 13.42 1.62 -15.97
C ASN A 418 13.85 2.90 -16.70
N CYS A 419 14.63 3.74 -16.04
CA CYS A 419 15.09 4.98 -16.67
C CYS A 419 16.10 4.68 -17.75
N TYR A 420 16.97 3.72 -17.48
CA TYR A 420 17.94 3.31 -18.48
C TYR A 420 17.24 2.94 -19.74
N GLU A 421 16.27 2.06 -19.65
CA GLU A 421 15.64 1.58 -20.85
C GLU A 421 15.01 2.75 -21.59
N ARG A 422 14.49 3.70 -20.85
CA ARG A 422 13.79 4.83 -21.44
C ARG A 422 14.76 5.63 -22.26
N ALA A 423 15.93 5.84 -21.72
CA ALA A 423 16.96 6.54 -22.41
C ALA A 423 17.30 5.79 -23.70
N LYS A 424 17.54 4.51 -23.61
CA LYS A 424 17.80 3.74 -24.79
C LYS A 424 16.74 3.97 -25.90
N GLU A 425 15.45 4.02 -25.54
CA GLU A 425 14.41 4.21 -26.55
C GLU A 425 14.53 5.55 -27.20
N ILE A 426 14.95 6.56 -26.42
CA ILE A 426 15.08 7.89 -26.96
C ILE A 426 16.23 7.94 -27.94
N ILE A 427 17.36 7.37 -27.55
CA ILE A 427 18.50 7.30 -28.45
C ILE A 427 18.15 6.54 -29.74
N ARG A 428 17.49 5.41 -29.63
CA ARG A 428 17.20 4.63 -30.82
C ARG A 428 16.24 5.42 -31.70
N LYS A 429 15.36 6.17 -31.06
CA LYS A 429 14.34 6.89 -31.77
C LYS A 429 14.92 8.08 -32.48
N TYR A 430 15.97 8.64 -31.92
CA TYR A 430 16.60 9.84 -32.47
C TYR A 430 17.99 9.58 -33.00
N ARG A 431 18.23 8.35 -33.44
CA ARG A 431 19.55 7.96 -33.81
C ARG A 431 20.11 8.88 -34.87
N LYS A 432 19.36 9.15 -35.91
CA LYS A 432 19.92 9.92 -37.00
C LYS A 432 20.40 11.30 -36.52
N GLN A 433 19.63 11.95 -35.67
CA GLN A 433 20.03 13.27 -35.23
C GLN A 433 21.16 13.18 -34.22
N LEU A 434 21.17 12.12 -33.43
CA LEU A 434 22.30 11.92 -32.56
C LEU A 434 23.55 11.92 -33.45
N ASP A 435 23.50 11.14 -34.54
CA ASP A 435 24.64 11.03 -35.45
C ASP A 435 25.02 12.39 -36.05
N ASN A 436 24.04 13.20 -36.41
CA ASN A 436 24.39 14.51 -36.94
C ASN A 436 25.07 15.34 -35.86
N ILE A 437 24.56 15.27 -34.64
CA ILE A 437 25.13 16.03 -33.56
C ILE A 437 26.53 15.64 -33.36
N VAL A 438 26.79 14.36 -33.32
CA VAL A 438 28.13 13.90 -33.14
C VAL A 438 29.00 14.37 -34.29
N GLU A 439 28.48 14.20 -35.49
CA GLU A 439 29.15 14.67 -36.71
C GLU A 439 29.69 16.12 -36.58
N ILE A 440 28.89 17.00 -36.01
CA ILE A 440 29.27 18.39 -35.78
C ILE A 440 30.23 18.52 -34.62
N LEU A 441 29.94 17.79 -33.56
CA LEU A 441 30.69 17.92 -32.31
C LEU A 441 32.13 17.52 -32.49
N LEU A 442 32.36 16.46 -33.27
CA LEU A 442 33.71 16.00 -33.57
C LEU A 442 34.49 17.03 -34.30
N GLU A 443 33.81 17.77 -35.17
CA GLU A 443 34.45 18.74 -36.07
C GLU A 443 34.84 19.98 -35.28
N LYS A 444 33.89 20.49 -34.49
CA LYS A 444 34.04 21.79 -33.82
C LYS A 444 34.44 21.71 -32.38
N GLU A 445 34.26 20.54 -31.76
CA GLU A 445 34.60 20.32 -30.35
C GLU A 445 33.55 20.79 -29.33
N THR A 446 32.77 21.78 -29.68
CA THR A 446 31.74 22.26 -28.81
C THR A 446 30.59 22.71 -29.63
N ILE A 447 29.37 22.53 -29.13
CA ILE A 447 28.22 23.05 -29.82
C ILE A 447 27.14 23.57 -28.87
N GLU A 448 26.43 24.59 -29.35
CA GLU A 448 25.48 25.35 -28.55
C GLU A 448 24.10 24.67 -28.55
N GLY A 449 23.30 24.95 -27.50
CA GLY A 449 21.97 24.40 -27.38
C GLY A 449 21.07 24.76 -28.54
N ASP A 450 20.90 26.05 -28.80
CA ASP A 450 20.04 26.48 -29.90
C ASP A 450 20.33 25.61 -31.13
N GLU A 451 21.60 25.35 -31.40
CA GLU A 451 22.00 24.54 -32.56
C GLU A 451 21.44 23.14 -32.43
N LEU A 452 21.65 22.56 -31.26
CA LEU A 452 21.28 21.17 -31.00
C LEU A 452 19.78 20.99 -31.12
N ARG A 453 19.04 21.75 -30.35
CA ARG A 453 17.59 21.73 -30.45
C ARG A 453 17.17 21.84 -31.91
N ARG A 454 17.92 22.62 -32.68
CA ARG A 454 17.61 22.75 -34.08
C ARG A 454 17.72 21.40 -34.73
N ILE A 455 18.88 20.78 -34.61
CA ILE A 455 19.11 19.52 -35.29
C ILE A 455 18.06 18.48 -34.93
N LEU A 456 17.64 18.49 -33.66
CA LEU A 456 16.47 17.73 -33.22
C LEU A 456 15.19 18.27 -33.85
N SER A 457 15.38 19.08 -34.89
CA SER A 457 14.28 19.68 -35.67
C SER A 457 12.90 19.31 -35.13
N GLU A 458 12.18 18.51 -35.73
N TYR B 5 45.53 42.51 15.03
CA TYR B 5 44.05 42.62 14.81
C TYR B 5 43.55 44.01 15.15
N LYS B 6 42.90 44.64 14.19
CA LYS B 6 42.36 45.96 14.39
C LYS B 6 40.89 45.97 14.15
N PRO B 7 40.20 46.92 14.75
CA PRO B 7 38.82 47.15 14.43
C PRO B 7 38.65 47.45 12.94
N SER B 8 37.52 47.05 12.38
CA SER B 8 37.22 47.23 10.97
C SER B 8 37.26 48.71 10.54
N GLY B 9 37.62 48.95 9.28
CA GLY B 9 37.68 50.31 8.74
C GLY B 9 36.60 50.57 7.68
N ASN B 10 35.57 49.74 7.68
CA ASN B 10 34.46 49.87 6.74
C ASN B 10 33.44 50.84 7.29
N LYS B 11 32.40 51.12 6.50
CA LYS B 11 31.40 52.09 6.85
C LYS B 11 30.53 51.64 8.05
N ARG B 12 30.35 52.54 9.02
CA ARG B 12 29.48 52.33 10.16
C ARG B 12 28.00 52.23 9.74
N VAL B 13 27.30 51.20 10.19
CA VAL B 13 25.89 51.05 9.82
C VAL B 13 24.97 50.98 11.06
N THR B 14 23.67 51.11 10.83
CA THR B 14 22.67 51.00 11.90
C THR B 14 21.45 50.21 11.41
N PHE B 15 20.46 50.07 12.29
CA PHE B 15 19.26 49.32 11.95
C PHE B 15 18.47 50.00 10.85
N LYS B 16 18.78 51.25 10.58
CA LYS B 16 18.19 51.91 9.43
C LYS B 16 18.63 51.25 8.11
N ASP B 17 19.58 50.34 8.21
CA ASP B 17 20.17 49.71 7.04
C ASP B 17 19.80 48.25 6.95
N VAL B 18 19.15 47.75 7.99
CA VAL B 18 18.63 46.40 7.97
C VAL B 18 17.16 46.43 7.69
N GLY B 19 16.69 45.55 6.83
CA GLY B 19 15.28 45.43 6.53
C GLY B 19 14.74 44.04 6.80
N GLY B 20 13.43 43.98 7.03
CA GLY B 20 12.73 42.72 7.17
C GLY B 20 13.20 41.84 8.31
N ALA B 21 13.85 42.40 9.32
CA ALA B 21 14.37 41.60 10.42
C ALA B 21 13.99 42.20 11.75
N GLU B 22 12.70 42.48 11.94
CA GLU B 22 12.25 43.18 13.14
C GLU B 22 12.46 42.36 14.40
N GLU B 23 12.08 41.08 14.38
CA GLU B 23 12.23 40.22 15.58
C GLU B 23 13.69 40.18 16.04
N ALA B 24 14.61 40.05 15.10
CA ALA B 24 16.01 40.00 15.46
C ALA B 24 16.48 41.31 16.07
N ILE B 25 15.98 42.41 15.51
CA ILE B 25 16.39 43.73 15.94
C ILE B 25 15.93 43.96 17.36
N GLU B 26 14.75 43.43 17.69
CA GLU B 26 14.16 43.65 19.02
C GLU B 26 14.95 42.92 20.09
N GLU B 27 15.44 41.73 19.77
CA GLU B 27 16.23 40.98 20.74
C GLU B 27 17.60 41.63 20.90
N LEU B 28 18.06 42.31 19.85
CA LEU B 28 19.36 42.94 19.86
C LEU B 28 19.34 44.34 20.50
N LYS B 29 18.17 44.95 20.63
CA LYS B 29 18.10 46.27 21.24
C LYS B 29 18.78 46.28 22.64
N GLU B 30 18.51 45.27 23.45
CA GLU B 30 19.18 45.11 24.77
C GLU B 30 20.68 45.25 24.65
N VAL B 31 21.25 44.56 23.68
CA VAL B 31 22.68 44.56 23.48
C VAL B 31 23.17 45.94 23.15
N VAL B 32 22.48 46.65 22.28
CA VAL B 32 22.88 48.01 21.91
C VAL B 32 22.93 48.89 23.16
N GLU B 33 21.85 48.91 23.95
CA GLU B 33 21.81 49.73 25.15
C GLU B 33 22.94 49.36 26.10
N PHE B 34 23.27 48.08 26.18
CA PHE B 34 24.33 47.65 27.05
C PHE B 34 25.62 48.31 26.62
N LEU B 35 25.97 48.15 25.36
CA LEU B 35 27.23 48.66 24.83
C LEU B 35 27.33 50.19 24.88
N LYS B 36 26.19 50.86 24.75
CA LYS B 36 26.16 52.32 24.91
C LYS B 36 26.56 52.70 26.33
N ASP B 37 26.21 51.87 27.31
CA ASP B 37 26.38 52.25 28.71
C ASP B 37 26.20 51.06 29.61
N PRO B 38 27.21 50.19 29.67
CA PRO B 38 27.21 49.02 30.51
C PRO B 38 26.90 49.32 31.97
N SER B 39 27.33 50.46 32.46
CA SER B 39 27.13 50.76 33.87
C SER B 39 25.67 50.64 34.23
N LYS B 40 24.80 50.97 33.28
CA LYS B 40 23.34 50.92 33.49
C LYS B 40 22.89 49.54 33.92
N PHE B 41 23.51 48.52 33.35
CA PHE B 41 23.20 47.16 33.73
C PHE B 41 23.98 46.76 34.97
N ASN B 42 25.28 47.01 34.96
CA ASN B 42 26.13 46.61 36.08
C ASN B 42 25.62 47.17 37.37
N ARG B 43 24.96 48.32 37.29
CA ARG B 43 24.45 49.02 38.46
C ARG B 43 23.44 48.18 39.23
N ILE B 44 22.67 47.39 38.51
CA ILE B 44 21.62 46.57 39.13
C ILE B 44 21.88 45.10 38.86
N GLY B 45 23.10 44.78 38.46
CA GLY B 45 23.50 43.40 38.26
C GLY B 45 22.67 42.69 37.23
N ALA B 46 22.33 43.37 36.15
CA ALA B 46 21.69 42.73 35.02
C ALA B 46 22.76 42.04 34.20
N ARG B 47 22.86 40.72 34.31
CA ARG B 47 23.93 39.98 33.63
C ARG B 47 23.63 39.72 32.18
N MET B 48 24.47 40.26 31.31
CA MET B 48 24.35 40.00 29.88
C MET B 48 25.12 38.75 29.51
N PRO B 49 24.75 38.15 28.38
CA PRO B 49 25.45 37.02 27.87
C PRO B 49 26.78 37.46 27.30
N LYS B 50 27.73 36.55 27.19
CA LYS B 50 29.05 36.89 26.66
C LYS B 50 29.09 36.71 25.16
N GLY B 51 28.16 35.90 24.67
CA GLY B 51 28.17 35.47 23.29
C GLY B 51 26.78 35.25 22.76
N ILE B 52 26.53 35.77 21.56
CA ILE B 52 25.26 35.66 20.91
C ILE B 52 25.55 34.97 19.59
N LEU B 53 24.73 33.97 19.27
CA LEU B 53 24.91 33.22 18.04
C LEU B 53 23.82 33.54 17.06
N LEU B 54 24.21 34.06 15.90
CA LEU B 54 23.26 34.40 14.87
C LEU B 54 23.15 33.26 13.90
N VAL B 55 21.94 32.71 13.73
CA VAL B 55 21.75 31.53 12.87
C VAL B 55 20.80 31.82 11.72
N GLY B 56 21.18 31.40 10.52
CA GLY B 56 20.37 31.68 9.34
C GLY B 56 21.14 31.46 8.05
N PRO B 57 20.42 31.36 6.94
CA PRO B 57 21.06 31.11 5.66
C PRO B 57 21.93 32.25 5.22
N PRO B 58 22.85 31.98 4.29
CA PRO B 58 23.77 32.95 3.72
C PRO B 58 23.05 34.13 3.07
N GLY B 59 23.54 35.34 3.31
CA GLY B 59 23.00 36.55 2.68
C GLY B 59 21.75 37.11 3.33
N THR B 60 21.45 36.67 4.56
CA THR B 60 20.26 37.15 5.26
C THR B 60 20.56 38.35 6.19
N GLY B 61 21.84 38.73 6.30
CA GLY B 61 22.21 39.89 7.07
C GLY B 61 22.64 39.56 8.48
N LYS B 62 23.23 38.39 8.64
CA LYS B 62 23.81 38.08 9.92
C LYS B 62 24.95 39.08 10.20
N THR B 63 25.87 39.25 9.24
CA THR B 63 26.98 40.18 9.43
C THR B 63 26.41 41.59 9.62
N LEU B 64 25.41 41.92 8.82
CA LEU B 64 24.82 43.25 8.83
C LEU B 64 24.25 43.59 10.20
N LEU B 65 23.46 42.69 10.79
CA LEU B 65 22.96 42.93 12.14
C LEU B 65 24.09 43.21 13.11
N ALA B 66 25.14 42.42 13.06
CA ALA B 66 26.22 42.58 14.00
C ALA B 66 26.83 43.97 13.83
N ARG B 67 27.15 44.30 12.60
CA ARG B 67 27.64 45.62 12.33
C ARG B 67 26.64 46.62 12.81
N ALA B 68 25.36 46.33 12.62
CA ALA B 68 24.32 47.31 12.97
C ALA B 68 24.28 47.56 14.47
N VAL B 69 24.53 46.53 15.25
CA VAL B 69 24.57 46.69 16.68
C VAL B 69 25.75 47.55 17.12
N ALA B 70 26.93 47.26 16.57
CA ALA B 70 28.13 48.07 16.82
C ALA B 70 27.89 49.50 16.45
N GLY B 71 27.26 49.70 15.30
CA GLY B 71 27.06 51.06 14.76
C GLY B 71 26.07 51.84 15.56
N GLU B 72 25.04 51.14 15.99
CA GLU B 72 24.04 51.74 16.80
C GLU B 72 24.62 52.12 18.18
N ALA B 73 25.59 51.36 18.66
CA ALA B 73 26.16 51.64 19.97
C ALA B 73 27.41 52.53 19.86
N ASN B 74 27.76 52.88 18.63
CA ASN B 74 28.99 53.57 18.36
C ASN B 74 30.17 52.96 19.11
N VAL B 75 30.38 51.68 18.89
CA VAL B 75 31.53 50.99 19.47
C VAL B 75 32.27 50.26 18.40
N PRO B 76 33.56 50.05 18.61
CA PRO B 76 34.36 49.35 17.60
C PRO B 76 33.88 47.92 17.32
N PHE B 77 34.07 47.48 16.09
CA PHE B 77 33.59 46.20 15.60
C PHE B 77 34.79 45.46 15.04
N PHE B 78 35.07 44.28 15.60
CA PHE B 78 36.10 43.43 15.06
C PHE B 78 35.42 42.43 14.16
N HIS B 79 35.86 42.36 12.91
CA HIS B 79 35.28 41.45 11.95
C HIS B 79 36.25 40.33 11.65
N ILE B 80 35.98 39.16 12.22
CA ILE B 80 36.82 37.98 11.99
C ILE B 80 36.07 36.90 11.21
N SER B 81 36.83 36.15 10.42
CA SER B 81 36.25 35.03 9.69
C SER B 81 36.85 33.75 10.22
N GLY B 82 35.99 32.79 10.53
CA GLY B 82 36.44 31.53 11.10
C GLY B 82 37.26 30.77 10.09
N SER B 83 36.98 31.02 8.82
CA SER B 83 37.64 30.30 7.72
C SER B 83 39.12 30.63 7.66
N ASP B 84 39.54 31.67 8.38
CA ASP B 84 40.94 32.04 8.39
C ASP B 84 41.73 31.16 9.33
N PHE B 85 41.06 30.62 10.35
CA PHE B 85 41.74 29.88 11.39
C PHE B 85 42.10 28.46 10.99
N VAL B 86 41.21 27.78 10.28
CA VAL B 86 41.53 26.44 9.81
C VAL B 86 42.56 26.54 8.66
N GLU B 87 43.46 25.57 8.58
CA GLU B 87 44.52 25.56 7.55
C GLU B 87 45.84 26.14 8.07
N LEU B 88 45.80 26.71 9.28
CA LEU B 88 46.94 27.42 9.82
C LEU B 88 47.98 26.47 10.40
N PHE B 89 49.18 26.99 10.58
CA PHE B 89 50.31 26.21 11.08
C PHE B 89 50.20 25.97 12.58
N VAL B 90 51.10 25.15 13.12
CA VAL B 90 51.05 24.77 14.54
C VAL B 90 51.01 25.97 15.48
N GLY B 91 49.90 26.13 16.17
CA GLY B 91 49.79 27.11 17.25
C GLY B 91 49.27 28.45 16.77
N VAL B 92 49.64 28.83 15.56
CA VAL B 92 49.35 30.16 15.06
C VAL B 92 47.89 30.55 15.31
N GLY B 93 47.00 29.56 15.32
CA GLY B 93 45.57 29.81 15.53
C GLY B 93 45.24 30.22 16.96
N ALA B 94 45.77 29.48 17.92
CA ALA B 94 45.56 29.81 19.33
C ALA B 94 46.06 31.22 19.60
N ALA B 95 47.28 31.50 19.15
CA ALA B 95 47.92 32.80 19.41
C ALA B 95 47.12 33.94 18.81
N ARG B 96 46.44 33.66 17.69
CA ARG B 96 45.62 34.65 17.03
C ARG B 96 44.40 34.96 17.89
N VAL B 97 43.77 33.91 18.41
CA VAL B 97 42.61 34.11 19.26
C VAL B 97 43.01 34.90 20.48
N ARG B 98 44.19 34.59 21.01
CA ARG B 98 44.71 35.27 22.16
C ARG B 98 44.93 36.75 21.88
N ASP B 99 45.52 37.06 20.72
CA ASP B 99 45.70 38.47 20.31
C ASP B 99 44.35 39.14 20.16
N LEU B 100 43.47 38.48 19.43
CA LEU B 100 42.15 39.01 19.15
C LEU B 100 41.43 39.50 20.42
N PHE B 101 41.54 38.76 21.50
CA PHE B 101 40.86 39.15 22.72
C PHE B 101 41.64 40.18 23.52
N ALA B 102 42.96 40.12 23.43
CA ALA B 102 43.78 41.14 24.02
C ALA B 102 43.31 42.47 23.49
N GLN B 103 43.14 42.56 22.17
CA GLN B 103 42.71 43.80 21.56
C GLN B 103 41.31 44.13 22.01
N ALA B 104 40.45 43.13 22.11
CA ALA B 104 39.07 43.34 22.50
C ALA B 104 39.05 44.12 23.81
N LYS B 105 39.83 43.67 24.77
CA LYS B 105 39.83 44.29 26.06
C LYS B 105 40.37 45.72 25.99
N ALA B 106 41.33 45.95 25.11
CA ALA B 106 41.96 47.28 25.02
C ALA B 106 41.10 48.30 24.25
N HIS B 107 39.98 47.85 23.69
CA HIS B 107 39.07 48.73 22.93
C HIS B 107 37.64 48.68 23.52
N ALA B 108 37.48 47.98 24.64
CA ALA B 108 36.15 47.74 25.21
C ALA B 108 35.48 49.02 25.72
N PRO B 109 34.16 49.12 25.60
CA PRO B 109 33.20 48.19 24.97
C PRO B 109 33.35 48.03 23.47
N CYS B 110 33.01 46.85 22.96
CA CYS B 110 33.14 46.56 21.53
C CYS B 110 32.50 45.23 21.18
N ILE B 111 32.28 45.02 19.88
CA ILE B 111 31.83 43.73 19.42
C ILE B 111 32.92 42.99 18.68
N VAL B 112 33.11 41.74 19.06
CA VAL B 112 33.96 40.85 18.30
C VAL B 112 33.05 39.91 17.57
N PHE B 113 33.11 39.93 16.26
CA PHE B 113 32.20 39.15 15.49
C PHE B 113 32.94 38.08 14.72
N ILE B 114 32.54 36.82 14.92
CA ILE B 114 33.15 35.68 14.24
C ILE B 114 32.22 35.01 13.22
N ASP B 115 32.41 35.35 11.96
CA ASP B 115 31.63 34.77 10.90
C ASP B 115 32.02 33.32 10.81
N GLU B 116 31.15 32.50 10.24
CA GLU B 116 31.55 31.21 9.78
C GLU B 116 32.17 30.47 10.97
N ILE B 117 31.59 30.63 12.15
CA ILE B 117 32.18 30.04 13.35
C ILE B 117 32.24 28.53 13.27
N ASP B 118 31.41 27.96 12.42
CA ASP B 118 31.33 26.54 12.33
C ASP B 118 32.64 25.97 11.78
N ALA B 119 33.44 26.85 11.16
CA ALA B 119 34.75 26.46 10.63
C ALA B 119 35.76 26.12 11.76
N VAL B 120 35.64 26.84 12.88
CA VAL B 120 36.53 26.63 14.02
C VAL B 120 35.88 25.70 15.04
N GLY B 121 34.55 25.76 15.12
CA GLY B 121 33.79 25.08 16.18
C GLY B 121 33.05 23.81 15.75
N ARG B 122 33.60 23.07 14.79
CA ARG B 122 33.01 21.78 14.37
C ARG B 122 33.62 20.65 15.18
N ASP B 133 43.22 17.66 15.75
CA ASP B 133 44.42 18.39 16.15
C ASP B 133 44.38 19.83 15.58
N GLU B 134 44.98 20.77 16.32
CA GLU B 134 45.10 22.17 15.90
C GLU B 134 43.79 22.95 15.91
N ARG B 135 42.75 22.44 15.26
CA ARG B 135 41.43 23.04 15.39
C ARG B 135 41.01 22.87 16.84
N GLU B 136 41.31 21.69 17.40
CA GLU B 136 41.06 21.43 18.81
C GLU B 136 41.68 22.54 19.66
N GLN B 137 42.98 22.79 19.47
CA GLN B 137 43.70 23.80 20.23
C GLN B 137 43.12 25.17 20.00
N THR B 138 42.92 25.52 18.73
CA THR B 138 42.38 26.80 18.37
C THR B 138 41.06 27.04 19.09
N LEU B 139 40.15 26.06 19.03
CA LEU B 139 38.87 26.18 19.70
C LEU B 139 39.08 26.23 21.21
N ASN B 140 39.77 25.23 21.74
CA ASN B 140 40.12 25.23 23.15
C ASN B 140 40.45 26.65 23.60
N GLN B 141 41.28 27.32 22.81
CA GLN B 141 41.73 28.65 23.17
C GLN B 141 40.55 29.60 23.19
N LEU B 142 39.69 29.51 22.19
CA LEU B 142 38.49 30.32 22.15
C LEU B 142 37.75 30.17 23.47
N LEU B 143 37.52 28.92 23.86
CA LEU B 143 36.78 28.64 25.08
C LEU B 143 37.40 29.34 26.27
N VAL B 144 38.71 29.28 26.35
CA VAL B 144 39.44 29.87 27.46
C VAL B 144 39.18 31.36 27.54
N GLU B 145 39.27 32.04 26.40
CA GLU B 145 39.14 33.48 26.37
C GLU B 145 37.72 33.88 26.71
N MET B 146 36.77 33.12 26.18
CA MET B 146 35.37 33.39 26.45
C MET B 146 35.18 33.33 27.95
N ASP B 147 35.52 32.19 28.54
CA ASP B 147 35.46 32.04 29.97
C ASP B 147 36.23 33.15 30.63
N GLY B 148 37.18 33.72 29.89
CA GLY B 148 38.25 34.51 30.51
C GLY B 148 38.04 36.02 30.54
N PHE B 149 37.01 36.51 29.88
CA PHE B 149 36.80 37.92 29.88
C PHE B 149 35.61 38.34 30.72
N ASP B 150 35.68 39.57 31.23
CA ASP B 150 34.66 40.13 32.12
C ASP B 150 33.55 40.78 31.30
N SER B 151 32.36 40.19 31.36
CA SER B 151 31.19 40.74 30.67
C SER B 151 30.99 42.20 31.06
N LYS B 152 31.21 42.48 32.33
CA LYS B 152 30.99 43.81 32.87
C LYS B 152 31.73 44.87 32.09
N GLU B 153 32.80 44.49 31.42
CA GLU B 153 33.70 45.44 30.79
C GLU B 153 33.18 45.86 29.43
N GLY B 154 32.08 45.27 29.02
CA GLY B 154 31.36 45.73 27.82
C GLY B 154 31.74 45.03 26.52
N ILE B 155 32.27 43.81 26.62
CA ILE B 155 32.62 43.03 25.44
C ILE B 155 31.51 42.04 25.12
N ILE B 156 31.07 42.02 23.86
CA ILE B 156 30.16 40.99 23.40
C ILE B 156 30.78 40.29 22.20
N VAL B 157 30.78 38.97 22.23
CA VAL B 157 31.19 38.24 21.09
C VAL B 157 29.95 37.73 20.37
N MET B 158 29.80 38.11 19.10
CA MET B 158 28.73 37.58 18.26
C MET B 158 29.35 36.67 17.20
N ALA B 159 28.60 35.65 16.80
CA ALA B 159 29.08 34.69 15.82
C ALA B 159 27.95 34.29 14.87
N ALA B 160 28.29 34.06 13.61
CA ALA B 160 27.29 33.71 12.63
C ALA B 160 27.56 32.33 12.12
N THR B 161 26.51 31.67 11.68
CA THR B 161 26.60 30.36 11.07
C THR B 161 25.24 30.00 10.48
N ASN B 162 25.25 29.28 9.35
CA ASN B 162 24.04 28.65 8.83
C ASN B 162 24.18 27.16 8.94
N ARG B 163 24.98 26.73 9.90
CA ARG B 163 25.41 25.36 10.00
C ARG B 163 25.48 24.94 11.48
N PRO B 164 24.51 25.38 12.28
CA PRO B 164 24.52 25.24 13.74
C PRO B 164 24.62 23.82 14.23
N ASP B 165 24.07 22.87 13.49
CA ASP B 165 24.02 21.49 13.93
C ASP B 165 25.44 20.93 14.01
N ILE B 166 26.35 21.57 13.32
CA ILE B 166 27.71 21.08 13.18
C ILE B 166 28.60 21.60 14.32
N LEU B 167 28.05 22.48 15.16
CA LEU B 167 28.81 23.14 16.24
C LEU B 167 29.07 22.21 17.38
N ASP B 168 30.21 22.40 18.04
CA ASP B 168 30.51 21.70 19.28
C ASP B 168 29.70 22.30 20.44
N PRO B 169 28.98 21.46 21.18
CA PRO B 169 28.06 21.91 22.22
C PRO B 169 28.76 22.62 23.36
N ALA B 170 30.08 22.45 23.43
CA ALA B 170 30.89 23.18 24.40
C ALA B 170 30.75 24.67 24.19
N LEU B 171 30.51 25.06 22.94
CA LEU B 171 30.40 26.46 22.58
C LEU B 171 29.07 27.05 23.06
N LEU B 172 28.09 26.19 23.26
CA LEU B 172 26.75 26.63 23.58
C LEU B 172 26.49 26.59 25.09
N ARG B 173 27.49 26.22 25.86
CA ARG B 173 27.35 26.13 27.31
C ARG B 173 27.00 27.49 27.85
N PRO B 174 26.32 27.53 29.00
CA PRO B 174 26.11 28.77 29.73
C PRO B 174 27.44 29.45 30.00
N GLY B 175 27.48 30.76 29.80
CA GLY B 175 28.69 31.50 30.02
C GLY B 175 29.42 31.68 28.73
N ARG B 176 28.99 30.97 27.69
CA ARG B 176 29.56 31.15 26.36
C ARG B 176 28.50 31.64 25.34
N PHE B 177 28.38 30.99 24.19
CA PHE B 177 27.35 31.40 23.21
C PHE B 177 25.98 30.86 23.60
N ASP B 178 25.47 31.32 24.74
CA ASP B 178 24.31 30.70 25.36
C ASP B 178 23.00 31.34 24.92
N LYS B 179 23.09 32.30 24.01
CA LYS B 179 21.89 32.96 23.50
C LYS B 179 21.90 32.89 21.97
N LYS B 180 20.77 32.52 21.38
CA LYS B 180 20.71 32.53 19.93
C LYS B 180 19.56 33.34 19.34
N ILE B 181 19.85 34.00 18.24
CA ILE B 181 18.86 34.71 17.48
C ILE B 181 18.82 34.13 16.08
N VAL B 182 17.63 33.83 15.60
CA VAL B 182 17.50 33.28 14.28
C VAL B 182 17.16 34.38 13.31
N VAL B 183 17.88 34.40 12.20
CA VAL B 183 17.69 35.37 11.15
C VAL B 183 17.07 34.69 9.93
N ASP B 184 15.78 34.91 9.72
CA ASP B 184 15.03 34.24 8.66
C ASP B 184 15.19 34.99 7.34
N PRO B 185 14.89 34.31 6.24
CA PRO B 185 14.75 34.94 4.96
C PRO B 185 13.50 35.82 4.93
N PRO B 186 13.53 36.86 4.12
CA PRO B 186 12.52 37.87 4.13
C PRO B 186 11.30 37.46 3.39
N ASP B 187 10.13 37.74 3.91
CA ASP B 187 8.91 37.55 3.12
C ASP B 187 8.67 38.75 2.19
N MET B 188 7.51 38.77 1.53
CA MET B 188 7.18 39.83 0.58
C MET B 188 7.47 41.23 1.13
N LEU B 189 6.81 41.57 2.24
CA LEU B 189 6.93 42.90 2.82
C LEU B 189 8.36 43.22 3.15
N GLY B 190 9.06 42.25 3.70
CA GLY B 190 10.49 42.40 4.01
C GLY B 190 11.37 42.62 2.78
N ARG B 191 11.12 41.87 1.71
CA ARG B 191 11.81 42.13 0.45
C ARG B 191 11.52 43.58 0.01
N LYS B 192 10.26 44.00 0.17
CA LYS B 192 9.89 45.31 -0.19
C LYS B 192 10.80 46.29 0.51
N LYS B 193 10.98 46.11 1.81
CA LYS B 193 11.74 47.10 2.59
C LYS B 193 13.21 47.07 2.19
N ILE B 194 13.74 45.88 1.93
CA ILE B 194 15.15 45.76 1.56
C ILE B 194 15.41 46.49 0.24
N LEU B 195 14.48 46.41 -0.68
CA LEU B 195 14.59 47.16 -1.92
C LEU B 195 14.55 48.67 -1.65
N GLU B 196 13.63 49.10 -0.82
CA GLU B 196 13.52 50.53 -0.55
C GLU B 196 14.86 50.99 0.03
N ILE B 197 15.41 50.20 0.94
CA ILE B 197 16.67 50.55 1.57
C ILE B 197 17.77 50.66 0.52
N HIS B 198 17.91 49.65 -0.32
CA HIS B 198 19.03 49.65 -1.23
C HIS B 198 18.81 50.59 -2.36
N THR B 199 17.66 51.26 -2.30
CA THR B 199 17.23 52.22 -3.32
C THR B 199 17.29 53.67 -2.83
N ARG B 200 17.38 53.88 -1.53
CA ARG B 200 17.35 55.23 -0.98
C ARG B 200 18.01 56.21 -1.90
N ASN B 201 19.21 55.89 -2.33
CA ASN B 201 20.03 56.92 -2.90
C ASN B 201 20.13 56.84 -4.39
N LYS B 202 19.35 55.96 -4.99
CA LYS B 202 19.35 55.79 -6.42
C LYS B 202 18.14 56.47 -7.08
N PRO B 203 18.30 56.93 -8.36
CA PRO B 203 17.24 57.55 -9.13
C PRO B 203 16.36 56.54 -9.85
N LEU B 204 15.14 56.39 -9.37
CA LEU B 204 14.22 55.46 -9.95
C LEU B 204 13.28 56.16 -10.87
N ALA B 205 12.92 55.48 -11.96
CA ALA B 205 11.90 55.98 -12.85
C ALA B 205 10.58 55.97 -12.08
N GLU B 206 9.58 56.66 -12.58
CA GLU B 206 8.32 56.72 -11.88
C GLU B 206 7.49 55.46 -12.09
N ASP B 207 7.90 54.62 -13.05
CA ASP B 207 7.18 53.39 -13.33
C ASP B 207 7.60 52.23 -12.41
N VAL B 208 8.63 52.45 -11.61
CA VAL B 208 9.19 51.41 -10.79
C VAL B 208 8.29 51.12 -9.61
N ASN B 209 7.88 49.86 -9.48
CA ASN B 209 7.02 49.44 -8.35
C ASN B 209 7.68 48.32 -7.57
N LEU B 210 8.29 48.68 -6.46
CA LEU B 210 9.09 47.76 -5.73
C LEU B 210 8.20 46.67 -5.10
N GLU B 211 6.93 46.97 -4.88
CA GLU B 211 6.01 45.94 -4.44
C GLU B 211 6.00 44.79 -5.41
N ILE B 212 5.64 45.09 -6.65
CA ILE B 212 5.59 44.07 -7.66
C ILE B 212 6.88 43.29 -7.70
N ILE B 213 8.01 43.98 -7.61
CA ILE B 213 9.28 43.29 -7.70
C ILE B 213 9.55 42.45 -6.47
N ALA B 214 9.12 42.95 -5.32
CA ALA B 214 9.07 42.14 -4.11
C ALA B 214 8.36 40.85 -4.43
N LYS B 215 7.14 40.95 -4.92
CA LYS B 215 6.29 39.77 -5.11
C LYS B 215 6.90 38.77 -6.08
N ARG B 216 7.79 39.23 -6.95
CA ARG B 216 8.37 38.39 -7.99
C ARG B 216 9.66 37.74 -7.56
N THR B 217 10.07 37.98 -6.33
CA THR B 217 11.40 37.57 -5.88
C THR B 217 11.35 36.75 -4.60
N PRO B 218 10.33 35.88 -4.48
CA PRO B 218 10.27 34.97 -3.34
C PRO B 218 11.47 34.04 -3.36
N GLY B 219 12.06 33.83 -2.20
CA GLY B 219 13.29 33.03 -2.11
C GLY B 219 14.53 33.91 -1.97
N PHE B 220 14.41 35.16 -2.39
CA PHE B 220 15.56 36.05 -2.42
C PHE B 220 15.91 36.52 -1.03
N VAL B 221 17.19 36.51 -0.71
CA VAL B 221 17.66 37.02 0.54
C VAL B 221 18.22 38.41 0.33
N GLY B 222 18.56 39.10 1.42
CA GLY B 222 19.07 40.47 1.33
C GLY B 222 20.22 40.62 0.36
N ALA B 223 21.24 39.79 0.50
CA ALA B 223 22.35 39.81 -0.45
C ALA B 223 21.83 39.75 -1.88
N ASP B 224 20.87 38.87 -2.13
CA ASP B 224 20.36 38.68 -3.47
C ASP B 224 19.71 39.97 -3.97
N LEU B 225 18.94 40.62 -3.11
CA LEU B 225 18.19 41.80 -3.50
C LEU B 225 19.12 43.00 -3.72
N GLU B 226 20.17 43.09 -2.93
CA GLU B 226 21.07 44.20 -3.11
C GLU B 226 21.74 44.05 -4.44
N ASN B 227 22.08 42.83 -4.77
CA ASN B 227 22.69 42.58 -6.04
C ASN B 227 21.71 42.84 -7.18
N LEU B 228 20.46 42.50 -6.95
CA LEU B 228 19.39 42.80 -7.88
C LEU B 228 19.44 44.24 -8.24
N VAL B 229 19.52 45.09 -7.24
CA VAL B 229 19.44 46.51 -7.46
C VAL B 229 20.67 46.99 -8.21
N ASN B 230 21.82 46.39 -7.92
CA ASN B 230 23.00 46.82 -8.61
C ASN B 230 22.96 46.39 -10.04
N GLU B 231 22.36 45.22 -10.30
CA GLU B 231 22.21 44.75 -11.69
C GLU B 231 21.20 45.60 -12.48
N ALA B 232 20.21 46.13 -11.78
CA ALA B 232 19.29 47.07 -12.39
C ALA B 232 20.05 48.32 -12.79
N ALA B 233 20.90 48.79 -11.89
CA ALA B 233 21.66 50.00 -12.14
C ALA B 233 22.60 49.81 -13.33
N LEU B 234 23.30 48.66 -13.39
CA LEU B 234 24.26 48.41 -14.48
C LEU B 234 23.55 48.37 -15.85
N LEU B 235 22.33 47.85 -15.87
CA LEU B 235 21.55 47.86 -17.10
C LEU B 235 21.22 49.31 -17.56
N ALA B 236 20.79 50.17 -16.65
CA ALA B 236 20.57 51.57 -17.02
C ALA B 236 21.87 52.21 -17.51
N ALA B 237 22.91 52.08 -16.71
CA ALA B 237 24.19 52.66 -17.02
C ALA B 237 24.72 52.21 -18.39
N ARG B 238 24.56 50.94 -18.70
CA ARG B 238 25.07 50.42 -19.96
C ARG B 238 24.39 51.11 -21.13
N GLU B 239 23.14 51.50 -20.94
CA GLU B 239 22.41 52.20 -22.01
C GLU B 239 22.45 53.70 -21.85
N GLY B 240 23.20 54.16 -20.87
CA GLY B 240 23.42 55.57 -20.67
C GLY B 240 22.22 56.29 -20.13
N ARG B 241 21.33 55.57 -19.49
CA ARG B 241 20.15 56.20 -18.96
C ARG B 241 20.39 56.76 -17.56
N ASP B 242 19.68 57.82 -17.23
CA ASP B 242 19.90 58.53 -15.98
C ASP B 242 18.94 58.12 -14.87
N LYS B 243 18.02 57.20 -15.18
CA LYS B 243 17.07 56.69 -14.18
C LYS B 243 16.91 55.19 -14.36
N ILE B 244 16.79 54.46 -13.25
CA ILE B 244 16.53 53.02 -13.33
C ILE B 244 15.03 52.78 -13.53
N THR B 245 14.68 51.97 -14.53
CA THR B 245 13.28 51.71 -14.87
C THR B 245 12.83 50.32 -14.43
N MET B 246 11.51 50.12 -14.38
CA MET B 246 10.93 48.84 -14.00
C MET B 246 11.47 47.72 -14.87
N LYS B 247 11.50 47.98 -16.17
CA LYS B 247 12.09 47.02 -17.11
C LYS B 247 13.51 46.61 -16.69
N ASP B 248 14.30 47.54 -16.15
CA ASP B 248 15.63 47.20 -15.67
C ASP B 248 15.58 46.21 -14.51
N PHE B 249 14.64 46.38 -13.59
CA PHE B 249 14.56 45.46 -12.44
C PHE B 249 14.09 44.15 -12.92
N GLU B 250 13.01 44.18 -13.69
CA GLU B 250 12.42 42.96 -14.23
C GLU B 250 13.52 42.14 -14.89
N GLU B 251 14.25 42.74 -15.82
CA GLU B 251 15.37 42.07 -16.51
C GLU B 251 16.47 41.59 -15.55
N ALA B 252 16.72 42.39 -14.51
CA ALA B 252 17.80 42.13 -13.56
C ALA B 252 17.57 40.82 -12.85
N ILE B 253 16.31 40.58 -12.50
CA ILE B 253 15.92 39.33 -11.85
C ILE B 253 16.48 38.16 -12.63
N ASP B 254 16.16 38.10 -13.91
CA ASP B 254 16.63 37.01 -14.77
C ASP B 254 18.13 36.89 -14.77
N ARG B 255 18.81 37.97 -14.39
CA ARG B 255 20.25 37.98 -14.41
C ARG B 255 20.79 37.42 -13.09
N VAL B 256 20.53 38.13 -11.97
CA VAL B 256 20.96 37.65 -10.65
C VAL B 256 20.81 36.12 -10.56
N ILE B 257 19.64 35.64 -10.95
CA ILE B 257 19.38 34.21 -11.05
C ILE B 257 20.57 33.49 -11.67
N ALA B 258 20.80 33.72 -12.97
CA ALA B 258 21.76 32.96 -13.74
C ALA B 258 23.22 33.33 -13.41
N GLY B 259 23.46 33.88 -12.21
CA GLY B 259 24.83 34.24 -11.76
C GLY B 259 25.21 33.68 -10.38
N PRO B 260 24.21 33.47 -9.52
CA PRO B 260 24.44 32.91 -8.17
C PRO B 260 24.04 33.93 -7.08
N LEU B 265 18.67 31.24 -6.35
CA LEU B 265 17.43 30.46 -6.31
C LEU B 265 16.19 31.33 -6.09
N LEU B 266 15.45 31.53 -7.18
CA LEU B 266 14.12 32.14 -7.13
C LEU B 266 13.11 31.01 -6.96
N ILE B 267 11.96 31.29 -6.37
CA ILE B 267 10.90 30.28 -6.27
C ILE B 267 9.94 30.48 -7.41
N SER B 268 9.76 29.45 -8.23
CA SER B 268 8.89 29.60 -9.38
C SER B 268 7.46 29.79 -8.90
N PRO B 269 6.61 30.33 -9.76
CA PRO B 269 5.18 30.43 -9.46
C PRO B 269 4.52 29.06 -9.36
N ALA B 270 4.97 28.11 -10.16
CA ALA B 270 4.43 26.77 -10.08
C ALA B 270 4.75 26.20 -8.72
N GLU B 271 5.97 26.45 -8.28
CA GLU B 271 6.46 25.92 -7.01
C GLU B 271 5.80 26.65 -5.84
N LYS B 272 5.57 27.94 -6.01
CA LYS B 272 4.87 28.73 -5.04
C LYS B 272 3.53 28.06 -4.78
N ARG B 273 2.89 27.64 -5.86
CA ARG B 273 1.62 27.00 -5.77
C ARG B 273 1.72 25.78 -4.86
N ILE B 274 2.66 24.90 -5.14
CA ILE B 274 2.77 23.66 -4.37
C ILE B 274 3.06 23.93 -2.90
N ILE B 275 4.07 24.74 -2.62
CA ILE B 275 4.36 25.15 -1.26
C ILE B 275 3.10 25.65 -0.55
N ALA B 276 2.34 26.52 -1.20
CA ALA B 276 1.12 27.00 -0.61
C ALA B 276 0.24 25.82 -0.13
N TYR B 277 -0.04 24.89 -1.02
CA TYR B 277 -0.91 23.77 -0.68
C TYR B 277 -0.31 22.95 0.45
N HIS B 278 0.99 22.76 0.39
CA HIS B 278 1.67 22.08 1.43
C HIS B 278 1.41 22.78 2.80
N GLU B 279 1.70 24.06 2.90
CA GLU B 279 1.55 24.75 4.16
C GLU B 279 0.07 24.83 4.57
N ALA B 280 -0.80 25.04 3.60
CA ALA B 280 -2.21 25.09 3.89
C ALA B 280 -2.63 23.71 4.39
N GLY B 281 -2.01 22.67 3.85
CA GLY B 281 -2.30 21.29 4.30
C GLY B 281 -2.06 21.11 5.79
N HIS B 282 -0.83 21.41 6.25
CA HIS B 282 -0.51 21.29 7.68
C HIS B 282 -1.61 22.07 8.44
N ALA B 283 -1.97 23.23 7.93
CA ALA B 283 -2.86 24.11 8.65
C ALA B 283 -4.23 23.46 8.82
N VAL B 284 -4.73 22.90 7.74
CA VAL B 284 -6.03 22.28 7.72
C VAL B 284 -6.04 21.06 8.63
N VAL B 285 -5.08 20.16 8.42
CA VAL B 285 -5.06 18.93 9.21
C VAL B 285 -4.94 19.25 10.68
N SER B 286 -4.03 20.15 11.02
CA SER B 286 -3.81 20.52 12.41
C SER B 286 -5.08 21.01 13.06
N THR B 287 -5.84 21.79 12.32
CA THR B 287 -7.05 22.34 12.84
C THR B 287 -8.11 21.26 13.10
N VAL B 288 -8.22 20.32 12.17
CA VAL B 288 -9.32 19.37 12.18
C VAL B 288 -9.12 18.34 13.29
N VAL B 289 -7.89 17.88 13.38
CA VAL B 289 -7.52 16.87 14.31
C VAL B 289 -7.72 17.33 15.74
N PRO B 290 -8.28 16.46 16.59
CA PRO B 290 -8.72 16.97 17.89
C PRO B 290 -7.56 17.46 18.77
N ASN B 291 -6.44 16.78 18.72
CA ASN B 291 -5.30 17.14 19.57
C ASN B 291 -4.27 17.94 18.81
N GLY B 292 -4.71 18.66 17.80
CA GLY B 292 -3.80 19.46 16.97
C GLY B 292 -3.20 20.66 17.68
N GLU B 293 -2.02 21.05 17.21
CA GLU B 293 -1.33 22.21 17.74
C GLU B 293 -1.90 23.46 17.11
N PRO B 294 -2.39 24.38 17.95
CA PRO B 294 -2.94 25.60 17.43
C PRO B 294 -1.98 26.12 16.41
N VAL B 295 -2.49 26.81 15.41
CA VAL B 295 -1.64 27.25 14.33
C VAL B 295 -1.69 28.72 14.29
N HIS B 296 -0.56 29.35 14.60
CA HIS B 296 -0.49 30.81 14.78
C HIS B 296 -0.11 31.52 13.48
N ARG B 297 0.62 30.81 12.62
CA ARG B 297 1.12 31.42 11.41
C ARG B 297 1.34 30.45 10.26
N ILE B 298 0.98 30.89 9.07
CA ILE B 298 1.38 30.20 7.85
C ILE B 298 2.14 31.14 6.94
N SER B 299 3.15 30.60 6.26
CA SER B 299 3.94 31.40 5.31
C SER B 299 4.59 30.53 4.25
N ILE B 300 4.60 31.01 3.03
CA ILE B 300 5.34 30.35 1.99
C ILE B 300 6.83 30.30 2.28
N ILE B 301 7.41 31.37 2.82
CA ILE B 301 8.81 31.29 3.21
C ILE B 301 8.98 30.69 4.59
N TYR B 320 6.33 17.14 28.64
CA TYR B 320 6.16 16.11 29.67
C TYR B 320 5.48 14.89 29.08
N LEU B 321 4.20 14.78 29.36
CA LEU B 321 3.49 13.52 29.19
C LEU B 321 2.51 13.60 28.04
N VAL B 322 2.71 12.78 27.04
CA VAL B 322 1.85 12.74 25.88
C VAL B 322 1.12 11.41 25.81
N SER B 323 -0.05 11.40 25.16
CA SER B 323 -0.79 10.17 24.93
C SER B 323 -0.62 9.72 23.50
N ARG B 324 -0.99 8.47 23.23
CA ARG B 324 -0.94 7.90 21.89
C ARG B 324 -1.75 8.73 20.90
N ASN B 325 -2.97 9.07 21.26
CA ASN B 325 -3.79 9.85 20.36
C ASN B 325 -3.15 11.17 20.03
N GLU B 326 -2.59 11.83 21.04
CA GLU B 326 -1.86 13.06 20.76
C GLU B 326 -0.81 12.80 19.69
N LEU B 327 -0.05 11.71 19.86
CA LEU B 327 1.01 11.41 18.93
C LEU B 327 0.49 11.04 17.52
N LEU B 328 -0.62 10.31 17.42
CA LEU B 328 -1.11 10.01 16.08
C LEU B 328 -1.63 11.29 15.39
N ASP B 329 -2.26 12.17 16.18
CA ASP B 329 -2.73 13.44 15.63
C ASP B 329 -1.57 14.26 15.10
N LYS B 330 -0.54 14.37 15.90
CA LYS B 330 0.62 15.16 15.55
C LYS B 330 1.21 14.56 14.27
N LEU B 331 1.22 13.26 14.24
CA LEU B 331 1.76 12.56 13.13
C LEU B 331 0.93 12.86 11.89
N THR B 332 -0.39 12.89 12.08
CA THR B 332 -1.28 13.05 10.97
C THR B 332 -1.07 14.43 10.41
N ALA B 333 -0.96 15.41 11.30
CA ALA B 333 -0.73 16.79 10.85
C ALA B 333 0.61 16.93 10.12
N LEU B 334 1.68 16.37 10.67
CA LEU B 334 2.97 16.41 10.01
C LEU B 334 2.90 15.93 8.57
N LEU B 335 2.00 14.98 8.29
CA LEU B 335 1.89 14.45 6.95
C LEU B 335 0.91 15.21 6.05
N GLY B 336 0.34 16.28 6.57
CA GLY B 336 -0.73 16.98 5.87
C GLY B 336 -0.24 17.70 4.60
N GLY B 337 0.92 18.32 4.68
CA GLY B 337 1.45 19.02 3.54
C GLY B 337 1.60 18.03 2.40
N ARG B 338 2.21 16.92 2.69
CA ARG B 338 2.41 15.94 1.68
C ARG B 338 1.06 15.44 1.16
N ALA B 339 0.12 15.24 2.07
CA ALA B 339 -1.21 14.78 1.70
C ALA B 339 -1.87 15.80 0.78
N ALA B 340 -1.72 17.07 1.07
CA ALA B 340 -2.35 18.08 0.25
C ALA B 340 -1.73 18.04 -1.12
N GLU B 341 -0.43 17.89 -1.16
CA GLU B 341 0.26 17.70 -2.43
C GLU B 341 -0.29 16.54 -3.20
N GLU B 342 -0.38 15.39 -2.58
CA GLU B 342 -0.78 14.22 -3.35
C GLU B 342 -2.19 14.36 -3.89
N VAL B 343 -3.11 14.76 -3.03
CA VAL B 343 -4.49 14.86 -3.39
C VAL B 343 -4.71 15.87 -4.49
N VAL B 344 -4.14 17.06 -4.33
CA VAL B 344 -4.41 18.16 -5.26
C VAL B 344 -3.69 18.02 -6.59
N PHE B 345 -2.41 17.68 -6.56
CA PHE B 345 -1.61 17.64 -7.78
C PHE B 345 -1.42 16.26 -8.32
N GLY B 346 -1.62 15.26 -7.48
CA GLY B 346 -1.33 13.89 -7.86
C GLY B 346 0.12 13.52 -7.55
N ASP B 347 1.06 14.34 -8.03
CA ASP B 347 2.51 14.11 -7.78
C ASP B 347 2.86 14.54 -6.34
N VAL B 348 4.08 14.25 -5.95
CA VAL B 348 4.58 14.63 -4.67
C VAL B 348 5.99 15.11 -4.90
N THR B 349 6.46 15.98 -4.04
CA THR B 349 7.72 16.66 -4.24
C THR B 349 8.67 16.39 -3.10
N SER B 350 9.91 16.82 -3.27
CA SER B 350 10.91 16.66 -2.27
C SER B 350 10.58 17.51 -1.05
N GLY B 351 9.56 18.35 -1.16
CA GLY B 351 9.26 19.29 -0.12
C GLY B 351 8.79 18.73 1.21
N ALA B 352 8.44 17.45 1.26
CA ALA B 352 7.97 16.89 2.51
C ALA B 352 8.99 16.03 3.19
N ALA B 353 10.23 16.06 2.70
CA ALA B 353 11.27 15.17 3.21
C ALA B 353 11.51 15.28 4.72
N ASN B 354 11.58 16.49 5.25
CA ASN B 354 11.86 16.65 6.67
C ASN B 354 10.62 16.26 7.49
N ASP B 355 9.43 16.50 6.93
CA ASP B 355 8.20 16.13 7.64
C ASP B 355 8.13 14.62 7.73
N ILE B 356 8.58 13.95 6.66
CA ILE B 356 8.64 12.49 6.63
C ILE B 356 9.60 12.02 7.69
N GLU B 357 10.75 12.66 7.75
CA GLU B 357 11.76 12.27 8.73
C GLU B 357 11.18 12.38 10.12
N ARG B 358 10.54 13.48 10.38
CA ARG B 358 10.06 13.75 11.69
C ARG B 358 8.94 12.78 12.03
N ALA B 359 8.10 12.48 11.05
CA ALA B 359 6.99 11.54 11.30
C ALA B 359 7.56 10.17 11.66
N THR B 360 8.58 9.76 10.94
CA THR B 360 9.16 8.49 11.19
C THR B 360 9.82 8.47 12.59
N GLU B 361 10.52 9.55 12.96
CA GLU B 361 11.10 9.65 14.30
C GLU B 361 10.01 9.38 15.32
N ILE B 362 8.82 9.89 15.06
CA ILE B 362 7.75 9.72 16.01
C ILE B 362 7.31 8.27 16.05
N ALA B 363 7.00 7.69 14.90
CA ALA B 363 6.54 6.30 14.90
C ALA B 363 7.55 5.34 15.52
N ARG B 364 8.85 5.52 15.27
CA ARG B 364 9.85 4.62 15.84
C ARG B 364 9.82 4.77 17.34
N ASN B 365 9.59 5.99 17.79
CA ASN B 365 9.65 6.28 19.17
C ASN B 365 8.44 5.71 19.85
N MET B 366 7.34 5.70 19.15
CA MET B 366 6.15 5.07 19.68
C MET B 366 6.36 3.58 19.82
N VAL B 367 6.95 2.98 18.81
CA VAL B 367 7.13 1.54 18.77
C VAL B 367 8.33 1.05 19.65
N CYS B 368 9.44 1.78 19.66
CA CYS B 368 10.66 1.26 20.29
C CYS B 368 10.88 1.78 21.68
N GLN B 369 10.07 2.74 22.09
CA GLN B 369 10.30 3.31 23.36
C GLN B 369 9.11 3.39 24.29
N LEU B 370 7.96 3.78 23.77
CA LEU B 370 6.79 4.01 24.63
C LEU B 370 5.91 2.77 24.75
N GLY B 371 6.34 1.70 24.13
CA GLY B 371 5.57 0.48 24.16
C GLY B 371 4.18 0.62 23.57
N MET B 372 4.04 1.44 22.54
CA MET B 372 2.72 1.69 21.98
C MET B 372 2.43 0.87 20.76
N SER B 373 3.03 -0.28 20.65
CA SER B 373 2.78 -1.05 19.47
C SER B 373 1.90 -2.22 19.73
N GLU B 374 0.99 -2.43 18.79
CA GLU B 374 0.24 -3.69 18.68
C GLU B 374 1.05 -4.90 19.21
N GLU B 375 2.06 -5.31 18.45
CA GLU B 375 2.59 -6.63 18.57
C GLU B 375 3.91 -6.70 19.30
N LEU B 376 4.60 -5.58 19.40
CA LEU B 376 5.92 -5.56 20.05
C LEU B 376 5.90 -5.39 21.60
N GLY B 377 4.75 -5.08 22.17
CA GLY B 377 4.60 -5.14 23.60
C GLY B 377 5.27 -3.98 24.29
N PRO B 378 5.13 -3.93 25.62
CA PRO B 378 5.68 -2.89 26.45
C PRO B 378 7.16 -3.11 26.68
N LEU B 379 7.93 -3.03 25.64
CA LEU B 379 9.35 -3.23 25.75
C LEU B 379 10.12 -2.13 25.13
N ALA B 380 11.27 -1.85 25.72
CA ALA B 380 12.19 -0.91 25.17
C ALA B 380 13.12 -1.58 24.16
N TRP B 381 12.88 -1.42 22.88
CA TRP B 381 13.77 -1.96 21.85
C TRP B 381 14.86 -0.94 21.40
N GLY B 382 16.11 -1.20 21.75
CA GLY B 382 17.20 -0.26 21.43
C GLY B 382 17.82 0.33 22.69
N LYS B 383 19.07 0.80 22.58
CA LYS B 383 19.90 1.20 23.75
C LYS B 383 19.99 0.12 24.81
N LEU B 397 21.15 2.70 19.21
CA LEU B 397 21.96 1.47 19.14
C LEU B 397 21.10 0.22 19.42
N ARG B 398 21.12 -0.72 18.49
CA ARG B 398 20.15 -1.79 18.47
C ARG B 398 20.76 -3.03 19.04
N ASN B 399 20.05 -3.66 19.95
CA ASN B 399 20.52 -4.84 20.68
C ASN B 399 19.47 -5.94 20.52
N TYR B 400 18.97 -6.08 19.29
CA TYR B 400 17.92 -7.05 18.99
C TYR B 400 18.10 -7.75 17.64
N SER B 401 17.48 -8.92 17.54
CA SER B 401 17.56 -9.77 16.37
C SER B 401 17.01 -9.10 15.14
N GLU B 402 17.30 -9.67 14.00
CA GLU B 402 16.76 -9.20 12.76
C GLU B 402 15.23 -9.47 12.75
N GLU B 403 14.80 -10.50 13.47
CA GLU B 403 13.41 -10.85 13.47
C GLU B 403 12.62 -9.70 14.11
N VAL B 404 13.10 -9.20 15.23
CA VAL B 404 12.48 -8.02 15.81
C VAL B 404 12.67 -6.79 14.90
N ALA B 405 13.86 -6.59 14.38
CA ALA B 405 14.10 -5.41 13.59
C ALA B 405 13.06 -5.35 12.48
N SER B 406 12.73 -6.50 11.94
CA SER B 406 11.76 -6.60 10.87
C SER B 406 10.33 -6.25 11.31
N LYS B 407 9.92 -6.77 12.46
CA LYS B 407 8.63 -6.45 13.03
C LYS B 407 8.51 -4.96 13.27
N ILE B 408 9.57 -4.35 13.81
CA ILE B 408 9.58 -2.90 14.10
C ILE B 408 9.32 -2.09 12.82
N ASP B 409 10.04 -2.41 11.77
CA ASP B 409 9.89 -1.69 10.54
C ASP B 409 8.44 -1.81 10.11
N GLU B 410 7.86 -3.00 10.24
CA GLU B 410 6.48 -3.19 9.82
C GLU B 410 5.56 -2.32 10.68
N GLU B 411 5.81 -2.31 11.97
CA GLU B 411 4.92 -1.61 12.82
C GLU B 411 5.05 -0.15 12.61
N VAL B 412 6.27 0.32 12.34
CA VAL B 412 6.49 1.74 12.12
C VAL B 412 5.88 2.17 10.79
N LYS B 413 6.01 1.33 9.79
CA LYS B 413 5.42 1.61 8.52
C LYS B 413 3.89 1.68 8.62
N LYS B 414 3.33 0.84 9.48
CA LYS B 414 1.89 0.73 9.58
C LYS B 414 1.30 1.99 10.25
N ILE B 415 1.99 2.52 11.25
CA ILE B 415 1.51 3.70 11.94
C ILE B 415 1.52 4.87 10.98
N VAL B 416 2.65 5.08 10.33
CA VAL B 416 2.83 6.23 9.44
C VAL B 416 1.86 6.14 8.26
N THR B 417 1.82 4.99 7.63
CA THR B 417 0.87 4.82 6.56
C THR B 417 -0.58 5.14 7.03
N ASN B 418 -1.01 4.63 8.18
CA ASN B 418 -2.37 4.92 8.68
C ASN B 418 -2.61 6.43 8.84
N CYS B 419 -1.64 7.14 9.41
CA CYS B 419 -1.81 8.56 9.63
C CYS B 419 -1.84 9.34 8.32
N TYR B 420 -1.08 8.86 7.33
CA TYR B 420 -1.01 9.50 6.04
C TYR B 420 -2.36 9.40 5.37
N GLU B 421 -2.92 8.20 5.31
CA GLU B 421 -4.23 8.01 4.68
C GLU B 421 -5.29 8.87 5.36
N ARG B 422 -5.17 9.00 6.68
CA ARG B 422 -6.11 9.77 7.47
C ARG B 422 -5.97 11.24 7.14
N ALA B 423 -4.73 11.66 6.86
CA ALA B 423 -4.48 13.03 6.41
C ALA B 423 -5.14 13.28 5.06
N LYS B 424 -5.08 12.32 4.16
CA LYS B 424 -5.72 12.48 2.90
C LYS B 424 -7.25 12.52 3.05
N GLU B 425 -7.83 11.64 3.85
CA GLU B 425 -9.28 11.70 4.07
C GLU B 425 -9.67 13.12 4.44
N ILE B 426 -8.81 13.77 5.23
CA ILE B 426 -9.14 15.09 5.76
C ILE B 426 -9.02 16.15 4.70
N ILE B 427 -7.93 16.12 3.95
CA ILE B 427 -7.76 17.05 2.86
C ILE B 427 -8.91 16.99 1.86
N ARG B 428 -9.29 15.79 1.47
CA ARG B 428 -10.35 15.65 0.50
C ARG B 428 -11.66 16.20 1.08
N LYS B 429 -11.89 15.90 2.36
CA LYS B 429 -13.10 16.33 3.04
C LYS B 429 -13.19 17.84 3.17
N TYR B 430 -12.05 18.50 3.25
CA TYR B 430 -12.01 19.94 3.41
C TYR B 430 -11.20 20.57 2.29
N ARG B 431 -11.38 20.05 1.10
CA ARG B 431 -10.74 20.60 -0.07
C ARG B 431 -11.12 22.06 -0.22
N LYS B 432 -12.39 22.36 -0.02
CA LYS B 432 -12.86 23.71 -0.22
C LYS B 432 -12.07 24.69 0.63
N GLN B 433 -12.07 24.49 1.94
CA GLN B 433 -11.35 25.41 2.83
C GLN B 433 -9.88 25.41 2.50
N LEU B 434 -9.36 24.25 2.15
CA LEU B 434 -7.99 24.18 1.72
C LEU B 434 -7.79 25.17 0.60
N ASP B 435 -8.63 25.11 -0.43
CA ASP B 435 -8.45 25.98 -1.59
C ASP B 435 -8.56 27.46 -1.19
N ASN B 436 -9.48 27.80 -0.28
CA ASN B 436 -9.63 29.19 0.15
C ASN B 436 -8.40 29.70 0.89
N ILE B 437 -7.82 28.84 1.72
CA ILE B 437 -6.66 29.27 2.44
C ILE B 437 -5.51 29.51 1.49
N VAL B 438 -5.33 28.63 0.53
CA VAL B 438 -4.26 28.83 -0.44
C VAL B 438 -4.43 30.14 -1.21
N GLU B 439 -5.62 30.35 -1.75
CA GLU B 439 -5.95 31.57 -2.48
C GLU B 439 -5.42 32.80 -1.70
N ILE B 440 -5.77 32.90 -0.41
CA ILE B 440 -5.35 34.04 0.39
C ILE B 440 -3.85 34.05 0.54
N LEU B 441 -3.31 32.89 0.86
CA LEU B 441 -1.89 32.76 1.14
C LEU B 441 -1.04 33.20 -0.04
N LEU B 442 -1.45 32.84 -1.25
CA LEU B 442 -0.68 33.25 -2.44
C LEU B 442 -0.72 34.79 -2.58
N GLU B 443 -1.78 35.41 -2.06
CA GLU B 443 -1.89 36.86 -2.15
C GLU B 443 -0.89 37.49 -1.19
N LYS B 444 -0.84 36.98 0.03
CA LYS B 444 -0.08 37.64 1.07
C LYS B 444 1.27 36.98 1.38
N GLU B 445 1.35 35.67 1.16
CA GLU B 445 2.58 34.91 1.42
C GLU B 445 2.72 34.55 2.87
N THR B 446 2.16 35.39 3.72
CA THR B 446 2.16 35.12 5.16
C THR B 446 0.82 35.51 5.73
N ILE B 447 0.21 34.57 6.47
CA ILE B 447 -1.05 34.84 7.15
C ILE B 447 -0.89 34.55 8.64
N GLU B 448 -1.34 35.49 9.46
CA GLU B 448 -0.90 35.57 10.85
C GLU B 448 -1.98 36.23 11.73
N GLY B 449 -1.94 35.91 13.03
CA GLY B 449 -2.66 36.67 14.06
C GLY B 449 -4.16 36.70 13.90
N ASP B 450 -4.81 37.52 14.71
CA ASP B 450 -6.25 37.71 14.58
C ASP B 450 -6.74 37.60 13.12
N GLU B 451 -5.82 37.61 12.17
CA GLU B 451 -6.19 37.40 10.77
C GLU B 451 -6.17 35.92 10.43
N LEU B 452 -5.22 35.19 11.00
CA LEU B 452 -5.24 33.74 10.87
C LEU B 452 -6.22 33.16 11.87
N ARG B 453 -6.34 33.84 13.00
CA ARG B 453 -7.34 33.49 13.99
C ARG B 453 -8.70 33.29 13.28
N ARG B 454 -9.15 34.32 12.58
CA ARG B 454 -10.51 34.33 12.06
C ARG B 454 -10.70 33.49 10.81
N ILE B 455 -9.71 33.48 9.93
CA ILE B 455 -9.79 32.67 8.73
C ILE B 455 -10.12 31.22 9.06
N LEU B 456 -9.42 30.66 10.03
CA LEU B 456 -9.69 29.31 10.48
C LEU B 456 -11.11 29.16 11.08
N SER B 457 -11.63 30.21 11.70
CA SER B 457 -13.00 30.17 12.19
C SER B 457 -14.02 30.23 11.05
N GLU B 458 -14.04 31.33 10.31
CA GLU B 458 -14.97 31.45 9.16
C GLU B 458 -15.00 30.18 8.32
N GLU B 459 -13.93 29.39 8.37
CA GLU B 459 -13.82 28.20 7.55
C GLU B 459 -14.29 26.96 8.29
N PHE B 460 -14.03 26.89 9.58
CA PHE B 460 -14.43 25.73 10.39
C PHE B 460 -15.41 26.12 11.49
N TYR C 5 44.97 19.37 43.56
CA TYR C 5 43.77 20.27 43.47
C TYR C 5 43.74 21.35 44.58
N LYS C 6 43.01 22.45 44.31
CA LYS C 6 43.02 23.62 45.19
C LYS C 6 41.58 24.03 45.54
N PRO C 7 41.27 24.10 46.86
CA PRO C 7 39.91 24.38 47.39
C PRO C 7 39.21 25.58 46.71
N SER C 8 37.88 25.57 46.71
CA SER C 8 37.11 26.60 46.01
C SER C 8 37.45 28.02 46.48
N GLY C 9 37.59 28.93 45.52
CA GLY C 9 37.76 30.36 45.82
C GLY C 9 36.47 31.12 45.52
N ASN C 10 35.36 30.36 45.45
CA ASN C 10 34.03 30.92 45.20
C ASN C 10 33.41 31.47 46.50
N LYS C 11 32.59 32.51 46.35
CA LYS C 11 32.05 33.26 47.49
C LYS C 11 31.37 32.34 48.52
N ARG C 12 31.72 32.51 49.79
CA ARG C 12 31.19 31.66 50.87
C ARG C 12 29.68 31.84 51.01
N VAL C 13 28.98 30.75 51.25
CA VAL C 13 27.54 30.79 51.40
C VAL C 13 27.10 30.15 52.71
N THR C 14 25.95 30.58 53.21
CA THR C 14 25.39 30.03 54.43
C THR C 14 23.95 29.65 54.14
N PHE C 15 23.27 29.05 55.11
CA PHE C 15 21.89 28.65 54.91
C PHE C 15 21.01 29.90 54.76
N LYS C 16 21.53 31.02 55.24
CA LYS C 16 20.91 32.32 55.02
C LYS C 16 20.55 32.49 53.54
N ASP C 17 21.30 31.83 52.67
CA ASP C 17 21.22 32.07 51.24
C ASP C 17 20.45 30.98 50.51
N VAL C 18 19.93 30.01 51.24
CA VAL C 18 19.17 28.89 50.64
C VAL C 18 17.72 28.95 51.09
N GLY C 19 16.80 29.11 50.15
CA GLY C 19 15.38 29.20 50.47
C GLY C 19 14.60 27.96 50.04
N GLY C 20 13.53 27.66 50.77
CA GLY C 20 12.59 26.60 50.38
C GLY C 20 13.08 25.18 50.61
N ALA C 21 14.01 24.99 51.54
CA ALA C 21 14.55 23.66 51.82
C ALA C 21 14.82 23.47 53.31
N GLU C 22 13.84 23.87 54.14
CA GLU C 22 14.00 23.85 55.60
C GLU C 22 14.18 22.41 56.12
N GLU C 23 13.51 21.46 55.48
CA GLU C 23 13.61 20.06 55.86
C GLU C 23 15.06 19.60 55.71
N ALA C 24 15.67 19.95 54.58
CA ALA C 24 17.07 19.57 54.29
C ALA C 24 18.06 20.27 55.23
N ILE C 25 17.84 21.56 55.46
CA ILE C 25 18.68 22.32 56.40
C ILE C 25 18.70 21.59 57.75
N GLU C 26 17.51 21.20 58.20
CA GLU C 26 17.37 20.49 59.46
C GLU C 26 18.37 19.38 59.57
N GLU C 27 18.33 18.48 58.60
CA GLU C 27 19.10 17.25 58.69
C GLU C 27 20.60 17.55 58.59
N LEU C 28 20.95 18.65 57.94
CA LEU C 28 22.35 19.02 57.72
C LEU C 28 22.93 19.86 58.86
N LYS C 29 22.07 20.38 59.74
CA LYS C 29 22.55 21.20 60.86
C LYS C 29 23.49 20.39 61.75
N GLU C 30 23.24 19.09 61.82
CA GLU C 30 24.10 18.18 62.55
C GLU C 30 25.50 18.15 61.94
N VAL C 31 25.54 18.01 60.61
CA VAL C 31 26.82 17.96 59.88
C VAL C 31 27.65 19.19 60.19
N VAL C 32 27.00 20.35 60.18
CA VAL C 32 27.69 21.60 60.49
C VAL C 32 28.24 21.56 61.91
N GLU C 33 27.44 21.03 62.83
CA GLU C 33 27.86 20.91 64.23
C GLU C 33 29.08 20.00 64.32
N PHE C 34 29.14 19.01 63.44
CA PHE C 34 30.26 18.09 63.39
C PHE C 34 31.52 18.75 62.82
N LEU C 35 31.39 19.42 61.69
CA LEU C 35 32.53 20.06 61.03
C LEU C 35 33.20 21.11 61.91
N LYS C 36 32.39 21.85 62.66
CA LYS C 36 32.91 22.94 63.51
C LYS C 36 33.81 22.41 64.63
N ASP C 37 33.55 21.19 65.09
CA ASP C 37 34.40 20.57 66.12
C ASP C 37 34.08 19.09 66.28
N PRO C 38 34.64 18.25 65.39
CA PRO C 38 34.35 16.81 65.40
C PRO C 38 34.65 16.13 66.73
N SER C 39 35.30 16.84 67.64
CA SER C 39 35.70 16.27 68.94
C SER C 39 34.50 15.97 69.86
N LYS C 40 33.46 16.80 69.80
CA LYS C 40 32.28 16.60 70.67
C LYS C 40 31.56 15.30 70.36
N PHE C 41 31.60 14.89 69.10
CA PHE C 41 30.98 13.65 68.69
C PHE C 41 31.94 12.49 68.95
N ASN C 42 33.19 12.67 68.55
CA ASN C 42 34.24 11.70 68.82
C ASN C 42 34.23 11.22 70.27
N ARG C 43 34.19 12.17 71.20
CA ARG C 43 34.44 11.88 72.62
C ARG C 43 33.42 10.91 73.21
N ILE C 44 32.23 10.86 72.61
CA ILE C 44 31.15 10.02 73.11
C ILE C 44 30.65 9.04 72.04
N GLY C 45 31.41 8.91 70.96
CA GLY C 45 31.19 7.84 69.98
C GLY C 45 30.04 8.05 69.01
N ALA C 46 29.64 9.31 68.83
CA ALA C 46 28.60 9.64 67.87
C ALA C 46 29.17 9.49 66.47
N ARG C 47 28.84 8.40 65.79
CA ARG C 47 29.37 8.14 64.45
C ARG C 47 28.52 8.78 63.35
N MET C 48 29.13 9.74 62.65
CA MET C 48 28.46 10.42 61.54
C MET C 48 28.65 9.63 60.25
N PRO C 49 27.80 9.88 59.24
CA PRO C 49 28.00 9.26 57.95
C PRO C 49 29.28 9.78 57.28
N LYS C 50 29.86 8.97 56.40
CA LYS C 50 31.03 9.37 55.64
C LYS C 50 30.59 10.01 54.32
N GLY C 51 29.36 9.68 53.91
CA GLY C 51 28.79 10.18 52.67
C GLY C 51 27.33 10.57 52.77
N ILE C 52 27.00 11.75 52.22
CA ILE C 52 25.62 12.24 52.12
C ILE C 52 25.26 12.46 50.65
N LEU C 53 24.17 11.85 50.20
CA LEU C 53 23.77 11.95 48.82
C LEU C 53 22.60 12.90 48.65
N LEU C 54 22.81 13.96 47.87
CA LEU C 54 21.78 14.96 47.63
C LEU C 54 21.04 14.64 46.37
N VAL C 55 19.75 14.39 46.54
CA VAL C 55 18.94 13.98 45.43
C VAL C 55 17.87 14.99 45.15
N GLY C 56 17.65 15.24 43.88
CA GLY C 56 16.63 16.14 43.44
C GLY C 56 16.94 16.53 42.03
N PRO C 57 16.01 17.23 41.39
CA PRO C 57 16.17 17.76 40.04
C PRO C 57 17.18 18.90 39.97
N PRO C 58 17.64 19.21 38.76
CA PRO C 58 18.63 20.27 38.58
C PRO C 58 18.12 21.65 38.97
N GLY C 59 19.00 22.48 39.51
CA GLY C 59 18.66 23.85 39.82
C GLY C 59 17.80 23.97 41.06
N THR C 60 17.87 22.98 41.93
CA THR C 60 17.11 23.01 43.17
C THR C 60 18.00 23.33 44.36
N GLY C 61 19.28 23.60 44.11
CA GLY C 61 20.16 24.10 45.15
C GLY C 61 20.96 23.02 45.82
N LYS C 62 21.08 21.88 45.15
CA LYS C 62 21.90 20.80 45.65
C LYS C 62 23.32 21.33 45.91
N THR C 63 23.99 21.81 44.87
CA THR C 63 25.33 22.35 45.02
C THR C 63 25.34 23.41 46.12
N LEU C 64 24.37 24.32 46.07
CA LEU C 64 24.24 25.38 47.06
C LEU C 64 24.31 24.85 48.50
N LEU C 65 23.45 23.90 48.84
CA LEU C 65 23.41 23.37 50.21
C LEU C 65 24.78 22.88 50.63
N ALA C 66 25.44 22.15 49.74
CA ALA C 66 26.78 21.63 50.03
C ALA C 66 27.65 22.76 50.52
N ARG C 67 27.67 23.84 49.75
CA ARG C 67 28.51 24.99 50.07
C ARG C 67 28.01 25.73 51.29
N ALA C 68 26.69 25.77 51.46
CA ALA C 68 26.10 26.35 52.66
C ALA C 68 26.63 25.61 53.90
N VAL C 69 26.68 24.29 53.82
CA VAL C 69 27.22 23.48 54.93
C VAL C 69 28.67 23.88 55.22
N ALA C 70 29.45 24.05 54.16
CA ALA C 70 30.88 24.39 54.28
C ALA C 70 31.09 25.81 54.81
N GLY C 71 30.28 26.75 54.32
CA GLY C 71 30.34 28.12 54.80
C GLY C 71 29.87 28.23 56.23
N GLU C 72 28.84 27.46 56.57
CA GLU C 72 28.25 27.50 57.91
C GLU C 72 29.20 26.91 58.95
N ALA C 73 30.07 26.02 58.51
CA ALA C 73 31.07 25.42 59.40
C ALA C 73 32.44 26.09 59.22
N ASN C 74 32.47 27.17 58.41
CA ASN C 74 33.74 27.81 58.03
C ASN C 74 34.85 26.79 57.83
N VAL C 75 34.61 25.86 56.92
CA VAL C 75 35.58 24.85 56.57
C VAL C 75 35.77 24.90 55.06
N PRO C 76 36.94 24.43 54.58
CA PRO C 76 37.21 24.40 53.15
C PRO C 76 36.28 23.47 52.39
N PHE C 77 36.10 23.74 51.10
CA PHE C 77 35.14 23.00 50.29
C PHE C 77 35.75 22.66 48.92
N PHE C 78 35.87 21.37 48.64
CA PHE C 78 36.37 20.89 47.35
C PHE C 78 35.21 20.53 46.44
N HIS C 79 35.03 21.27 45.35
CA HIS C 79 33.99 20.94 44.38
C HIS C 79 34.54 20.19 43.20
N ILE C 80 34.19 18.93 43.09
CA ILE C 80 34.53 18.17 41.91
C ILE C 80 33.25 17.87 41.11
N SER C 81 33.41 17.71 39.81
CA SER C 81 32.28 17.41 38.95
C SER C 81 32.41 15.98 38.40
N GLY C 82 31.32 15.22 38.46
CA GLY C 82 31.33 13.83 38.01
C GLY C 82 31.70 13.64 36.55
N SER C 83 31.27 14.57 35.70
CA SER C 83 31.50 14.43 34.26
C SER C 83 32.93 14.81 33.86
N ASP C 84 33.76 15.14 34.84
CA ASP C 84 35.17 15.52 34.59
C ASP C 84 36.09 14.29 34.55
N PHE C 85 35.59 13.14 34.99
CA PHE C 85 36.39 11.91 35.03
C PHE C 85 36.11 11.00 33.84
N VAL C 86 34.85 10.94 33.41
CA VAL C 86 34.50 10.22 32.20
C VAL C 86 35.15 10.91 31.01
N GLU C 87 35.75 10.12 30.14
CA GLU C 87 36.41 10.66 28.96
C GLU C 87 37.93 10.77 29.16
N LEU C 88 38.42 10.43 30.36
CA LEU C 88 39.84 10.60 30.69
C LEU C 88 40.66 9.40 30.20
N PHE C 89 41.97 9.58 30.07
CA PHE C 89 42.83 8.50 29.57
C PHE C 89 43.04 7.42 30.64
N VAL C 90 43.77 6.36 30.29
CA VAL C 90 43.95 5.17 31.14
C VAL C 90 44.67 5.46 32.46
N GLY C 91 43.92 5.48 33.56
CA GLY C 91 44.48 5.72 34.89
C GLY C 91 44.19 7.10 35.44
N VAL C 92 44.15 8.09 34.55
CA VAL C 92 43.99 9.49 34.97
C VAL C 92 42.85 9.63 35.99
N GLY C 93 41.75 8.93 35.74
CA GLY C 93 40.57 9.01 36.61
C GLY C 93 40.87 8.64 38.05
N ALA C 94 41.49 7.48 38.24
CA ALA C 94 41.83 6.99 39.57
C ALA C 94 42.77 7.95 40.32
N ALA C 95 43.88 8.30 39.68
CA ALA C 95 44.91 9.15 40.29
C ALA C 95 44.34 10.51 40.72
N ARG C 96 43.33 10.98 40.01
CA ARG C 96 42.64 12.23 40.37
C ARG C 96 41.77 12.02 41.61
N VAL C 97 41.18 10.83 41.72
CA VAL C 97 40.43 10.49 42.90
C VAL C 97 41.41 10.42 44.08
N ARG C 98 42.54 9.73 43.86
CA ARG C 98 43.61 9.67 44.86
C ARG C 98 43.95 11.06 45.37
N ASP C 99 44.38 11.92 44.45
CA ASP C 99 44.78 13.28 44.79
C ASP C 99 43.69 13.97 45.59
N LEU C 100 42.46 13.86 45.12
CA LEU C 100 41.32 14.46 45.79
C LEU C 100 41.39 14.21 47.29
N PHE C 101 41.44 12.95 47.65
CA PHE C 101 41.37 12.55 49.05
C PHE C 101 42.65 12.88 49.80
N ALA C 102 43.78 12.86 49.09
CA ALA C 102 45.04 13.26 49.69
C ALA C 102 44.95 14.72 50.13
N GLN C 103 44.31 15.54 49.31
CA GLN C 103 44.08 16.94 49.64
C GLN C 103 43.08 17.08 50.78
N ALA C 104 42.01 16.30 50.71
CA ALA C 104 40.96 16.37 51.71
C ALA C 104 41.55 16.24 53.11
N LYS C 105 42.39 15.24 53.30
CA LYS C 105 42.96 14.94 54.64
C LYS C 105 43.90 16.04 55.13
N ALA C 106 44.66 16.63 54.20
CA ALA C 106 45.63 17.65 54.56
C ALA C 106 44.92 18.92 55.00
N HIS C 107 43.65 19.04 54.65
CA HIS C 107 42.89 20.23 54.97
C HIS C 107 41.69 19.94 55.88
N ALA C 108 41.63 18.72 56.38
CA ALA C 108 40.58 18.32 57.32
C ALA C 108 40.60 19.22 58.56
N PRO C 109 39.41 19.51 59.12
CA PRO C 109 38.10 19.07 58.60
C PRO C 109 37.72 19.81 57.32
N CYS C 110 36.91 19.17 56.47
CA CYS C 110 36.54 19.76 55.18
C CYS C 110 35.42 18.97 54.50
N ILE C 111 34.80 19.59 53.49
CA ILE C 111 33.77 18.95 52.71
C ILE C 111 34.28 18.70 51.29
N VAL C 112 34.15 17.47 50.83
CA VAL C 112 34.43 17.12 49.44
C VAL C 112 33.10 16.98 48.71
N PHE C 113 32.89 17.76 47.67
CA PHE C 113 31.65 17.68 46.92
C PHE C 113 31.87 17.08 45.54
N ILE C 114 31.04 16.09 45.19
CA ILE C 114 31.13 15.44 43.89
C ILE C 114 29.79 15.53 43.18
N ASP C 115 29.62 16.59 42.39
CA ASP C 115 28.39 16.80 41.63
C ASP C 115 28.27 15.77 40.53
N GLU C 116 27.06 15.56 40.05
CA GLU C 116 26.82 14.63 38.97
C GLU C 116 27.55 13.34 39.25
N ILE C 117 27.24 12.76 40.40
CA ILE C 117 27.94 11.57 40.88
C ILE C 117 27.56 10.32 40.08
N ASP C 118 26.40 10.38 39.43
CA ASP C 118 25.99 9.32 38.53
C ASP C 118 27.03 9.14 37.42
N ALA C 119 27.65 10.25 37.02
CA ALA C 119 28.63 10.23 35.93
C ALA C 119 29.72 9.19 36.18
N VAL C 120 30.11 9.01 37.44
CA VAL C 120 31.17 8.07 37.80
C VAL C 120 30.64 6.80 38.44
N GLY C 121 29.41 6.84 38.94
CA GLY C 121 28.87 5.72 39.71
C GLY C 121 27.78 4.93 38.99
N ARG C 122 28.09 4.40 37.82
CA ARG C 122 27.09 3.68 37.02
C ARG C 122 27.02 2.19 37.36
N GLU C 136 34.98 1.88 35.69
CA GLU C 136 35.45 0.79 36.55
C GLU C 136 36.51 1.28 37.51
N GLN C 137 37.71 1.50 36.98
CA GLN C 137 38.85 1.91 37.79
C GLN C 137 38.52 3.13 38.64
N THR C 138 37.92 4.14 38.01
CA THR C 138 37.67 5.41 38.69
C THR C 138 36.77 5.23 39.90
N LEU C 139 35.67 4.48 39.74
CA LEU C 139 34.77 4.22 40.86
C LEU C 139 35.47 3.35 41.90
N ASN C 140 35.94 2.19 41.48
CA ASN C 140 36.63 1.28 42.37
C ASN C 140 37.58 2.05 43.29
N GLN C 141 38.29 3.02 42.72
CA GLN C 141 39.17 3.85 43.51
C GLN C 141 38.35 4.67 44.49
N LEU C 142 37.32 5.36 44.00
CA LEU C 142 36.44 6.13 44.87
C LEU C 142 36.04 5.27 46.07
N LEU C 143 35.46 4.11 45.80
CA LEU C 143 35.01 3.19 46.85
C LEU C 143 36.08 2.95 47.91
N VAL C 144 37.31 2.68 47.48
CA VAL C 144 38.40 2.35 48.40
C VAL C 144 38.84 3.56 49.25
N GLU C 145 38.77 4.77 48.67
CA GLU C 145 39.07 5.98 49.42
C GLU C 145 38.00 6.18 50.48
N MET C 146 36.74 6.13 50.07
CA MET C 146 35.63 6.28 50.99
C MET C 146 35.88 5.49 52.25
N ASP C 147 36.11 4.20 52.10
CA ASP C 147 36.31 3.34 53.25
C ASP C 147 37.71 3.49 53.83
N GLY C 148 38.58 4.17 53.12
CA GLY C 148 39.96 4.33 53.54
C GLY C 148 40.15 5.46 54.54
N PHE C 149 39.28 6.46 54.49
CA PHE C 149 39.48 7.66 55.32
C PHE C 149 38.77 7.56 56.68
N ASP C 150 39.36 8.23 57.67
CA ASP C 150 38.87 8.19 59.05
C ASP C 150 37.83 9.28 59.27
N SER C 151 36.57 8.86 59.39
CA SER C 151 35.46 9.77 59.65
C SER C 151 35.86 10.82 60.68
N LYS C 152 36.56 10.37 61.71
CA LYS C 152 36.84 11.19 62.88
C LYS C 152 37.79 12.36 62.59
N GLU C 153 38.40 12.36 61.40
CA GLU C 153 39.33 13.42 61.03
C GLU C 153 38.58 14.66 60.51
N GLY C 154 37.25 14.59 60.51
CA GLY C 154 36.43 15.74 60.13
C GLY C 154 36.18 15.84 58.63
N ILE C 155 36.06 14.69 57.98
CA ILE C 155 35.85 14.62 56.54
C ILE C 155 34.46 14.06 56.25
N ILE C 156 33.63 14.84 55.56
CA ILE C 156 32.34 14.35 55.06
C ILE C 156 32.24 14.63 53.57
N VAL C 157 32.02 13.58 52.79
CA VAL C 157 31.87 13.72 51.36
C VAL C 157 30.41 13.87 51.02
N MET C 158 30.09 14.89 50.24
CA MET C 158 28.74 15.08 49.78
C MET C 158 28.69 14.94 48.27
N ALA C 159 27.58 14.42 47.77
CA ALA C 159 27.44 14.15 46.36
C ALA C 159 26.04 14.47 45.94
N ALA C 160 25.87 14.86 44.69
CA ALA C 160 24.57 15.21 44.20
C ALA C 160 24.26 14.40 42.96
N THR C 161 22.97 14.25 42.68
CA THR C 161 22.54 13.58 41.48
C THR C 161 21.04 13.77 41.30
N ASN C 162 20.64 13.91 40.04
CA ASN C 162 19.23 13.83 39.70
C ASN C 162 18.94 12.47 39.05
N ARG C 163 19.90 11.56 39.17
CA ARG C 163 19.81 10.27 38.53
C ARG C 163 20.17 9.16 39.51
N PRO C 164 19.57 9.17 40.69
CA PRO C 164 19.88 8.18 41.72
C PRO C 164 19.70 6.74 41.23
N ASP C 165 18.78 6.53 40.30
CA ASP C 165 18.48 5.18 39.80
C ASP C 165 19.66 4.55 39.05
N ILE C 166 20.60 5.39 38.62
CA ILE C 166 21.72 4.96 37.78
C ILE C 166 22.95 4.55 38.59
N LEU C 167 22.94 4.85 39.88
CA LEU C 167 24.12 4.66 40.71
C LEU C 167 24.35 3.20 41.05
N ASP C 168 25.63 2.85 41.11
CA ASP C 168 26.07 1.55 41.57
C ASP C 168 25.66 1.37 43.03
N PRO C 169 24.97 0.27 43.34
CA PRO C 169 24.45 0.00 44.68
C PRO C 169 25.57 -0.08 45.71
N ALA C 170 26.80 -0.25 45.24
CA ALA C 170 27.97 -0.31 46.14
C ALA C 170 28.28 1.07 46.77
N LEU C 171 27.81 2.16 46.16
CA LEU C 171 28.00 3.52 46.70
C LEU C 171 27.07 3.77 47.88
N LEU C 172 25.92 3.09 47.90
CA LEU C 172 24.91 3.32 48.91
C LEU C 172 25.07 2.37 50.09
N ARG C 173 26.05 1.49 50.02
CA ARG C 173 26.32 0.58 51.11
C ARG C 173 26.74 1.37 52.35
N PRO C 174 26.49 0.82 53.55
CA PRO C 174 26.82 1.50 54.79
C PRO C 174 28.33 1.74 54.91
N GLY C 175 28.69 2.89 55.45
CA GLY C 175 30.10 3.28 55.52
C GLY C 175 30.42 4.12 54.32
N ARG C 176 29.39 4.42 53.54
CA ARG C 176 29.52 5.25 52.37
C ARG C 176 28.32 6.21 52.33
N PHE C 177 27.73 6.40 51.16
CA PHE C 177 26.62 7.30 51.06
C PHE C 177 25.38 6.63 51.60
N ASP C 178 25.38 6.40 52.90
CA ASP C 178 24.30 5.64 53.56
C ASP C 178 23.13 6.52 54.00
N LYS C 179 23.33 7.84 53.99
CA LYS C 179 22.22 8.77 54.18
C LYS C 179 22.08 9.61 52.96
N LYS C 180 20.83 9.89 52.60
CA LYS C 180 20.54 10.74 51.46
C LYS C 180 19.41 11.69 51.78
N ILE C 181 19.50 12.89 51.24
CA ILE C 181 18.48 13.90 51.46
C ILE C 181 17.84 14.23 50.15
N VAL C 182 16.52 14.27 50.15
CA VAL C 182 15.76 14.55 48.95
C VAL C 182 15.42 16.03 48.93
N VAL C 183 15.83 16.71 47.87
CA VAL C 183 15.52 18.13 47.70
C VAL C 183 14.47 18.29 46.61
N ASP C 184 13.30 18.81 46.98
CA ASP C 184 12.17 18.92 46.05
C ASP C 184 12.06 20.31 45.47
N PRO C 185 11.45 20.42 44.28
CA PRO C 185 10.99 21.71 43.80
C PRO C 185 10.19 22.40 44.88
N PRO C 186 10.29 23.73 44.97
CA PRO C 186 9.63 24.50 46.01
C PRO C 186 8.22 24.88 45.65
N ASP C 187 7.31 24.84 46.63
CA ASP C 187 5.94 25.27 46.39
C ASP C 187 5.90 26.79 46.46
N MET C 188 4.72 27.37 46.47
CA MET C 188 4.58 28.83 46.28
C MET C 188 5.36 29.60 47.33
N LEU C 189 5.22 29.19 48.60
CA LEU C 189 5.86 29.87 49.70
C LEU C 189 7.38 29.78 49.58
N GLY C 190 7.87 28.63 49.11
CA GLY C 190 9.30 28.42 48.93
C GLY C 190 9.87 29.24 47.79
N ARG C 191 9.07 29.41 46.74
CA ARG C 191 9.45 30.25 45.61
C ARG C 191 9.57 31.71 46.03
N LYS C 192 8.61 32.18 46.82
CA LYS C 192 8.65 33.54 47.33
C LYS C 192 9.95 33.83 48.08
N LYS C 193 10.38 32.88 48.90
CA LYS C 193 11.61 33.05 49.66
C LYS C 193 12.79 33.14 48.71
N ILE C 194 12.84 32.24 47.74
CA ILE C 194 13.96 32.23 46.81
C ILE C 194 14.00 33.53 46.02
N LEU C 195 12.82 34.07 45.66
CA LEU C 195 12.73 35.39 45.01
C LEU C 195 13.28 36.50 45.91
N GLU C 196 12.90 36.46 47.19
CA GLU C 196 13.33 37.45 48.16
C GLU C 196 14.86 37.45 48.31
N ILE C 197 15.46 36.27 48.22
CA ILE C 197 16.91 36.12 48.40
C ILE C 197 17.67 36.71 47.24
N HIS C 198 17.24 36.42 46.03
CA HIS C 198 17.96 36.87 44.85
C HIS C 198 17.59 38.27 44.49
N THR C 199 16.80 38.91 45.35
CA THR C 199 16.35 40.25 45.14
C THR C 199 16.88 41.17 46.27
N ARG C 200 17.54 40.55 47.26
CA ARG C 200 18.08 41.27 48.42
C ARG C 200 18.81 42.54 48.03
N ASN C 201 19.78 42.40 47.13
CA ASN C 201 20.65 43.50 46.80
C ASN C 201 20.25 44.15 45.48
N LYS C 202 18.98 43.95 45.09
CA LYS C 202 18.41 44.57 43.89
C LYS C 202 17.42 45.70 44.27
N PRO C 203 17.30 46.72 43.40
CA PRO C 203 16.44 47.90 43.67
C PRO C 203 15.00 47.72 43.13
N LEU C 204 14.08 47.37 44.02
CA LEU C 204 12.73 47.05 43.62
C LEU C 204 11.84 48.27 43.66
N ALA C 205 10.93 48.36 42.70
CA ALA C 205 9.87 49.33 42.73
C ALA C 205 8.93 48.93 43.85
N GLU C 206 8.12 49.87 44.33
CA GLU C 206 7.21 49.58 45.42
C GLU C 206 6.12 48.59 44.98
N ASP C 207 5.75 48.65 43.71
CA ASP C 207 4.60 47.90 43.22
C ASP C 207 4.90 46.42 43.14
N VAL C 208 6.18 46.06 43.21
CA VAL C 208 6.61 44.67 43.06
C VAL C 208 6.04 43.77 44.16
N ASN C 209 5.27 42.77 43.76
CA ASN C 209 4.73 41.82 44.73
C ASN C 209 5.22 40.40 44.45
N LEU C 210 6.25 39.98 45.17
CA LEU C 210 6.85 38.66 44.92
C LEU C 210 5.82 37.57 45.15
N GLU C 211 4.90 37.80 46.09
CA GLU C 211 3.81 36.86 46.32
C GLU C 211 3.23 36.42 45.00
N ILE C 212 2.61 37.37 44.28
CA ILE C 212 1.97 37.07 43.01
C ILE C 212 2.94 36.34 42.07
N ILE C 213 4.20 36.76 42.08
CA ILE C 213 5.20 36.14 41.23
C ILE C 213 5.42 34.67 41.57
N ALA C 214 5.48 34.36 42.87
CA ALA C 214 5.59 32.97 43.30
C ALA C 214 4.35 32.18 42.85
N LYS C 215 3.17 32.77 43.00
CA LYS C 215 1.94 32.12 42.61
C LYS C 215 1.91 31.85 41.11
N ARG C 216 2.47 32.76 40.32
CA ARG C 216 2.37 32.68 38.87
C ARG C 216 3.54 31.92 38.24
N THR C 217 4.39 31.34 39.09
CA THR C 217 5.54 30.56 38.59
C THR C 217 5.49 29.12 39.10
N PRO C 218 4.41 28.39 38.79
CA PRO C 218 4.34 27.00 39.19
C PRO C 218 5.37 26.17 38.43
N GLY C 219 6.16 25.38 39.15
CA GLY C 219 7.11 24.46 38.52
C GLY C 219 8.52 24.99 38.51
N PHE C 220 8.66 26.29 38.67
CA PHE C 220 9.97 26.92 38.66
C PHE C 220 10.81 26.44 39.84
N VAL C 221 12.08 26.16 39.58
CA VAL C 221 13.02 25.83 40.65
C VAL C 221 13.82 27.09 40.99
N GLY C 222 14.76 26.95 41.92
CA GLY C 222 15.62 28.06 42.31
C GLY C 222 16.35 28.63 41.11
N ALA C 223 17.03 27.77 40.37
CA ALA C 223 17.81 28.20 39.22
C ALA C 223 16.95 29.06 38.28
N ASP C 224 15.73 28.60 38.04
CA ASP C 224 14.85 29.28 37.12
C ASP C 224 14.43 30.61 37.70
N LEU C 225 14.26 30.68 39.00
CA LEU C 225 13.85 31.93 39.64
C LEU C 225 15.00 32.94 39.66
N GLU C 226 16.20 32.49 39.98
CA GLU C 226 17.34 33.35 39.87
C GLU C 226 17.37 33.94 38.48
N ASN C 227 16.96 33.15 37.50
CA ASN C 227 17.04 33.55 36.10
C ASN C 227 15.96 34.55 35.76
N LEU C 228 14.76 34.28 36.22
CA LEU C 228 13.68 35.22 36.02
C LEU C 228 14.09 36.56 36.57
N VAL C 229 14.70 36.57 37.75
CA VAL C 229 15.09 37.81 38.38
C VAL C 229 16.07 38.57 37.50
N ASN C 230 17.04 37.86 36.93
CA ASN C 230 18.00 38.52 36.05
C ASN C 230 17.31 39.09 34.83
N GLU C 231 16.36 38.33 34.28
CA GLU C 231 15.61 38.78 33.09
C GLU C 231 14.77 40.03 33.39
N ALA C 232 14.30 40.17 34.63
CA ALA C 232 13.60 41.39 35.04
C ALA C 232 14.57 42.55 35.03
N ALA C 233 15.73 42.37 35.65
CA ALA C 233 16.76 43.41 35.72
C ALA C 233 17.12 43.92 34.35
N LEU C 234 17.29 42.98 33.41
CA LEU C 234 17.64 43.32 32.03
C LEU C 234 16.59 44.19 31.38
N LEU C 235 15.32 43.91 31.65
CA LEU C 235 14.23 44.72 31.07
C LEU C 235 14.29 46.15 31.59
N ALA C 236 14.67 46.28 32.87
CA ALA C 236 14.86 47.59 33.47
C ALA C 236 16.03 48.32 32.82
N ALA C 237 17.19 47.65 32.79
CA ALA C 237 18.41 48.23 32.24
C ALA C 237 18.23 48.63 30.80
N ARG C 238 17.55 47.80 30.02
CA ARG C 238 17.33 48.12 28.63
C ARG C 238 16.74 49.51 28.52
N GLU C 239 15.75 49.79 29.36
CA GLU C 239 15.05 51.07 29.30
C GLU C 239 15.76 52.12 30.10
N GLY C 240 16.89 51.75 30.71
CA GLY C 240 17.70 52.69 31.49
C GLY C 240 17.14 53.05 32.86
N ARG C 241 16.31 52.18 33.43
CA ARG C 241 15.65 52.48 34.69
C ARG C 241 16.42 51.99 35.93
N ASP C 242 16.14 52.60 37.08
CA ASP C 242 16.91 52.35 38.30
C ASP C 242 16.18 51.45 39.31
N LYS C 243 14.87 51.29 39.12
CA LYS C 243 14.06 50.39 39.95
C LYS C 243 13.44 49.30 39.04
N ILE C 244 13.47 48.05 39.48
CA ILE C 244 12.78 47.01 38.75
C ILE C 244 11.33 46.98 39.17
N THR C 245 10.45 47.06 38.16
CA THR C 245 9.01 47.22 38.41
C THR C 245 8.33 45.87 38.30
N MET C 246 7.07 45.84 38.75
CA MET C 246 6.24 44.63 38.66
C MET C 246 5.99 44.21 37.21
N LYS C 247 5.80 45.17 36.33
CA LYS C 247 5.67 44.86 34.90
C LYS C 247 6.88 44.13 34.42
N ASP C 248 8.04 44.51 34.92
CA ASP C 248 9.29 43.87 34.55
C ASP C 248 9.34 42.38 34.96
N PHE C 249 8.82 42.05 36.13
CA PHE C 249 8.73 40.65 36.54
C PHE C 249 7.67 39.88 35.72
N GLU C 250 6.49 40.49 35.54
CA GLU C 250 5.45 39.89 34.73
C GLU C 250 6.01 39.53 33.36
N GLU C 251 6.66 40.50 32.72
CA GLU C 251 7.20 40.33 31.37
C GLU C 251 8.30 39.26 31.32
N ALA C 252 9.06 39.16 32.40
CA ALA C 252 10.20 38.25 32.44
C ALA C 252 9.74 36.78 32.37
N ILE C 253 8.73 36.44 33.18
CA ILE C 253 8.18 35.09 33.21
C ILE C 253 7.99 34.58 31.80
N ASP C 254 7.35 35.38 30.96
CA ASP C 254 7.03 34.97 29.61
C ASP C 254 8.27 34.75 28.77
N ARG C 255 9.38 35.35 29.16
CA ARG C 255 10.61 35.17 28.40
C ARG C 255 11.23 33.82 28.71
N VAL C 256 11.22 33.42 29.97
CA VAL C 256 11.81 32.14 30.35
C VAL C 256 10.98 30.91 29.92
N ILE C 257 9.64 31.03 29.99
CA ILE C 257 8.75 29.89 29.72
C ILE C 257 9.14 29.18 28.44
N LEU C 266 3.73 22.66 33.68
CA LEU C 266 2.41 22.76 34.30
C LEU C 266 1.61 21.46 34.05
N ILE C 267 0.53 21.26 34.81
CA ILE C 267 -0.26 20.00 34.77
C ILE C 267 -1.77 20.23 34.84
N SER C 268 -2.51 19.40 34.09
CA SER C 268 -3.98 19.54 34.02
C SER C 268 -4.67 18.53 34.95
N PRO C 269 -5.90 18.88 35.39
CA PRO C 269 -6.70 18.12 36.37
C PRO C 269 -7.26 16.83 35.80
N ALA C 270 -7.00 16.58 34.52
CA ALA C 270 -7.18 15.26 33.93
C ALA C 270 -5.83 14.56 33.89
N GLU C 271 -4.76 15.34 33.73
CA GLU C 271 -3.41 14.76 33.75
C GLU C 271 -2.98 14.43 35.18
N LYS C 272 -3.31 15.31 36.12
CA LYS C 272 -3.16 15.02 37.53
C LYS C 272 -3.70 13.63 37.81
N ARG C 273 -4.92 13.36 37.35
CA ARG C 273 -5.56 12.07 37.56
C ARG C 273 -4.61 10.95 37.13
N ILE C 274 -4.10 11.05 35.91
CA ILE C 274 -3.35 9.93 35.37
C ILE C 274 -2.12 9.66 36.20
N ILE C 275 -1.37 10.71 36.47
CA ILE C 275 -0.22 10.61 37.35
C ILE C 275 -0.64 9.90 38.64
N ALA C 276 -1.82 10.26 39.13
CA ALA C 276 -2.30 9.70 40.36
C ALA C 276 -2.47 8.21 40.19
N TYR C 277 -3.11 7.82 39.09
CA TYR C 277 -3.36 6.42 38.83
C TYR C 277 -2.06 5.63 38.58
N HIS C 278 -1.10 6.27 37.94
CA HIS C 278 0.19 5.65 37.69
C HIS C 278 0.91 5.38 39.02
N GLU C 279 0.98 6.38 39.88
CA GLU C 279 1.67 6.20 41.15
C GLU C 279 0.94 5.21 42.07
N ALA C 280 -0.38 5.35 42.17
CA ALA C 280 -1.19 4.36 42.88
C ALA C 280 -0.87 2.98 42.38
N GLY C 281 -0.73 2.87 41.07
CA GLY C 281 -0.44 1.61 40.43
C GLY C 281 0.79 0.98 40.99
N HIS C 282 1.89 1.74 40.99
CA HIS C 282 3.14 1.23 41.50
C HIS C 282 2.88 0.74 42.93
N ALA C 283 2.18 1.57 43.70
CA ALA C 283 1.92 1.29 45.10
C ALA C 283 1.17 -0.04 45.29
N VAL C 284 0.06 -0.20 44.57
CA VAL C 284 -0.82 -1.35 44.75
C VAL C 284 -0.11 -2.65 44.42
N VAL C 285 0.54 -2.69 43.25
CA VAL C 285 1.28 -3.88 42.83
C VAL C 285 2.40 -4.20 43.82
N SER C 286 3.13 -3.21 44.27
CA SER C 286 4.23 -3.43 45.21
C SER C 286 3.73 -3.98 46.52
N THR C 287 2.57 -3.53 46.95
CA THR C 287 2.07 -4.02 48.20
C THR C 287 1.64 -5.47 48.02
N VAL C 288 0.99 -5.78 46.90
CA VAL C 288 0.37 -7.10 46.74
C VAL C 288 1.37 -8.19 46.43
N VAL C 289 2.29 -7.88 45.53
CA VAL C 289 3.34 -8.81 45.13
C VAL C 289 4.17 -9.15 46.36
N PRO C 290 4.43 -10.45 46.58
CA PRO C 290 5.00 -10.95 47.85
C PRO C 290 6.40 -10.45 48.16
N ASN C 291 7.23 -10.28 47.14
CA ASN C 291 8.60 -9.80 47.33
C ASN C 291 8.76 -8.29 47.13
N GLY C 292 7.65 -7.60 46.95
CA GLY C 292 7.66 -6.13 46.78
C GLY C 292 8.45 -5.32 47.82
N GLU C 293 8.99 -4.20 47.35
CA GLU C 293 9.71 -3.24 48.19
C GLU C 293 8.71 -2.47 49.06
N PRO C 294 8.84 -2.59 50.38
CA PRO C 294 7.99 -1.80 51.25
C PRO C 294 7.76 -0.41 50.66
N VAL C 295 6.57 0.14 50.84
CA VAL C 295 6.24 1.45 50.29
C VAL C 295 6.16 2.46 51.41
N HIS C 296 7.10 3.41 51.43
CA HIS C 296 7.15 4.39 52.52
C HIS C 296 6.49 5.70 52.14
N ARG C 297 6.48 6.04 50.86
CA ARG C 297 5.81 7.25 50.41
C ARG C 297 5.47 7.23 48.94
N ILE C 298 4.33 7.84 48.63
CA ILE C 298 3.92 8.08 47.24
C ILE C 298 3.62 9.57 47.10
N SER C 299 3.75 10.09 45.89
CA SER C 299 3.64 11.53 45.67
C SER C 299 3.37 11.84 44.21
N ILE C 300 2.68 12.94 43.99
CA ILE C 300 2.34 13.37 42.66
C ILE C 300 2.96 14.71 42.35
N ILE C 301 3.82 15.19 43.25
CA ILE C 301 4.63 16.34 42.93
C ILE C 301 5.40 16.02 41.66
N PRO C 302 5.18 16.82 40.61
CA PRO C 302 5.70 16.59 39.25
C PRO C 302 6.97 15.75 39.22
N ARG C 303 8.04 16.28 39.80
CA ARG C 303 9.28 15.55 39.89
C ARG C 303 9.88 15.74 41.29
N GLY C 304 9.25 15.12 42.27
CA GLY C 304 9.88 14.87 43.54
C GLY C 304 10.51 13.50 43.42
N TYR C 305 11.68 13.32 43.99
CA TYR C 305 12.32 12.02 43.95
C TYR C 305 11.89 11.18 45.15
N LYS C 306 10.77 11.60 45.74
CA LYS C 306 10.16 10.89 46.87
C LYS C 306 9.08 9.91 46.37
N ALA C 307 8.61 10.12 45.14
CA ALA C 307 7.59 9.27 44.56
C ALA C 307 8.08 7.83 44.64
N LEU C 308 7.15 6.89 44.71
CA LEU C 308 7.45 5.48 44.57
C LEU C 308 7.94 5.14 43.15
N GLY C 309 7.43 5.86 42.16
CA GLY C 309 7.81 5.62 40.78
C GLY C 309 9.31 5.69 40.57
N TYR C 310 9.94 6.67 41.21
CA TYR C 310 11.39 6.77 41.23
C TYR C 310 12.00 5.65 42.12
N THR C 311 11.49 5.54 43.34
CA THR C 311 12.03 4.59 44.33
C THR C 311 12.28 3.22 43.71
N LEU C 312 11.26 2.71 43.03
CA LEU C 312 11.33 1.42 42.38
C LEU C 312 12.52 1.31 41.46
N HIS C 313 13.05 2.45 41.03
CA HIS C 313 14.15 2.50 40.08
C HIS C 313 15.48 2.56 40.79
N LEU C 314 15.44 2.63 42.11
CA LEU C 314 16.64 2.67 42.89
C LEU C 314 17.20 1.25 43.03
N PRO C 315 18.55 1.13 43.06
CA PRO C 315 19.28 -0.14 43.16
C PRO C 315 19.18 -0.72 44.57
N GLU C 316 19.19 -2.05 44.68
CA GLU C 316 19.10 -2.68 46.00
C GLU C 316 20.36 -2.39 46.80
N GLU C 317 20.17 -1.76 47.96
CA GLU C 317 21.27 -1.35 48.83
C GLU C 317 21.38 -2.28 50.05
N ASP C 318 20.33 -3.07 50.30
CA ASP C 318 20.28 -3.91 51.50
C ASP C 318 20.90 -5.28 51.24
N LYS C 319 20.51 -5.92 50.13
CA LYS C 319 20.94 -7.29 49.84
C LYS C 319 22.06 -7.31 48.83
N TYR C 320 22.76 -8.42 48.74
CA TYR C 320 23.74 -8.64 47.68
C TYR C 320 23.14 -9.57 46.64
N LEU C 321 22.46 -10.61 47.11
CA LEU C 321 21.83 -11.61 46.25
C LEU C 321 20.43 -11.23 45.92
N VAL C 322 19.99 -11.57 44.73
CA VAL C 322 18.60 -11.43 44.39
C VAL C 322 18.17 -12.66 43.62
N SER C 323 16.94 -13.10 43.89
CA SER C 323 16.42 -14.34 43.36
C SER C 323 15.53 -14.06 42.21
N ARG C 324 15.29 -15.06 41.38
CA ARG C 324 14.52 -14.87 40.18
C ARG C 324 13.13 -14.37 40.51
N ASN C 325 12.51 -14.94 41.55
CA ASN C 325 11.17 -14.49 41.93
C ASN C 325 11.15 -13.03 42.41
N GLU C 326 12.16 -12.63 43.19
CA GLU C 326 12.30 -11.23 43.60
C GLU C 326 12.32 -10.33 42.37
N LEU C 327 13.08 -10.70 41.36
CA LEU C 327 13.18 -9.87 40.20
C LEU C 327 11.86 -9.80 39.47
N LEU C 328 11.17 -10.95 39.36
CA LEU C 328 9.88 -11.00 38.68
C LEU C 328 8.89 -10.15 39.39
N ASP C 329 8.93 -10.18 40.72
CA ASP C 329 8.07 -9.32 41.52
C ASP C 329 8.45 -7.84 41.35
N LYS C 330 9.76 -7.54 41.40
CA LYS C 330 10.23 -6.19 41.19
C LYS C 330 9.85 -5.71 39.79
N LEU C 331 9.93 -6.59 38.79
CA LEU C 331 9.61 -6.23 37.44
C LEU C 331 8.16 -5.84 37.31
N THR C 332 7.33 -6.59 38.02
CA THR C 332 5.90 -6.45 37.97
C THR C 332 5.45 -5.17 38.65
N ALA C 333 6.15 -4.79 39.69
CA ALA C 333 5.85 -3.54 40.32
C ALA C 333 6.20 -2.38 39.35
N LEU C 334 7.34 -2.49 38.66
CA LEU C 334 7.76 -1.45 37.73
C LEU C 334 6.69 -1.18 36.70
N LEU C 335 6.03 -2.23 36.24
CA LEU C 335 5.01 -2.08 35.22
C LEU C 335 3.62 -1.75 35.78
N GLY C 336 3.53 -1.55 37.09
CA GLY C 336 2.24 -1.33 37.73
C GLY C 336 1.65 0.03 37.37
N GLY C 337 2.51 1.01 37.19
CA GLY C 337 2.05 2.32 36.79
C GLY C 337 1.37 2.25 35.47
N ARG C 338 1.97 1.54 34.52
CA ARG C 338 1.37 1.41 33.20
C ARG C 338 0.15 0.52 33.22
N ALA C 339 0.22 -0.54 34.00
CA ALA C 339 -0.90 -1.44 34.14
C ALA C 339 -2.13 -0.67 34.55
N ALA C 340 -1.96 0.23 35.51
CA ALA C 340 -3.04 1.04 36.03
C ALA C 340 -3.64 1.90 34.93
N GLU C 341 -2.78 2.53 34.14
CA GLU C 341 -3.24 3.46 33.11
C GLU C 341 -4.09 2.77 32.09
N GLU C 342 -3.70 1.56 31.73
CA GLU C 342 -4.37 0.88 30.67
C GLU C 342 -5.71 0.34 31.16
N VAL C 343 -5.70 -0.26 32.33
CA VAL C 343 -6.90 -0.84 32.91
C VAL C 343 -7.96 0.24 33.14
N VAL C 344 -7.54 1.36 33.68
CA VAL C 344 -8.49 2.39 34.08
C VAL C 344 -8.86 3.35 32.92
N PHE C 345 -7.95 3.55 31.97
CA PHE C 345 -8.17 4.55 30.93
C PHE C 345 -8.33 3.95 29.57
N GLY C 346 -7.96 2.71 29.43
CA GLY C 346 -8.14 2.04 28.15
C GLY C 346 -6.99 2.31 27.22
N ASP C 347 -6.31 3.44 27.38
CA ASP C 347 -5.03 3.60 26.71
C ASP C 347 -3.86 3.94 27.65
N VAL C 348 -2.76 4.39 27.07
CA VAL C 348 -1.49 4.43 27.73
C VAL C 348 -0.82 5.75 27.35
N THR C 349 0.09 6.24 28.19
CA THR C 349 0.77 7.51 27.89
C THR C 349 2.26 7.32 27.89
N SER C 350 3.02 8.36 27.58
CA SER C 350 4.46 8.22 27.51
C SER C 350 5.04 8.11 28.91
N GLY C 351 4.18 8.33 29.89
CA GLY C 351 4.60 8.39 31.30
C GLY C 351 5.45 7.23 31.71
N ALA C 352 5.19 6.06 31.15
CA ALA C 352 5.84 4.85 31.60
C ALA C 352 7.11 4.50 30.80
N ALA C 353 7.63 5.43 30.01
CA ALA C 353 8.83 5.11 29.23
C ALA C 353 9.98 4.58 30.11
N ASN C 354 10.30 5.27 31.18
CA ASN C 354 11.43 4.90 31.98
C ASN C 354 11.20 3.56 32.69
N ASP C 355 9.95 3.27 33.03
CA ASP C 355 9.63 2.02 33.69
C ASP C 355 9.84 0.89 32.71
N ILE C 356 9.44 1.11 31.47
CA ILE C 356 9.60 0.14 30.41
C ILE C 356 11.09 -0.13 30.17
N GLU C 357 11.87 0.95 30.05
CA GLU C 357 13.31 0.81 29.85
C GLU C 357 13.95 0.06 31.02
N ARG C 358 13.50 0.30 32.23
CA ARG C 358 14.10 -0.35 33.36
C ARG C 358 13.69 -1.80 33.41
N ALA C 359 12.41 -2.05 33.16
CA ALA C 359 11.92 -3.42 33.13
C ALA C 359 12.73 -4.24 32.14
N THR C 360 12.97 -3.67 30.97
CA THR C 360 13.58 -4.40 29.87
C THR C 360 15.05 -4.74 30.20
N GLU C 361 15.77 -3.79 30.80
CA GLU C 361 17.13 -4.05 31.25
C GLU C 361 17.20 -5.24 32.19
N ILE C 362 16.19 -5.39 33.04
CA ILE C 362 16.25 -6.39 34.05
C ILE C 362 15.98 -7.70 33.42
N ALA C 363 15.03 -7.72 32.49
CA ALA C 363 14.75 -8.92 31.72
C ALA C 363 16.00 -9.39 30.94
N ARG C 364 16.67 -8.47 30.27
CA ARG C 364 17.82 -8.87 29.47
C ARG C 364 18.86 -9.46 30.36
N ASN C 365 18.96 -8.89 31.52
CA ASN C 365 19.96 -9.27 32.43
C ASN C 365 19.64 -10.66 32.99
N MET C 366 18.36 -10.97 33.13
CA MET C 366 17.98 -12.24 33.66
C MET C 366 18.36 -13.29 32.69
N VAL C 367 18.15 -12.98 31.42
CA VAL C 367 18.35 -13.91 30.36
C VAL C 367 19.80 -14.03 29.92
N CYS C 368 20.53 -12.92 29.81
CA CYS C 368 21.90 -12.99 29.24
C CYS C 368 23.03 -13.04 30.28
N GLN C 369 22.71 -12.80 31.54
CA GLN C 369 23.75 -12.77 32.55
C GLN C 369 23.51 -13.67 33.73
N LEU C 370 22.25 -13.78 34.15
CA LEU C 370 21.94 -14.53 35.36
C LEU C 370 21.50 -15.96 35.06
N GLY C 371 21.37 -16.31 33.80
CA GLY C 371 21.00 -17.67 33.47
C GLY C 371 19.65 -18.02 34.00
N MET C 372 18.75 -17.05 33.95
CA MET C 372 17.43 -17.25 34.50
C MET C 372 16.37 -17.51 33.46
N SER C 373 16.77 -17.94 32.28
CA SER C 373 15.76 -18.30 31.28
C SER C 373 15.64 -19.79 31.07
N GLU C 374 14.41 -20.19 30.80
CA GLU C 374 14.07 -21.57 30.38
C GLU C 374 14.98 -22.11 29.27
N GLU C 375 14.93 -21.46 28.13
CA GLU C 375 15.44 -22.05 26.93
C GLU C 375 16.90 -21.80 26.72
N LEU C 376 17.42 -20.72 27.31
CA LEU C 376 18.80 -20.34 27.06
C LEU C 376 19.82 -20.96 27.98
N GLY C 377 19.39 -21.53 29.10
CA GLY C 377 20.31 -22.24 29.97
C GLY C 377 21.17 -21.29 30.78
N PRO C 378 22.01 -21.85 31.68
CA PRO C 378 22.96 -21.14 32.53
C PRO C 378 24.16 -20.65 31.77
N LEU C 379 23.95 -19.79 30.78
CA LEU C 379 25.00 -19.30 29.94
C LEU C 379 25.02 -17.79 29.90
N ALA C 380 26.21 -17.23 29.79
CA ALA C 380 26.39 -15.82 29.61
C ALA C 380 26.43 -15.49 28.14
N TRP C 381 25.41 -14.79 27.66
CA TRP C 381 25.35 -14.36 26.29
C TRP C 381 25.60 -12.85 26.16
N GLY C 382 26.81 -12.48 25.73
CA GLY C 382 27.14 -11.06 25.50
C GLY C 382 28.60 -10.76 25.76
N ARG C 398 28.06 -8.00 20.75
CA ARG C 398 27.51 -9.32 21.08
C ARG C 398 28.39 -10.47 20.54
N ASN C 399 28.34 -11.57 21.28
CA ASN C 399 29.21 -12.75 21.10
C ASN C 399 28.53 -13.90 20.40
N TYR C 400 27.36 -13.68 19.82
CA TYR C 400 26.53 -14.81 19.49
C TYR C 400 25.69 -14.62 18.24
N SER C 401 25.11 -15.71 17.77
CA SER C 401 24.48 -15.79 16.45
C SER C 401 23.14 -15.09 16.41
N GLU C 402 22.68 -14.83 15.19
CA GLU C 402 21.40 -14.22 14.96
C GLU C 402 20.31 -15.12 15.55
N GLU C 403 20.55 -16.42 15.47
CA GLU C 403 19.58 -17.40 15.92
C GLU C 403 19.39 -17.35 17.43
N VAL C 404 20.46 -17.06 18.14
CA VAL C 404 20.39 -16.83 19.57
C VAL C 404 19.79 -15.45 19.84
N ALA C 405 20.24 -14.45 19.08
CA ALA C 405 19.77 -13.09 19.26
C ALA C 405 18.26 -13.12 19.32
N SER C 406 17.69 -13.96 18.48
CA SER C 406 16.26 -14.06 18.33
C SER C 406 15.59 -14.72 19.52
N LYS C 407 16.20 -15.79 20.03
CA LYS C 407 15.64 -16.48 21.20
C LYS C 407 15.68 -15.56 22.40
N ILE C 408 16.77 -14.83 22.56
CA ILE C 408 16.88 -13.87 23.62
C ILE C 408 15.72 -12.89 23.56
N ASP C 409 15.51 -12.29 22.41
CA ASP C 409 14.42 -11.36 22.29
C ASP C 409 13.09 -12.03 22.63
N GLU C 410 12.83 -13.21 22.10
CA GLU C 410 11.64 -13.94 22.46
C GLU C 410 11.52 -14.10 23.97
N GLU C 411 12.60 -14.50 24.63
CA GLU C 411 12.56 -14.77 26.03
C GLU C 411 12.34 -13.52 26.85
N VAL C 412 13.07 -12.46 26.54
CA VAL C 412 12.89 -11.18 27.22
C VAL C 412 11.46 -10.64 27.07
N LYS C 413 10.93 -10.70 25.87
CA LYS C 413 9.55 -10.28 25.66
C LYS C 413 8.58 -11.13 26.50
N LYS C 414 8.88 -12.41 26.61
CA LYS C 414 8.02 -13.30 27.33
C LYS C 414 7.94 -12.86 28.78
N ILE C 415 9.08 -12.56 29.35
CA ILE C 415 9.12 -12.26 30.77
C ILE C 415 8.34 -10.98 31.05
N VAL C 416 8.66 -9.96 30.29
CA VAL C 416 8.09 -8.66 30.52
C VAL C 416 6.59 -8.69 30.27
N THR C 417 6.18 -9.42 29.27
CA THR C 417 4.79 -9.49 28.98
C THR C 417 4.01 -10.17 30.08
N ASN C 418 4.53 -11.28 30.56
CA ASN C 418 3.85 -12.05 31.57
C ASN C 418 3.73 -11.19 32.82
N CYS C 419 4.80 -10.47 33.12
CA CYS C 419 4.86 -9.60 34.26
C CYS C 419 3.90 -8.42 34.11
N TYR C 420 3.79 -7.90 32.92
CA TYR C 420 2.84 -6.85 32.63
C TYR C 420 1.40 -7.32 32.85
N GLU C 421 1.08 -8.51 32.34
CA GLU C 421 -0.27 -9.08 32.46
C GLU C 421 -0.59 -9.46 33.94
N ARG C 422 0.45 -9.73 34.72
CA ARG C 422 0.26 -9.98 36.14
C ARG C 422 -0.12 -8.69 36.82
N ALA C 423 0.54 -7.60 36.43
CA ALA C 423 0.28 -6.31 37.04
C ALA C 423 -1.17 -5.91 36.77
N LYS C 424 -1.65 -6.21 35.58
CA LYS C 424 -3.01 -5.89 35.26
C LYS C 424 -4.02 -6.76 36.03
N GLU C 425 -3.74 -8.03 36.22
CA GLU C 425 -4.62 -8.88 37.04
C GLU C 425 -4.77 -8.26 38.43
N ILE C 426 -3.67 -7.73 38.93
CA ILE C 426 -3.61 -7.21 40.27
C ILE C 426 -4.40 -5.93 40.36
N ILE C 427 -4.17 -5.03 39.41
CA ILE C 427 -4.88 -3.78 39.39
C ILE C 427 -6.37 -4.04 39.39
N ARG C 428 -6.81 -4.92 38.52
CA ARG C 428 -8.21 -5.14 38.34
C ARG C 428 -8.78 -5.75 39.59
N LYS C 429 -8.03 -6.67 40.17
CA LYS C 429 -8.43 -7.34 41.39
C LYS C 429 -8.49 -6.38 42.57
N TYR C 430 -7.67 -5.34 42.57
CA TYR C 430 -7.64 -4.39 43.67
C TYR C 430 -8.06 -3.01 43.22
N ARG C 431 -8.99 -2.97 42.28
CA ARG C 431 -9.41 -1.71 41.70
C ARG C 431 -9.92 -0.72 42.76
N LYS C 432 -10.73 -1.20 43.69
CA LYS C 432 -11.29 -0.34 44.69
C LYS C 432 -10.19 0.35 45.51
N GLN C 433 -9.20 -0.43 45.95
CA GLN C 433 -8.08 0.13 46.71
C GLN C 433 -7.38 1.16 45.86
N LEU C 434 -7.15 0.82 44.61
CA LEU C 434 -6.52 1.71 43.68
C LEU C 434 -7.29 3.02 43.67
N ASP C 435 -8.59 2.94 43.48
CA ASP C 435 -9.45 4.12 43.43
C ASP C 435 -9.31 4.94 44.72
N ASN C 436 -9.30 4.26 45.85
CA ASN C 436 -9.24 4.92 47.13
C ASN C 436 -7.93 5.67 47.33
N ILE C 437 -6.83 5.03 46.95
CA ILE C 437 -5.51 5.63 47.08
C ILE C 437 -5.36 6.88 46.21
N VAL C 438 -5.91 6.82 45.01
CA VAL C 438 -5.91 7.97 44.12
C VAL C 438 -6.64 9.13 44.79
N GLU C 439 -7.84 8.85 45.28
CA GLU C 439 -8.69 9.87 45.92
C GLU C 439 -7.88 10.68 46.93
N ILE C 440 -7.14 9.99 47.78
CA ILE C 440 -6.33 10.63 48.79
C ILE C 440 -5.19 11.38 48.13
N LEU C 441 -4.50 10.70 47.23
CA LEU C 441 -3.33 11.23 46.56
C LEU C 441 -3.69 12.56 45.94
N LEU C 442 -4.81 12.59 45.22
CA LEU C 442 -5.26 13.80 44.53
C LEU C 442 -5.31 14.93 45.53
N GLU C 443 -5.81 14.60 46.72
CA GLU C 443 -6.06 15.58 47.75
C GLU C 443 -4.77 15.98 48.47
N LYS C 444 -4.07 15.01 49.04
CA LYS C 444 -2.91 15.27 49.90
C LYS C 444 -1.59 15.51 49.16
N GLU C 445 -1.41 14.92 47.97
CA GLU C 445 -0.22 15.15 47.14
C GLU C 445 1.00 14.31 47.51
N THR C 446 1.22 14.11 48.80
CA THR C 446 2.35 13.34 49.26
C THR C 446 2.05 12.63 50.57
N ILE C 447 2.15 11.31 50.57
CA ILE C 447 1.89 10.52 51.77
C ILE C 447 3.16 9.79 52.22
N GLU C 448 3.47 9.88 53.50
CA GLU C 448 4.86 9.77 53.93
C GLU C 448 5.19 8.55 54.82
N GLY C 449 4.69 8.55 56.05
CA GLY C 449 5.12 7.57 57.06
C GLY C 449 4.00 6.83 57.76
N ASP C 450 3.87 7.07 59.06
CA ASP C 450 2.86 6.38 59.88
C ASP C 450 1.48 6.48 59.25
N GLU C 451 1.20 7.61 58.62
CA GLU C 451 -0.05 7.79 57.91
C GLU C 451 -0.15 6.86 56.66
N LEU C 452 0.91 6.81 55.86
CA LEU C 452 0.87 5.98 54.68
C LEU C 452 0.53 4.53 55.06
N ARG C 453 1.03 4.10 56.21
CA ARG C 453 0.94 2.70 56.63
C ARG C 453 -0.44 2.35 57.18
N ARG C 454 -1.08 3.32 57.83
CA ARG C 454 -2.48 3.14 58.27
C ARG C 454 -3.32 2.77 57.07
N ILE C 455 -3.13 3.52 55.98
CA ILE C 455 -4.02 3.46 54.83
C ILE C 455 -3.79 2.20 54.01
N LEU C 456 -2.54 1.84 53.78
CA LEU C 456 -2.24 0.59 53.10
C LEU C 456 -2.74 -0.59 53.93
N SER C 457 -2.72 -0.46 55.25
CA SER C 457 -3.17 -1.54 56.10
C SER C 457 -4.69 -1.69 56.12
N GLU C 458 -5.39 -0.59 56.39
CA GLU C 458 -6.85 -0.55 56.27
C GLU C 458 -7.26 -1.24 54.98
N GLU C 459 -6.53 -0.91 53.92
CA GLU C 459 -6.93 -1.24 52.57
C GLU C 459 -6.57 -2.67 52.20
N PHE C 460 -5.45 -3.18 52.72
CA PHE C 460 -5.01 -4.56 52.46
C PHE C 460 -4.86 -5.41 53.74
N GLU C 461 -5.83 -5.30 54.66
CA GLU C 461 -5.77 -6.06 55.92
C GLU C 461 -6.49 -7.41 55.80
N TYR D 5 -28.37 -49.20 -32.32
CA TYR D 5 -27.66 -48.14 -33.10
C TYR D 5 -28.04 -48.22 -34.58
N LYS D 6 -28.55 -47.10 -35.12
CA LYS D 6 -29.00 -47.05 -36.50
C LYS D 6 -28.32 -45.97 -37.29
N PRO D 7 -28.16 -46.18 -38.60
CA PRO D 7 -27.56 -45.17 -39.44
C PRO D 7 -28.43 -43.94 -39.44
N SER D 8 -27.81 -42.78 -39.66
CA SER D 8 -28.50 -41.49 -39.55
C SER D 8 -29.57 -41.33 -40.61
N GLY D 9 -30.60 -40.56 -40.28
CA GLY D 9 -31.69 -40.28 -41.20
C GLY D 9 -31.63 -38.88 -41.76
N ASN D 10 -30.48 -38.23 -41.60
CA ASN D 10 -30.30 -36.86 -42.11
C ASN D 10 -30.07 -36.81 -43.62
N LYS D 11 -30.13 -35.61 -44.19
CA LYS D 11 -29.86 -35.41 -45.63
C LYS D 11 -28.43 -35.75 -45.95
N ARG D 12 -28.25 -36.61 -46.94
CA ARG D 12 -26.93 -36.92 -47.48
C ARG D 12 -26.24 -35.69 -48.05
N VAL D 13 -24.96 -35.54 -47.76
CA VAL D 13 -24.23 -34.41 -48.31
C VAL D 13 -23.03 -34.92 -49.05
N THR D 14 -22.43 -34.07 -49.86
CA THR D 14 -21.22 -34.45 -50.59
C THR D 14 -20.22 -33.32 -50.51
N PHE D 15 -19.12 -33.44 -51.22
CA PHE D 15 -18.08 -32.43 -51.14
C PHE D 15 -18.56 -31.10 -51.71
N LYS D 16 -19.54 -31.15 -52.59
CA LYS D 16 -20.12 -29.93 -53.11
C LYS D 16 -20.64 -29.07 -51.96
N ASP D 17 -20.83 -29.69 -50.81
CA ASP D 17 -21.44 -29.00 -49.71
C ASP D 17 -20.38 -28.46 -48.75
N VAL D 18 -19.12 -28.76 -49.05
CA VAL D 18 -18.02 -28.36 -48.17
C VAL D 18 -17.16 -27.29 -48.82
N GLY D 19 -17.10 -26.13 -48.19
CA GLY D 19 -16.30 -25.03 -48.70
C GLY D 19 -15.06 -24.79 -47.88
N GLY D 20 -14.02 -24.31 -48.54
CA GLY D 20 -12.76 -23.95 -47.89
C GLY D 20 -12.04 -25.08 -47.17
N ALA D 21 -12.01 -26.27 -47.76
CA ALA D 21 -11.26 -27.39 -47.15
C ALA D 21 -10.59 -28.27 -48.20
N GLU D 22 -10.06 -27.62 -49.23
CA GLU D 22 -9.56 -28.31 -50.41
C GLU D 22 -8.49 -29.38 -50.10
N GLU D 23 -7.60 -29.06 -49.18
CA GLU D 23 -6.59 -30.01 -48.72
C GLU D 23 -7.24 -31.29 -48.13
N ALA D 24 -8.13 -31.10 -47.16
CA ALA D 24 -8.78 -32.20 -46.47
C ALA D 24 -9.52 -33.11 -47.44
N ILE D 25 -10.33 -32.52 -48.32
CA ILE D 25 -11.02 -33.32 -49.32
C ILE D 25 -10.02 -34.22 -50.04
N GLU D 26 -8.92 -33.62 -50.50
CA GLU D 26 -7.91 -34.38 -51.23
C GLU D 26 -7.52 -35.65 -50.52
N GLU D 27 -7.25 -35.54 -49.22
CA GLU D 27 -6.80 -36.69 -48.44
C GLU D 27 -7.92 -37.72 -48.24
N LEU D 28 -9.17 -37.29 -48.29
CA LEU D 28 -10.26 -38.21 -48.08
C LEU D 28 -10.73 -38.86 -49.38
N LYS D 29 -10.31 -38.29 -50.51
CA LYS D 29 -10.74 -38.79 -51.83
C LYS D 29 -10.54 -40.29 -51.93
N GLU D 30 -9.33 -40.75 -51.57
CA GLU D 30 -9.01 -42.15 -51.64
C GLU D 30 -9.88 -42.96 -50.71
N VAL D 31 -10.26 -42.40 -49.58
CA VAL D 31 -11.15 -43.10 -48.69
C VAL D 31 -12.45 -43.37 -49.43
N VAL D 32 -12.98 -42.36 -50.12
CA VAL D 32 -14.22 -42.54 -50.88
C VAL D 32 -14.08 -43.63 -51.95
N GLU D 33 -12.97 -43.61 -52.68
CA GLU D 33 -12.74 -44.62 -53.72
C GLU D 33 -12.69 -46.02 -53.12
N PHE D 34 -12.17 -46.12 -51.91
CA PHE D 34 -12.12 -47.39 -51.23
C PHE D 34 -13.54 -47.87 -50.96
N LEU D 35 -14.35 -47.01 -50.34
CA LEU D 35 -15.70 -47.37 -49.93
C LEU D 35 -16.58 -47.74 -51.11
N LYS D 36 -16.38 -47.06 -52.23
CA LYS D 36 -17.15 -47.35 -53.44
C LYS D 36 -16.82 -48.72 -54.05
N ASP D 37 -15.67 -49.29 -53.71
CA ASP D 37 -15.24 -50.55 -54.35
C ASP D 37 -14.08 -51.18 -53.58
N PRO D 38 -14.32 -51.45 -52.30
CA PRO D 38 -13.28 -51.93 -51.41
C PRO D 38 -12.42 -53.01 -52.02
N SER D 39 -12.97 -53.79 -52.95
CA SER D 39 -12.23 -54.91 -53.52
C SER D 39 -11.11 -54.41 -54.42
N LYS D 40 -11.28 -53.20 -54.96
CA LYS D 40 -10.28 -52.60 -55.85
C LYS D 40 -8.93 -52.49 -55.14
N PHE D 41 -8.98 -52.14 -53.86
CA PHE D 41 -7.78 -52.04 -53.07
C PHE D 41 -7.41 -53.41 -52.55
N ASN D 42 -8.37 -54.07 -51.92
CA ASN D 42 -8.16 -55.41 -51.39
C ASN D 42 -7.48 -56.31 -52.41
N ARG D 43 -7.73 -56.04 -53.69
CA ARG D 43 -7.27 -56.91 -54.77
C ARG D 43 -5.75 -56.83 -55.02
N ILE D 44 -5.16 -55.66 -54.77
CA ILE D 44 -3.70 -55.50 -54.86
C ILE D 44 -3.12 -55.15 -53.50
N GLY D 45 -3.87 -55.44 -52.44
CA GLY D 45 -3.38 -55.38 -51.07
C GLY D 45 -3.06 -53.98 -50.56
N ALA D 46 -3.72 -52.97 -51.10
CA ALA D 46 -3.54 -51.62 -50.58
C ALA D 46 -4.25 -51.52 -49.24
N ARG D 47 -3.47 -51.49 -48.17
CA ARG D 47 -4.03 -51.48 -46.81
C ARG D 47 -4.42 -50.08 -46.37
N MET D 48 -5.71 -49.87 -46.15
CA MET D 48 -6.22 -48.58 -45.76
C MET D 48 -6.17 -48.43 -44.25
N PRO D 49 -6.28 -47.20 -43.77
CA PRO D 49 -6.40 -46.93 -42.34
C PRO D 49 -7.78 -47.36 -41.83
N LYS D 50 -7.82 -47.92 -40.62
CA LYS D 50 -9.09 -48.26 -39.99
C LYS D 50 -9.79 -46.97 -39.53
N GLY D 51 -8.99 -46.02 -39.05
CA GLY D 51 -9.53 -44.83 -38.41
C GLY D 51 -8.84 -43.55 -38.84
N ILE D 52 -9.65 -42.52 -39.03
CA ILE D 52 -9.16 -41.22 -39.42
C ILE D 52 -9.53 -40.24 -38.34
N LEU D 53 -8.59 -39.40 -37.94
CA LEU D 53 -8.85 -38.39 -36.93
C LEU D 53 -8.95 -37.01 -37.51
N LEU D 54 -10.13 -36.41 -37.39
CA LEU D 54 -10.35 -35.07 -37.83
C LEU D 54 -10.05 -34.10 -36.69
N VAL D 55 -9.08 -33.22 -36.90
CA VAL D 55 -8.68 -32.26 -35.89
C VAL D 55 -9.05 -30.84 -36.33
N GLY D 56 -9.52 -30.03 -35.40
CA GLY D 56 -9.89 -28.64 -35.70
C GLY D 56 -10.92 -28.06 -34.75
N PRO D 57 -11.04 -26.72 -34.70
CA PRO D 57 -11.98 -26.08 -33.78
C PRO D 57 -13.42 -26.30 -34.17
N PRO D 58 -14.35 -25.95 -33.27
CA PRO D 58 -15.78 -26.16 -33.45
C PRO D 58 -16.33 -25.42 -34.65
N GLY D 59 -17.14 -26.12 -35.45
CA GLY D 59 -17.90 -25.48 -36.52
C GLY D 59 -17.14 -25.35 -37.81
N THR D 60 -16.01 -26.04 -37.89
CA THR D 60 -15.15 -25.93 -39.05
C THR D 60 -15.58 -26.86 -40.15
N GLY D 61 -16.29 -27.92 -39.79
CA GLY D 61 -16.81 -28.87 -40.77
C GLY D 61 -16.28 -30.28 -40.57
N LYS D 62 -15.79 -30.58 -39.37
CA LYS D 62 -15.31 -31.91 -39.05
C LYS D 62 -16.42 -32.95 -39.35
N THR D 63 -17.60 -32.73 -38.79
CA THR D 63 -18.69 -33.64 -39.02
C THR D 63 -19.08 -33.63 -40.49
N LEU D 64 -19.19 -32.45 -41.05
CA LEU D 64 -19.56 -32.30 -42.46
C LEU D 64 -18.68 -33.17 -43.39
N LEU D 65 -17.38 -33.13 -43.18
CA LEU D 65 -16.48 -33.88 -44.02
C LEU D 65 -16.77 -35.37 -43.94
N ALA D 66 -17.07 -35.86 -42.75
CA ALA D 66 -17.31 -37.29 -42.58
C ALA D 66 -18.59 -37.61 -43.33
N ARG D 67 -19.63 -36.84 -43.06
CA ARG D 67 -20.87 -36.99 -43.77
C ARG D 67 -20.64 -36.91 -45.27
N ALA D 68 -19.77 -36.01 -45.68
CA ALA D 68 -19.50 -35.86 -47.09
C ALA D 68 -18.92 -37.14 -47.64
N VAL D 69 -17.98 -37.71 -46.90
CA VAL D 69 -17.32 -38.88 -47.41
C VAL D 69 -18.34 -39.98 -47.63
N ALA D 70 -19.30 -40.08 -46.69
CA ALA D 70 -20.32 -41.12 -46.74
C ALA D 70 -21.20 -40.91 -47.91
N GLY D 71 -21.60 -39.66 -48.12
CA GLY D 71 -22.53 -39.34 -49.18
C GLY D 71 -21.90 -39.59 -50.52
N GLU D 72 -20.67 -39.14 -50.64
CA GLU D 72 -19.93 -39.22 -51.86
C GLU D 72 -19.73 -40.70 -52.21
N ALA D 73 -19.68 -41.55 -51.18
CA ALA D 73 -19.51 -43.01 -51.39
C ALA D 73 -20.86 -43.76 -51.36
N ASN D 74 -21.95 -43.00 -51.27
CA ASN D 74 -23.27 -43.59 -51.09
C ASN D 74 -23.22 -44.76 -50.13
N VAL D 75 -22.72 -44.51 -48.94
CA VAL D 75 -22.65 -45.53 -47.94
C VAL D 75 -23.29 -44.98 -46.65
N PRO D 76 -23.81 -45.87 -45.79
CA PRO D 76 -24.47 -45.41 -44.58
C PRO D 76 -23.54 -44.68 -43.66
N PHE D 77 -24.10 -43.86 -42.78
CA PHE D 77 -23.32 -42.98 -41.92
C PHE D 77 -23.87 -43.04 -40.52
N PHE D 78 -23.11 -43.62 -39.59
CA PHE D 78 -23.49 -43.62 -38.18
C PHE D 78 -22.89 -42.44 -37.47
N HIS D 79 -23.73 -41.62 -36.88
CA HIS D 79 -23.27 -40.42 -36.18
C HIS D 79 -23.38 -40.62 -34.68
N ILE D 80 -22.26 -40.97 -34.07
CA ILE D 80 -22.20 -41.13 -32.62
C ILE D 80 -21.57 -39.91 -31.97
N SER D 81 -21.96 -39.64 -30.74
CA SER D 81 -21.33 -38.60 -29.96
C SER D 81 -20.53 -39.21 -28.81
N GLY D 82 -19.31 -38.74 -28.64
CA GLY D 82 -18.44 -39.23 -27.58
C GLY D 82 -19.03 -38.96 -26.21
N SER D 83 -19.65 -37.81 -26.06
CA SER D 83 -20.12 -37.37 -24.75
C SER D 83 -21.20 -38.31 -24.25
N ASP D 84 -21.78 -39.08 -25.17
CA ASP D 84 -22.89 -39.95 -24.83
C ASP D 84 -22.46 -41.25 -24.17
N PHE D 85 -21.17 -41.42 -23.94
CA PHE D 85 -20.65 -42.65 -23.27
C PHE D 85 -20.12 -42.39 -21.85
N VAL D 86 -19.66 -41.17 -21.58
CA VAL D 86 -19.34 -40.77 -20.22
C VAL D 86 -20.63 -40.49 -19.45
N GLU D 87 -20.62 -40.75 -18.15
CA GLU D 87 -21.81 -40.53 -17.31
C GLU D 87 -22.63 -41.82 -17.16
N LEU D 88 -22.25 -42.87 -17.88
CA LEU D 88 -23.03 -44.10 -17.91
C LEU D 88 -22.98 -44.85 -16.60
N PHE D 89 -23.93 -45.75 -16.41
CA PHE D 89 -23.86 -46.73 -15.33
C PHE D 89 -22.82 -47.80 -15.72
N VAL D 90 -22.52 -48.70 -14.80
CA VAL D 90 -21.41 -49.64 -15.00
C VAL D 90 -21.67 -50.69 -16.08
N GLY D 91 -20.83 -50.67 -17.11
CA GLY D 91 -20.86 -51.69 -18.15
C GLY D 91 -21.55 -51.21 -19.39
N VAL D 92 -22.52 -50.32 -19.22
CA VAL D 92 -23.35 -49.88 -20.33
C VAL D 92 -22.53 -49.41 -21.53
N GLY D 93 -21.57 -48.54 -21.27
CA GLY D 93 -20.76 -47.95 -22.32
C GLY D 93 -20.07 -48.98 -23.19
N ALA D 94 -19.49 -49.99 -22.56
CA ALA D 94 -18.83 -51.06 -23.27
C ALA D 94 -19.83 -51.78 -24.15
N ALA D 95 -21.00 -52.10 -23.60
CA ALA D 95 -22.04 -52.79 -24.36
C ALA D 95 -22.46 -51.97 -25.58
N ARG D 96 -22.46 -50.65 -25.41
CA ARG D 96 -22.82 -49.73 -26.47
C ARG D 96 -21.80 -49.80 -27.60
N VAL D 97 -20.52 -49.77 -27.24
CA VAL D 97 -19.46 -49.88 -28.23
C VAL D 97 -19.55 -51.23 -28.92
N ARG D 98 -19.83 -52.26 -28.16
CA ARG D 98 -19.98 -53.60 -28.70
C ARG D 98 -21.11 -53.61 -29.71
N ASP D 99 -22.24 -53.06 -29.30
CA ASP D 99 -23.41 -52.94 -30.15
C ASP D 99 -23.10 -52.12 -31.40
N LEU D 100 -22.53 -50.94 -31.21
CA LEU D 100 -22.22 -50.06 -32.33
C LEU D 100 -21.50 -50.79 -33.46
N PHE D 101 -20.45 -51.51 -33.12
CA PHE D 101 -19.63 -52.16 -34.11
C PHE D 101 -20.28 -53.41 -34.65
N ALA D 102 -21.16 -54.00 -33.86
CA ALA D 102 -21.98 -55.11 -34.35
C ALA D 102 -22.84 -54.60 -35.50
N GLN D 103 -23.43 -53.42 -35.33
CA GLN D 103 -24.30 -52.85 -36.35
C GLN D 103 -23.48 -52.40 -37.55
N ALA D 104 -22.26 -51.94 -37.28
CA ALA D 104 -21.39 -51.47 -38.32
C ALA D 104 -21.06 -52.59 -39.31
N LYS D 105 -20.75 -53.77 -38.81
CA LYS D 105 -20.36 -54.88 -39.66
C LYS D 105 -21.54 -55.35 -40.47
N ALA D 106 -22.73 -55.11 -39.93
CA ALA D 106 -23.96 -55.59 -40.53
C ALA D 106 -24.36 -54.68 -41.69
N HIS D 107 -23.85 -53.45 -41.69
CA HIS D 107 -24.22 -52.47 -42.70
C HIS D 107 -23.06 -52.18 -43.67
N ALA D 108 -21.91 -52.80 -43.42
CA ALA D 108 -20.70 -52.57 -44.21
C ALA D 108 -21.00 -52.66 -45.70
N PRO D 109 -20.35 -51.83 -46.51
CA PRO D 109 -19.43 -50.76 -46.12
C PRO D 109 -20.17 -49.57 -45.51
N CYS D 110 -19.48 -48.80 -44.69
CA CYS D 110 -20.09 -47.68 -44.00
C CYS D 110 -19.07 -46.91 -43.21
N ILE D 111 -19.45 -45.71 -42.79
CA ILE D 111 -18.62 -44.91 -41.93
C ILE D 111 -19.24 -44.74 -40.55
N VAL D 112 -18.43 -45.02 -39.55
CA VAL D 112 -18.78 -44.70 -38.17
C VAL D 112 -18.09 -43.44 -37.80
N PHE D 113 -18.85 -42.50 -37.28
CA PHE D 113 -18.30 -41.23 -36.89
C PHE D 113 -18.47 -41.02 -35.42
N ILE D 114 -17.37 -40.79 -34.73
CA ILE D 114 -17.41 -40.53 -33.32
C ILE D 114 -17.01 -39.08 -33.04
N ASP D 115 -18.02 -38.24 -32.82
CA ASP D 115 -17.83 -36.84 -32.43
C ASP D 115 -17.32 -36.78 -31.01
N GLU D 116 -16.60 -35.71 -30.66
CA GLU D 116 -16.15 -35.51 -29.28
C GLU D 116 -15.45 -36.72 -28.73
N ILE D 117 -14.56 -37.31 -29.51
CA ILE D 117 -13.97 -38.56 -29.11
C ILE D 117 -13.14 -38.35 -27.86
N ASP D 118 -12.54 -37.18 -27.73
CA ASP D 118 -11.71 -36.87 -26.58
C ASP D 118 -12.48 -37.14 -25.27
N ALA D 119 -13.81 -37.06 -25.34
CA ALA D 119 -14.68 -37.31 -24.18
C ALA D 119 -14.46 -38.71 -23.61
N VAL D 120 -14.17 -39.66 -24.49
CA VAL D 120 -13.96 -41.03 -24.07
C VAL D 120 -12.47 -41.31 -24.00
N GLY D 121 -11.69 -40.58 -24.80
CA GLY D 121 -10.25 -40.77 -24.85
C GLY D 121 -9.50 -39.90 -23.85
N GLU D 134 -14.38 -45.92 -15.00
CA GLU D 134 -15.49 -46.42 -15.82
C GLU D 134 -15.25 -46.08 -17.29
N ARG D 135 -14.78 -44.86 -17.54
CA ARG D 135 -14.33 -44.51 -18.87
C ARG D 135 -13.37 -45.59 -19.32
N GLU D 136 -12.44 -45.94 -18.45
CA GLU D 136 -11.45 -46.98 -18.73
C GLU D 136 -12.07 -48.06 -19.64
N GLN D 137 -13.02 -48.82 -19.11
CA GLN D 137 -13.64 -49.91 -19.87
C GLN D 137 -14.15 -49.42 -21.22
N THR D 138 -14.94 -48.36 -21.21
CA THR D 138 -15.52 -47.83 -22.43
C THR D 138 -14.44 -47.70 -23.51
N LEU D 139 -13.35 -47.04 -23.16
CA LEU D 139 -12.26 -46.85 -24.09
C LEU D 139 -11.69 -48.21 -24.47
N ASN D 140 -11.17 -48.94 -23.48
CA ASN D 140 -10.65 -50.27 -23.73
C ASN D 140 -11.46 -50.92 -24.82
N GLN D 141 -12.77 -51.02 -24.58
CA GLN D 141 -13.65 -51.71 -25.47
C GLN D 141 -13.47 -51.19 -26.90
N LEU D 142 -13.56 -49.87 -27.07
CA LEU D 142 -13.35 -49.27 -28.37
C LEU D 142 -12.12 -49.90 -28.96
N LEU D 143 -11.02 -49.78 -28.22
CA LEU D 143 -9.73 -50.27 -28.69
C LEU D 143 -9.84 -51.71 -29.20
N VAL D 144 -10.57 -52.54 -28.47
CA VAL D 144 -10.74 -53.92 -28.88
C VAL D 144 -11.41 -53.95 -30.26
N GLU D 145 -12.54 -53.26 -30.39
CA GLU D 145 -13.34 -53.28 -31.61
C GLU D 145 -12.54 -52.75 -32.81
N MET D 146 -11.81 -51.67 -32.61
CA MET D 146 -10.91 -51.17 -33.65
C MET D 146 -10.02 -52.32 -34.11
N ASP D 147 -9.26 -52.86 -33.18
CA ASP D 147 -8.33 -53.91 -33.51
C ASP D 147 -9.09 -55.14 -34.05
N GLY D 148 -10.36 -55.27 -33.67
CA GLY D 148 -11.09 -56.50 -33.91
C GLY D 148 -11.71 -56.63 -35.29
N PHE D 149 -11.93 -55.51 -35.95
CA PHE D 149 -12.71 -55.51 -37.18
C PHE D 149 -11.83 -55.40 -38.43
N ASP D 150 -12.25 -56.11 -39.47
CA ASP D 150 -11.46 -56.22 -40.68
C ASP D 150 -11.71 -55.07 -41.64
N SER D 151 -10.67 -54.25 -41.86
CA SER D 151 -10.77 -53.09 -42.77
C SER D 151 -11.31 -53.48 -44.14
N LYS D 152 -10.93 -54.67 -44.58
CA LYS D 152 -11.31 -55.15 -45.89
C LYS D 152 -12.82 -55.17 -46.09
N GLU D 153 -13.57 -55.17 -45.00
CA GLU D 153 -15.02 -55.23 -45.13
C GLU D 153 -15.60 -53.86 -45.37
N GLY D 154 -14.74 -52.86 -45.54
CA GLY D 154 -15.20 -51.51 -45.93
C GLY D 154 -15.80 -50.71 -44.78
N ILE D 155 -15.19 -50.83 -43.60
CA ILE D 155 -15.59 -50.04 -42.46
C ILE D 155 -14.51 -49.03 -42.24
N ILE D 156 -14.90 -47.77 -42.15
CA ILE D 156 -13.96 -46.71 -41.75
C ILE D 156 -14.56 -45.90 -40.61
N VAL D 157 -13.85 -45.85 -39.49
CA VAL D 157 -14.31 -45.07 -38.36
C VAL D 157 -13.64 -43.74 -38.39
N MET D 158 -14.41 -42.68 -38.36
CA MET D 158 -13.86 -41.36 -38.32
C MET D 158 -14.18 -40.71 -36.99
N ALA D 159 -13.24 -39.93 -36.48
CA ALA D 159 -13.43 -39.27 -35.20
C ALA D 159 -13.05 -37.83 -35.29
N ALA D 160 -13.74 -36.99 -34.52
CA ALA D 160 -13.47 -35.56 -34.49
C ALA D 160 -13.12 -35.09 -33.09
N THR D 161 -12.34 -34.02 -33.01
CA THR D 161 -11.97 -33.44 -31.74
C THR D 161 -11.25 -32.13 -31.95
N ASN D 162 -11.51 -31.17 -31.09
CA ASN D 162 -10.78 -29.93 -31.10
C ASN D 162 -9.83 -29.93 -29.92
N ARG D 163 -9.58 -31.12 -29.38
CA ARG D 163 -8.79 -31.29 -28.17
C ARG D 163 -7.80 -32.46 -28.34
N PRO D 164 -6.97 -32.41 -29.40
CA PRO D 164 -6.06 -33.51 -29.76
C PRO D 164 -5.19 -33.99 -28.63
N ASP D 165 -4.63 -33.06 -27.87
CA ASP D 165 -3.56 -33.37 -26.91
C ASP D 165 -4.06 -34.16 -25.69
N ILE D 166 -5.37 -34.16 -25.48
CA ILE D 166 -5.96 -34.81 -24.32
C ILE D 166 -6.15 -36.30 -24.56
N LEU D 167 -5.95 -36.73 -25.81
CA LEU D 167 -6.25 -38.12 -26.20
C LEU D 167 -5.23 -39.10 -25.63
N ASP D 168 -5.72 -40.22 -25.13
CA ASP D 168 -4.84 -41.29 -24.78
C ASP D 168 -4.18 -41.75 -26.07
N PRO D 169 -2.83 -41.70 -26.10
CA PRO D 169 -2.01 -42.09 -27.27
C PRO D 169 -2.23 -43.53 -27.78
N ALA D 170 -2.90 -44.38 -27.00
CA ALA D 170 -3.29 -45.72 -27.47
C ALA D 170 -4.27 -45.63 -28.65
N LEU D 171 -4.93 -44.49 -28.78
CA LEU D 171 -5.86 -44.25 -29.88
C LEU D 171 -5.12 -43.93 -31.17
N LEU D 172 -3.87 -43.49 -31.04
CA LEU D 172 -3.10 -42.99 -32.18
C LEU D 172 -2.12 -44.05 -32.68
N ARG D 173 -2.17 -45.22 -32.07
CA ARG D 173 -1.28 -46.30 -32.46
C ARG D 173 -1.63 -46.80 -33.85
N PRO D 174 -0.62 -47.28 -34.60
CA PRO D 174 -0.82 -47.79 -35.95
C PRO D 174 -1.83 -48.91 -35.96
N GLY D 175 -2.81 -48.84 -36.85
CA GLY D 175 -3.91 -49.79 -36.86
C GLY D 175 -5.16 -49.18 -36.30
N ARG D 176 -5.04 -47.97 -35.74
CA ARG D 176 -6.18 -47.27 -35.18
C ARG D 176 -6.42 -45.97 -35.90
N PHE D 177 -6.26 -44.87 -35.17
CA PHE D 177 -6.36 -43.55 -35.74
C PHE D 177 -4.97 -43.05 -36.05
N ASP D 178 -4.40 -43.54 -37.14
CA ASP D 178 -3.01 -43.22 -37.49
C ASP D 178 -2.93 -42.13 -38.56
N LYS D 179 -4.09 -41.77 -39.12
CA LYS D 179 -4.15 -40.69 -40.09
C LYS D 179 -4.92 -39.53 -39.50
N LYS D 180 -4.26 -38.39 -39.36
CA LYS D 180 -4.92 -37.20 -38.84
C LYS D 180 -5.14 -36.21 -39.96
N ILE D 181 -6.21 -35.44 -39.89
CA ILE D 181 -6.46 -34.36 -40.86
C ILE D 181 -6.82 -33.06 -40.14
N VAL D 182 -6.10 -32.00 -40.48
CA VAL D 182 -6.31 -30.74 -39.86
C VAL D 182 -7.29 -29.93 -40.68
N VAL D 183 -8.38 -29.53 -40.02
CA VAL D 183 -9.43 -28.76 -40.66
C VAL D 183 -9.38 -27.35 -40.13
N ASP D 184 -8.86 -26.44 -40.96
CA ASP D 184 -8.58 -25.06 -40.54
C ASP D 184 -9.79 -24.15 -40.71
N PRO D 185 -9.96 -23.19 -39.79
CA PRO D 185 -10.84 -22.06 -40.04
C PRO D 185 -10.56 -21.43 -41.39
N PRO D 186 -11.62 -20.96 -42.06
CA PRO D 186 -11.54 -20.52 -43.44
C PRO D 186 -11.16 -19.08 -43.55
N ASP D 187 -10.32 -18.76 -44.53
CA ASP D 187 -9.95 -17.39 -44.79
C ASP D 187 -10.87 -16.83 -45.87
N MET D 188 -10.59 -15.61 -46.30
CA MET D 188 -11.61 -14.84 -47.00
C MET D 188 -12.18 -15.61 -48.20
N LEU D 189 -11.31 -16.18 -49.02
CA LEU D 189 -11.76 -16.93 -50.18
C LEU D 189 -12.63 -18.09 -49.75
N GLY D 190 -12.25 -18.74 -48.65
CA GLY D 190 -13.01 -19.89 -48.13
C GLY D 190 -14.40 -19.51 -47.62
N ARG D 191 -14.47 -18.40 -46.92
CA ARG D 191 -15.73 -17.89 -46.44
C ARG D 191 -16.60 -17.50 -47.61
N LYS D 192 -15.98 -17.12 -48.72
CA LYS D 192 -16.74 -16.81 -49.93
C LYS D 192 -17.41 -18.10 -50.39
N LYS D 193 -16.62 -19.15 -50.55
CA LYS D 193 -17.14 -20.40 -51.07
C LYS D 193 -18.24 -20.94 -50.17
N ILE D 194 -18.08 -20.78 -48.88
CA ILE D 194 -19.09 -21.24 -47.97
C ILE D 194 -20.43 -20.49 -48.14
N LEU D 195 -20.37 -19.19 -48.34
CA LEU D 195 -21.59 -18.41 -48.55
C LEU D 195 -22.25 -18.81 -49.84
N GLU D 196 -21.46 -19.09 -50.84
CA GLU D 196 -22.02 -19.50 -52.10
C GLU D 196 -22.76 -20.81 -51.89
N ILE D 197 -22.17 -21.72 -51.12
CA ILE D 197 -22.76 -23.04 -50.91
C ILE D 197 -24.10 -22.96 -50.20
N HIS D 198 -24.17 -22.13 -49.18
CA HIS D 198 -25.35 -22.05 -48.38
C HIS D 198 -26.31 -21.08 -48.97
N THR D 199 -25.99 -20.58 -50.15
CA THR D 199 -26.86 -19.63 -50.83
C THR D 199 -27.41 -20.19 -52.14
N ARG D 200 -26.86 -21.31 -52.56
CA ARG D 200 -27.28 -21.95 -53.78
C ARG D 200 -28.77 -21.85 -54.00
N ASN D 201 -29.54 -22.28 -53.01
CA ASN D 201 -30.96 -22.46 -53.24
C ASN D 201 -31.78 -21.36 -52.62
N LYS D 202 -31.10 -20.26 -52.28
CA LYS D 202 -31.75 -19.07 -51.72
C LYS D 202 -31.87 -17.99 -52.79
N PRO D 203 -33.00 -17.26 -52.79
CA PRO D 203 -33.18 -16.13 -53.69
C PRO D 203 -32.46 -14.91 -53.19
N LEU D 204 -31.33 -14.60 -53.83
CA LEU D 204 -30.59 -13.40 -53.50
C LEU D 204 -31.07 -12.26 -54.35
N ALA D 205 -31.00 -11.07 -53.78
CA ALA D 205 -31.23 -9.86 -54.53
C ALA D 205 -29.97 -9.59 -55.37
N GLU D 206 -30.11 -8.78 -56.41
CA GLU D 206 -29.03 -8.55 -57.37
C GLU D 206 -27.89 -7.74 -56.76
N ASP D 207 -28.14 -7.16 -55.58
CA ASP D 207 -27.17 -6.28 -54.93
C ASP D 207 -26.31 -6.99 -53.91
N VAL D 208 -26.59 -8.25 -53.69
CA VAL D 208 -25.83 -9.01 -52.71
C VAL D 208 -24.45 -9.32 -53.23
N ASN D 209 -23.44 -8.84 -52.51
CA ASN D 209 -22.06 -9.16 -52.80
C ASN D 209 -21.43 -10.06 -51.73
N LEU D 210 -21.42 -11.36 -51.97
CA LEU D 210 -20.93 -12.28 -50.96
C LEU D 210 -19.44 -12.08 -50.69
N GLU D 211 -18.71 -11.52 -51.65
CA GLU D 211 -17.29 -11.25 -51.43
C GLU D 211 -17.14 -10.22 -50.34
N ILE D 212 -17.91 -9.14 -50.42
CA ILE D 212 -17.88 -8.13 -49.37
C ILE D 212 -18.25 -8.75 -48.03
N ILE D 213 -19.21 -9.67 -48.02
CA ILE D 213 -19.62 -10.33 -46.77
C ILE D 213 -18.49 -11.17 -46.24
N ALA D 214 -17.88 -11.93 -47.14
CA ALA D 214 -16.65 -12.66 -46.85
C ALA D 214 -15.63 -11.76 -46.16
N LYS D 215 -15.35 -10.62 -46.78
CA LYS D 215 -14.35 -9.70 -46.29
C LYS D 215 -14.66 -9.11 -44.91
N ARG D 216 -15.93 -9.05 -44.53
CA ARG D 216 -16.28 -8.45 -43.26
C ARG D 216 -16.48 -9.46 -42.16
N THR D 217 -16.09 -10.70 -42.41
CA THR D 217 -16.41 -11.77 -41.50
C THR D 217 -15.25 -12.66 -41.12
N PRO D 218 -14.07 -12.06 -40.87
CA PRO D 218 -12.90 -12.80 -40.41
C PRO D 218 -13.11 -13.43 -39.04
N GLY D 219 -12.74 -14.70 -38.90
CA GLY D 219 -12.94 -15.44 -37.66
C GLY D 219 -14.17 -16.34 -37.71
N PHE D 220 -15.01 -16.13 -38.72
CA PHE D 220 -16.21 -16.91 -38.85
C PHE D 220 -15.86 -18.24 -39.43
N VAL D 221 -16.50 -19.27 -38.91
CA VAL D 221 -16.31 -20.62 -39.37
C VAL D 221 -17.56 -21.01 -40.12
N GLY D 222 -17.56 -22.18 -40.74
CA GLY D 222 -18.72 -22.61 -41.51
C GLY D 222 -20.01 -22.51 -40.73
N ALA D 223 -20.03 -23.09 -39.54
CA ALA D 223 -21.19 -22.96 -38.68
C ALA D 223 -21.67 -21.49 -38.60
N ASP D 224 -20.73 -20.59 -38.36
CA ASP D 224 -21.06 -19.18 -38.24
C ASP D 224 -21.68 -18.67 -39.54
N LEU D 225 -21.05 -18.96 -40.65
CA LEU D 225 -21.52 -18.45 -41.92
C LEU D 225 -22.88 -19.04 -42.30
N GLU D 226 -23.12 -20.34 -42.07
CA GLU D 226 -24.50 -20.89 -42.28
C GLU D 226 -25.56 -20.12 -41.48
N ASN D 227 -25.27 -19.84 -40.23
CA ASN D 227 -26.20 -19.13 -39.40
C ASN D 227 -26.42 -17.69 -39.92
N LEU D 228 -25.35 -17.09 -40.39
CA LEU D 228 -25.44 -15.76 -40.93
C LEU D 228 -26.44 -15.76 -42.06
N VAL D 229 -26.28 -16.69 -42.99
CA VAL D 229 -27.17 -16.79 -44.14
C VAL D 229 -28.62 -16.98 -43.70
N ASN D 230 -28.85 -17.81 -42.69
CA ASN D 230 -30.20 -18.07 -42.24
C ASN D 230 -30.79 -16.89 -41.48
N GLU D 231 -29.95 -16.14 -40.77
CA GLU D 231 -30.41 -14.94 -40.09
C GLU D 231 -30.80 -13.85 -41.11
N ALA D 232 -30.11 -13.84 -42.25
CA ALA D 232 -30.43 -12.90 -43.32
C ALA D 232 -31.76 -13.28 -43.98
N ALA D 233 -31.98 -14.57 -44.21
CA ALA D 233 -33.24 -15.01 -44.76
C ALA D 233 -34.35 -14.60 -43.80
N LEU D 234 -34.12 -14.83 -42.50
CA LEU D 234 -35.11 -14.57 -41.50
C LEU D 234 -35.56 -13.10 -41.57
N LEU D 235 -34.60 -12.20 -41.77
CA LEU D 235 -34.94 -10.77 -41.81
C LEU D 235 -35.83 -10.52 -43.00
N ALA D 236 -35.44 -11.05 -44.14
CA ALA D 236 -36.24 -10.95 -45.35
C ALA D 236 -37.65 -11.53 -45.14
N ALA D 237 -37.73 -12.67 -44.49
CA ALA D 237 -39.04 -13.32 -44.25
C ALA D 237 -39.89 -12.47 -43.32
N ARG D 238 -39.28 -12.01 -42.24
CA ARG D 238 -39.95 -11.17 -41.25
C ARG D 238 -40.67 -9.99 -41.96
N GLU D 239 -40.09 -9.50 -43.04
CA GLU D 239 -40.65 -8.38 -43.78
C GLU D 239 -41.42 -8.83 -45.00
N GLY D 240 -41.70 -10.13 -45.08
CA GLY D 240 -42.49 -10.66 -46.18
C GLY D 240 -41.89 -10.45 -47.57
N ARG D 241 -40.59 -10.20 -47.63
CA ARG D 241 -39.93 -9.98 -48.90
C ARG D 241 -39.46 -11.28 -49.57
N ASP D 242 -39.49 -11.34 -50.89
CA ASP D 242 -39.19 -12.61 -51.54
C ASP D 242 -37.76 -12.75 -52.06
N LYS D 243 -36.91 -11.76 -51.81
CA LYS D 243 -35.47 -11.91 -52.08
C LYS D 243 -34.62 -11.32 -50.95
N ILE D 244 -33.56 -12.04 -50.59
CA ILE D 244 -32.62 -11.57 -49.55
C ILE D 244 -31.64 -10.50 -50.09
N THR D 245 -31.63 -9.33 -49.45
CA THR D 245 -30.83 -8.21 -49.90
C THR D 245 -29.51 -8.12 -49.20
N MET D 246 -28.60 -7.35 -49.78
CA MET D 246 -27.35 -7.02 -49.12
C MET D 246 -27.60 -6.55 -47.70
N LYS D 247 -28.43 -5.53 -47.56
CA LYS D 247 -28.77 -4.97 -46.24
C LYS D 247 -29.15 -6.04 -45.20
N ASP D 248 -29.86 -7.08 -45.65
CA ASP D 248 -30.18 -8.21 -44.76
C ASP D 248 -28.91 -8.88 -44.20
N PHE D 249 -28.00 -9.27 -45.10
CA PHE D 249 -26.70 -9.83 -44.70
C PHE D 249 -25.94 -8.90 -43.76
N GLU D 250 -25.87 -7.63 -44.09
CA GLU D 250 -25.12 -6.72 -43.27
C GLU D 250 -25.67 -6.74 -41.86
N GLU D 251 -26.99 -6.62 -41.73
CA GLU D 251 -27.65 -6.68 -40.41
C GLU D 251 -27.58 -8.10 -39.79
N ALA D 252 -27.41 -9.12 -40.60
CA ALA D 252 -27.25 -10.46 -40.06
C ALA D 252 -25.96 -10.53 -39.22
N ILE D 253 -24.87 -10.05 -39.79
CA ILE D 253 -23.59 -10.07 -39.10
C ILE D 253 -23.77 -9.55 -37.68
N ASP D 254 -24.30 -8.34 -37.57
CA ASP D 254 -24.46 -7.71 -36.27
C ASP D 254 -25.28 -8.58 -35.30
N ARG D 255 -26.20 -9.35 -35.83
CA ARG D 255 -27.07 -10.19 -35.02
C ARG D 255 -26.29 -11.40 -34.49
N VAL D 256 -25.94 -12.32 -35.38
CA VAL D 256 -25.11 -13.47 -34.99
C VAL D 256 -23.95 -13.08 -34.09
N ILE D 257 -23.53 -11.81 -34.17
CA ILE D 257 -22.56 -11.26 -33.20
C ILE D 257 -23.27 -11.04 -31.86
N ALA D 258 -23.55 -9.78 -31.53
CA ALA D 258 -24.21 -9.42 -30.28
C ALA D 258 -25.53 -10.18 -30.12
N LYS D 263 -23.30 -17.90 -29.90
CA LYS D 263 -23.16 -16.90 -30.96
C LYS D 263 -21.79 -17.05 -31.70
N SER D 264 -21.12 -15.94 -32.00
CA SER D 264 -19.85 -15.95 -32.79
C SER D 264 -18.98 -14.69 -32.59
N LEU D 265 -17.67 -14.84 -32.75
CA LEU D 265 -16.75 -13.73 -32.51
C LEU D 265 -16.03 -13.31 -33.80
N LEU D 266 -16.24 -12.07 -34.19
CA LEU D 266 -15.59 -11.49 -35.34
C LEU D 266 -14.23 -10.98 -34.94
N ILE D 267 -13.22 -11.13 -35.79
CA ILE D 267 -11.92 -10.50 -35.52
C ILE D 267 -11.99 -9.05 -35.93
N SER D 268 -11.95 -8.15 -34.95
CA SER D 268 -11.99 -6.71 -35.23
C SER D 268 -10.77 -6.32 -36.03
N PRO D 269 -10.82 -5.14 -36.63
CA PRO D 269 -9.72 -4.58 -37.41
C PRO D 269 -8.51 -4.24 -36.55
N ALA D 270 -8.72 -3.71 -35.35
CA ALA D 270 -7.62 -3.43 -34.45
C ALA D 270 -6.86 -4.72 -34.20
N GLU D 271 -7.58 -5.74 -33.78
CA GLU D 271 -7.01 -7.06 -33.51
C GLU D 271 -6.34 -7.62 -34.77
N LYS D 272 -6.96 -7.38 -35.90
CA LYS D 272 -6.43 -7.90 -37.16
C LYS D 272 -5.01 -7.40 -37.33
N ARG D 273 -4.80 -6.13 -37.04
CA ARG D 273 -3.50 -5.50 -37.24
C ARG D 273 -2.45 -6.15 -36.33
N ILE D 274 -2.83 -6.44 -35.11
CA ILE D 274 -1.92 -7.00 -34.13
C ILE D 274 -1.48 -8.40 -34.49
N ILE D 275 -2.44 -9.30 -34.69
CA ILE D 275 -2.14 -10.64 -35.18
C ILE D 275 -1.17 -10.57 -36.34
N ALA D 276 -1.44 -9.67 -37.28
CA ALA D 276 -0.57 -9.49 -38.45
C ALA D 276 0.87 -9.23 -38.02
N TYR D 277 1.06 -8.35 -37.06
CA TYR D 277 2.43 -8.02 -36.67
C TYR D 277 3.06 -9.20 -35.97
N HIS D 278 2.30 -9.82 -35.10
CA HIS D 278 2.72 -11.01 -34.41
C HIS D 278 3.17 -12.04 -35.44
N GLU D 279 2.31 -12.36 -36.40
CA GLU D 279 2.65 -13.36 -37.39
C GLU D 279 3.82 -12.93 -38.26
N ALA D 280 3.80 -11.69 -38.71
CA ALA D 280 4.90 -11.17 -39.49
C ALA D 280 6.18 -11.23 -38.68
N GLY D 281 6.07 -11.03 -37.38
CA GLY D 281 7.20 -11.13 -36.48
C GLY D 281 7.87 -12.50 -36.50
N HIS D 282 7.10 -13.56 -36.26
CA HIS D 282 7.69 -14.87 -36.34
C HIS D 282 8.41 -14.99 -37.68
N ALA D 283 7.76 -14.56 -38.75
CA ALA D 283 8.27 -14.81 -40.09
C ALA D 283 9.63 -14.13 -40.27
N VAL D 284 9.74 -12.89 -39.82
CA VAL D 284 10.96 -12.13 -39.97
C VAL D 284 12.12 -12.72 -39.18
N VAL D 285 11.93 -12.92 -37.89
CA VAL D 285 12.99 -13.48 -37.06
C VAL D 285 13.45 -14.84 -37.62
N SER D 286 12.51 -15.67 -38.04
CA SER D 286 12.85 -16.98 -38.57
C SER D 286 13.74 -16.91 -39.79
N THR D 287 13.48 -15.93 -40.64
CA THR D 287 14.22 -15.82 -41.84
C THR D 287 15.63 -15.38 -41.51
N VAL D 288 15.72 -14.48 -40.53
CA VAL D 288 16.95 -13.76 -40.27
C VAL D 288 17.90 -14.54 -39.41
N VAL D 289 17.36 -15.25 -38.44
CA VAL D 289 18.17 -16.06 -37.59
C VAL D 289 18.70 -17.25 -38.42
N PRO D 290 19.99 -17.62 -38.22
CA PRO D 290 20.69 -18.53 -39.14
C PRO D 290 20.13 -19.96 -39.14
N ASN D 291 19.62 -20.40 -38.00
CA ASN D 291 19.12 -21.75 -37.89
C ASN D 291 17.58 -21.84 -37.85
N GLY D 292 16.91 -20.74 -38.14
CA GLY D 292 15.45 -20.73 -38.14
C GLY D 292 14.85 -21.77 -39.11
N GLU D 293 13.61 -22.17 -38.78
CA GLU D 293 12.82 -23.05 -39.65
C GLU D 293 12.35 -22.31 -40.89
N PRO D 294 12.32 -23.01 -42.01
CA PRO D 294 11.73 -22.39 -43.20
C PRO D 294 10.35 -21.85 -42.82
N VAL D 295 9.85 -20.88 -43.58
CA VAL D 295 8.50 -20.41 -43.35
C VAL D 295 7.70 -20.61 -44.61
N HIS D 296 6.79 -21.57 -44.54
CA HIS D 296 6.04 -22.00 -45.71
C HIS D 296 4.74 -21.18 -45.92
N ARG D 297 4.14 -20.72 -44.81
CA ARG D 297 2.90 -19.95 -44.87
C ARG D 297 2.70 -19.14 -43.63
N ILE D 298 2.25 -17.89 -43.84
CA ILE D 298 1.78 -17.01 -42.77
C ILE D 298 0.27 -16.91 -42.89
N SER D 299 -0.43 -16.69 -41.79
CA SER D 299 -1.86 -16.46 -41.87
C SER D 299 -2.39 -15.75 -40.62
N ILE D 300 -3.38 -14.89 -40.83
CA ILE D 300 -4.03 -14.20 -39.73
C ILE D 300 -5.03 -15.09 -39.00
N ILE D 301 -5.69 -15.96 -39.73
CA ILE D 301 -6.80 -16.70 -39.18
C ILE D 301 -6.37 -17.79 -38.19
N PRO D 302 -5.82 -18.92 -38.68
CA PRO D 302 -5.65 -20.05 -37.76
C PRO D 302 -5.12 -19.61 -36.43
N ARG D 303 -4.37 -18.51 -36.44
CA ARG D 303 -3.60 -18.08 -35.26
C ARG D 303 -4.38 -17.24 -34.25
N GLY D 304 -5.60 -16.84 -34.60
CA GLY D 304 -6.48 -16.15 -33.67
C GLY D 304 -7.13 -17.13 -32.71
N TYR D 305 -6.62 -17.18 -31.47
CA TYR D 305 -7.15 -18.10 -30.44
C TYR D 305 -6.46 -17.85 -29.10
N TYR D 320 16.15 -35.04 -34.26
CA TYR D 320 16.97 -36.09 -33.66
C TYR D 320 18.08 -35.45 -32.80
N LEU D 321 19.10 -34.90 -33.45
CA LEU D 321 20.09 -34.10 -32.75
C LEU D 321 19.79 -32.65 -32.96
N VAL D 322 19.99 -31.86 -31.94
CA VAL D 322 19.78 -30.44 -32.03
C VAL D 322 20.90 -29.80 -31.24
N SER D 323 21.38 -28.66 -31.72
CA SER D 323 22.47 -27.99 -31.09
C SER D 323 21.96 -26.83 -30.29
N ARG D 324 22.79 -26.37 -29.36
CA ARG D 324 22.46 -25.26 -28.49
C ARG D 324 22.05 -24.06 -29.29
N ASN D 325 22.85 -23.72 -30.30
CA ASN D 325 22.54 -22.57 -31.12
C ASN D 325 21.23 -22.75 -31.84
N GLU D 326 21.02 -23.97 -32.36
CA GLU D 326 19.76 -24.33 -33.01
C GLU D 326 18.61 -24.06 -32.09
N LEU D 327 18.73 -24.45 -30.82
CA LEU D 327 17.65 -24.23 -29.87
C LEU D 327 17.50 -22.75 -29.51
N LEU D 328 18.58 -22.03 -29.37
CA LEU D 328 18.46 -20.60 -29.06
C LEU D 328 17.78 -19.88 -30.19
N ASP D 329 18.04 -20.29 -31.42
CA ASP D 329 17.46 -19.65 -32.60
C ASP D 329 15.97 -19.91 -32.69
N LYS D 330 15.58 -21.17 -32.50
CA LYS D 330 14.16 -21.52 -32.50
C LYS D 330 13.44 -20.69 -31.42
N LEU D 331 14.11 -20.51 -30.29
CA LEU D 331 13.54 -19.82 -29.18
C LEU D 331 13.34 -18.35 -29.50
N THR D 332 14.35 -17.74 -30.11
CA THR D 332 14.27 -16.37 -30.51
C THR D 332 13.13 -16.22 -31.49
N ALA D 333 13.02 -17.18 -32.41
CA ALA D 333 11.97 -17.09 -33.38
C ALA D 333 10.61 -17.14 -32.67
N LEU D 334 10.46 -18.08 -31.73
CA LEU D 334 9.20 -18.21 -30.97
C LEU D 334 8.74 -16.90 -30.31
N LEU D 335 9.71 -16.12 -29.89
CA LEU D 335 9.41 -14.89 -29.20
C LEU D 335 9.19 -13.69 -30.18
N GLY D 336 9.24 -13.98 -31.47
CA GLY D 336 9.23 -12.92 -32.47
C GLY D 336 7.90 -12.20 -32.61
N GLY D 337 6.81 -12.93 -32.51
CA GLY D 337 5.50 -12.30 -32.52
C GLY D 337 5.43 -11.32 -31.36
N ARG D 338 5.82 -11.74 -30.19
CA ARG D 338 5.67 -10.90 -29.05
C ARG D 338 6.63 -9.72 -29.14
N ALA D 339 7.82 -9.98 -29.64
CA ALA D 339 8.79 -8.90 -29.79
C ALA D 339 8.25 -7.83 -30.75
N ALA D 340 7.57 -8.24 -31.82
CA ALA D 340 7.03 -7.26 -32.75
C ALA D 340 5.94 -6.44 -32.09
N GLU D 341 5.06 -7.09 -31.34
CA GLU D 341 4.00 -6.38 -30.66
C GLU D 341 4.57 -5.33 -29.71
N GLU D 342 5.62 -5.70 -28.99
CA GLU D 342 6.20 -4.77 -28.03
C GLU D 342 6.84 -3.58 -28.74
N VAL D 343 7.59 -3.86 -29.79
CA VAL D 343 8.34 -2.84 -30.45
C VAL D 343 7.43 -1.87 -31.20
N VAL D 344 6.42 -2.43 -31.85
CA VAL D 344 5.55 -1.63 -32.66
C VAL D 344 4.45 -0.87 -31.91
N PHE D 345 3.83 -1.49 -30.90
CA PHE D 345 2.68 -0.86 -30.23
C PHE D 345 3.01 -0.42 -28.79
N GLY D 346 4.14 -0.89 -28.27
CA GLY D 346 4.52 -0.62 -26.89
C GLY D 346 3.84 -1.53 -25.86
N ASP D 347 2.63 -1.97 -26.16
CA ASP D 347 1.89 -2.87 -25.26
C ASP D 347 2.04 -4.30 -25.79
N VAL D 348 1.55 -5.26 -25.04
CA VAL D 348 1.53 -6.62 -25.48
C VAL D 348 0.16 -7.20 -25.23
N THR D 349 -0.14 -8.30 -25.92
CA THR D 349 -1.43 -8.92 -25.79
C THR D 349 -1.32 -10.36 -25.37
N SER D 350 -2.45 -10.93 -24.98
CA SER D 350 -2.54 -12.31 -24.60
C SER D 350 -2.10 -13.22 -25.73
N GLY D 351 -1.92 -12.67 -26.92
CA GLY D 351 -1.68 -13.48 -28.10
C GLY D 351 -0.47 -14.37 -28.07
N ALA D 352 0.54 -14.00 -27.31
CA ALA D 352 1.78 -14.77 -27.30
C ALA D 352 1.88 -15.77 -26.14
N ALA D 353 0.76 -16.06 -25.49
CA ALA D 353 0.78 -16.96 -24.36
C ALA D 353 1.34 -18.32 -24.78
N ASN D 354 0.89 -18.83 -25.92
CA ASN D 354 1.35 -20.14 -26.36
C ASN D 354 2.84 -20.13 -26.68
N ASP D 355 3.28 -19.11 -27.37
CA ASP D 355 4.66 -19.03 -27.77
C ASP D 355 5.54 -18.94 -26.55
N ILE D 356 5.01 -18.33 -25.51
CA ILE D 356 5.75 -18.15 -24.29
C ILE D 356 5.89 -19.46 -23.59
N GLU D 357 4.79 -20.19 -23.45
CA GLU D 357 4.85 -21.48 -22.81
C GLU D 357 5.81 -22.38 -23.58
N ARG D 358 5.71 -22.39 -24.89
CA ARG D 358 6.61 -23.20 -25.71
C ARG D 358 8.09 -22.76 -25.53
N ALA D 359 8.31 -21.46 -25.46
CA ALA D 359 9.64 -20.95 -25.23
C ALA D 359 10.15 -21.37 -23.87
N THR D 360 9.27 -21.44 -22.91
CA THR D 360 9.74 -21.72 -21.59
C THR D 360 10.13 -23.18 -21.57
N GLU D 361 9.35 -24.02 -22.21
CA GLU D 361 9.61 -25.43 -22.21
C GLU D 361 11.00 -25.68 -22.77
N ILE D 362 11.32 -25.07 -23.89
CA ILE D 362 12.62 -25.32 -24.50
C ILE D 362 13.70 -25.02 -23.49
N ALA D 363 13.70 -23.80 -22.99
CA ALA D 363 14.66 -23.37 -21.96
C ALA D 363 14.79 -24.36 -20.78
N ARG D 364 13.65 -24.78 -20.21
CA ARG D 364 13.73 -25.71 -19.08
C ARG D 364 14.48 -26.93 -19.51
N ASN D 365 14.27 -27.32 -20.74
CA ASN D 365 14.78 -28.55 -21.22
C ASN D 365 16.25 -28.42 -21.44
N MET D 366 16.67 -27.25 -21.88
CA MET D 366 18.11 -27.00 -22.06
C MET D 366 18.79 -27.11 -20.69
N VAL D 367 18.14 -26.55 -19.67
CA VAL D 367 18.75 -26.46 -18.37
C VAL D 367 18.72 -27.77 -17.58
N CYS D 368 17.60 -28.49 -17.67
CA CYS D 368 17.33 -29.60 -16.78
C CYS D 368 17.59 -30.96 -17.38
N GLN D 369 17.65 -31.04 -18.70
CA GLN D 369 17.79 -32.31 -19.36
C GLN D 369 19.00 -32.40 -20.29
N LEU D 370 19.42 -31.28 -20.87
CA LEU D 370 20.41 -31.30 -21.92
C LEU D 370 21.75 -30.73 -21.48
N GLY D 371 21.89 -30.46 -20.20
CA GLY D 371 23.15 -30.00 -19.66
C GLY D 371 23.64 -28.74 -20.32
N MET D 372 22.74 -27.88 -20.76
CA MET D 372 23.15 -26.71 -21.55
C MET D 372 23.20 -25.44 -20.74
N SER D 373 23.33 -25.58 -19.45
CA SER D 373 23.42 -24.43 -18.60
C SER D 373 24.86 -24.14 -18.23
N GLU D 374 25.21 -22.86 -18.22
CA GLU D 374 26.48 -22.46 -17.64
C GLU D 374 26.66 -23.12 -16.27
N GLU D 375 25.84 -22.69 -15.32
CA GLU D 375 26.11 -22.85 -13.92
C GLU D 375 25.72 -24.22 -13.39
N LEU D 376 24.72 -24.87 -13.98
CA LEU D 376 24.18 -26.11 -13.38
C LEU D 376 24.84 -27.39 -13.88
N GLY D 377 25.74 -27.27 -14.85
CA GLY D 377 26.56 -28.39 -15.28
C GLY D 377 25.75 -29.46 -15.99
N PRO D 378 26.45 -30.48 -16.51
CA PRO D 378 25.89 -31.55 -17.30
C PRO D 378 25.20 -32.57 -16.42
N LEU D 379 24.08 -32.16 -15.84
CA LEU D 379 23.35 -33.00 -14.92
C LEU D 379 21.89 -32.98 -15.23
N ALA D 380 21.24 -34.11 -14.98
CA ALA D 380 19.82 -34.20 -15.19
C ALA D 380 19.10 -33.77 -13.94
N TRP D 381 18.49 -32.61 -13.98
CA TRP D 381 17.71 -32.15 -12.88
C TRP D 381 16.22 -32.44 -13.11
N GLY D 382 15.68 -33.43 -12.38
CA GLY D 382 14.26 -33.73 -12.50
C GLY D 382 13.99 -35.22 -12.71
N LEU D 397 8.50 -35.81 -10.41
CA LEU D 397 9.39 -35.20 -11.39
C LEU D 397 10.56 -34.42 -10.71
N ARG D 398 10.36 -33.93 -9.47
CA ARG D 398 11.40 -33.09 -8.82
C ARG D 398 12.15 -33.78 -7.70
N ASN D 399 13.44 -34.01 -7.91
CA ASN D 399 14.26 -34.71 -6.93
C ASN D 399 15.43 -33.84 -6.52
N TYR D 400 15.19 -32.54 -6.41
CA TYR D 400 16.23 -31.63 -6.03
C TYR D 400 15.81 -30.58 -5.01
N SER D 401 16.82 -29.90 -4.46
CA SER D 401 16.63 -28.91 -3.43
C SER D 401 15.97 -27.64 -3.90
N GLU D 402 15.57 -26.84 -2.95
CA GLU D 402 15.01 -25.57 -3.26
C GLU D 402 16.13 -24.64 -3.74
N GLU D 403 17.36 -24.91 -3.30
CA GLU D 403 18.51 -24.14 -3.75
C GLU D 403 18.66 -24.33 -5.24
N VAL D 404 18.71 -25.58 -5.69
CA VAL D 404 18.79 -25.83 -7.12
C VAL D 404 17.55 -25.32 -7.88
N ALA D 405 16.36 -25.48 -7.32
CA ALA D 405 15.13 -25.04 -8.02
C ALA D 405 15.20 -23.57 -8.39
N SER D 406 15.70 -22.79 -7.45
CA SER D 406 15.94 -21.40 -7.64
C SER D 406 16.94 -21.11 -8.78
N LYS D 407 18.10 -21.79 -8.77
CA LYS D 407 19.12 -21.58 -9.78
C LYS D 407 18.56 -21.93 -11.17
N ILE D 408 17.78 -22.99 -11.23
CA ILE D 408 17.18 -23.41 -12.47
C ILE D 408 16.26 -22.31 -13.03
N ASP D 409 15.42 -21.76 -12.17
CA ASP D 409 14.53 -20.70 -12.59
C ASP D 409 15.30 -19.49 -13.12
N GLU D 410 16.37 -19.07 -12.44
CA GLU D 410 17.20 -17.95 -12.92
C GLU D 410 17.76 -18.27 -14.29
N GLU D 411 18.44 -19.40 -14.42
CA GLU D 411 19.03 -19.76 -15.68
C GLU D 411 17.97 -19.71 -16.79
N VAL D 412 16.83 -20.33 -16.55
CA VAL D 412 15.81 -20.39 -17.55
C VAL D 412 15.42 -18.97 -17.96
N LYS D 413 15.06 -18.15 -16.99
CA LYS D 413 14.72 -16.77 -17.25
C LYS D 413 15.82 -16.08 -18.03
N LYS D 414 17.07 -16.44 -17.77
CA LYS D 414 18.19 -15.78 -18.40
C LYS D 414 18.24 -16.16 -19.90
N ILE D 415 17.96 -17.42 -20.22
CA ILE D 415 17.95 -17.84 -21.62
C ILE D 415 16.83 -17.17 -22.38
N VAL D 416 15.60 -17.32 -21.90
CA VAL D 416 14.46 -16.69 -22.54
C VAL D 416 14.61 -15.16 -22.64
N THR D 417 15.04 -14.51 -21.59
CA THR D 417 15.17 -13.10 -21.68
C THR D 417 16.17 -12.68 -22.75
N ASN D 418 17.31 -13.34 -22.80
CA ASN D 418 18.31 -13.02 -23.82
C ASN D 418 17.78 -13.20 -25.21
N CYS D 419 17.05 -14.28 -25.42
CA CYS D 419 16.49 -14.53 -26.71
C CYS D 419 15.46 -13.46 -27.07
N TYR D 420 14.69 -13.03 -26.08
CA TYR D 420 13.65 -12.05 -26.30
C TYR D 420 14.23 -10.71 -26.69
N GLU D 421 15.26 -10.27 -25.98
CA GLU D 421 15.98 -9.06 -26.38
C GLU D 421 16.58 -9.21 -27.80
N ARG D 422 17.04 -10.41 -28.12
CA ARG D 422 17.63 -10.64 -29.40
C ARG D 422 16.56 -10.49 -30.47
N ALA D 423 15.38 -11.04 -30.19
CA ALA D 423 14.22 -10.92 -31.10
C ALA D 423 13.90 -9.48 -31.36
N LYS D 424 13.80 -8.68 -30.30
CA LYS D 424 13.46 -7.27 -30.42
C LYS D 424 14.45 -6.51 -31.28
N GLU D 425 15.73 -6.81 -31.15
CA GLU D 425 16.74 -6.12 -31.94
C GLU D 425 16.51 -6.39 -33.41
N ILE D 426 16.14 -7.63 -33.74
CA ILE D 426 15.99 -8.02 -35.14
C ILE D 426 14.82 -7.30 -35.75
N ILE D 427 13.70 -7.29 -35.02
CA ILE D 427 12.54 -6.52 -35.43
C ILE D 427 12.90 -5.07 -35.69
N ARG D 428 13.66 -4.45 -34.80
CA ARG D 428 13.98 -3.04 -34.97
C ARG D 428 14.81 -2.84 -36.21
N LYS D 429 15.79 -3.73 -36.38
CA LYS D 429 16.70 -3.65 -37.49
C LYS D 429 15.97 -3.83 -38.81
N TYR D 430 14.90 -4.62 -38.78
CA TYR D 430 14.21 -4.99 -40.00
C TYR D 430 12.76 -4.52 -39.96
N ARG D 431 12.56 -3.37 -39.34
CA ARG D 431 11.25 -2.81 -39.22
C ARG D 431 10.56 -2.63 -40.59
N LYS D 432 11.25 -2.06 -41.56
CA LYS D 432 10.61 -1.79 -42.85
C LYS D 432 10.01 -3.06 -43.42
N GLN D 433 10.82 -4.10 -43.45
CA GLN D 433 10.44 -5.33 -44.07
C GLN D 433 9.30 -6.00 -43.31
N LEU D 434 9.27 -5.77 -42.00
CA LEU D 434 8.17 -6.18 -41.18
C LEU D 434 6.90 -5.49 -41.60
N ASP D 435 6.95 -4.18 -41.70
CA ASP D 435 5.78 -3.40 -42.08
C ASP D 435 5.28 -3.82 -43.47
N ASN D 436 6.20 -4.04 -44.39
CA ASN D 436 5.83 -4.47 -45.72
C ASN D 436 5.02 -5.74 -45.69
N ILE D 437 5.51 -6.73 -44.97
CA ILE D 437 4.86 -8.02 -44.94
C ILE D 437 3.48 -7.90 -44.33
N VAL D 438 3.35 -7.00 -43.36
CA VAL D 438 2.06 -6.79 -42.73
C VAL D 438 1.06 -6.20 -43.71
N GLU D 439 1.49 -5.20 -44.48
CA GLU D 439 0.61 -4.61 -45.50
C GLU D 439 0.05 -5.69 -46.40
N ILE D 440 0.93 -6.54 -46.90
CA ILE D 440 0.50 -7.59 -47.81
C ILE D 440 -0.35 -8.60 -47.08
N LEU D 441 0.06 -8.92 -45.87
CA LEU D 441 -0.67 -9.90 -45.08
C LEU D 441 -2.11 -9.45 -44.83
N LEU D 442 -2.27 -8.17 -44.49
CA LEU D 442 -3.57 -7.61 -44.21
C LEU D 442 -4.50 -7.68 -45.41
N GLU D 443 -3.92 -7.81 -46.59
CA GLU D 443 -4.70 -7.82 -47.83
C GLU D 443 -5.13 -9.25 -48.18
N LYS D 444 -4.22 -10.19 -48.00
CA LYS D 444 -4.41 -11.55 -48.46
C LYS D 444 -4.90 -12.44 -47.33
N GLU D 445 -4.65 -12.01 -46.10
CA GLU D 445 -5.11 -12.74 -44.95
C GLU D 445 -4.25 -14.00 -44.78
N THR D 446 -3.85 -14.59 -45.90
CA THR D 446 -2.97 -15.78 -45.90
C THR D 446 -1.91 -15.68 -47.01
N ILE D 447 -0.68 -16.06 -46.69
CA ILE D 447 0.39 -16.10 -47.67
C ILE D 447 1.11 -17.44 -47.62
N GLU D 448 1.27 -18.06 -48.79
CA GLU D 448 1.57 -19.47 -48.88
C GLU D 448 2.52 -19.78 -50.02
N GLY D 449 3.36 -20.80 -49.83
CA GLY D 449 4.09 -21.40 -50.94
C GLY D 449 4.90 -20.40 -51.72
N ASP D 450 4.56 -20.24 -52.99
CA ASP D 450 5.31 -19.35 -53.89
C ASP D 450 5.11 -17.86 -53.58
N GLU D 451 3.86 -17.45 -53.39
CA GLU D 451 3.58 -16.08 -52.97
C GLU D 451 4.54 -15.68 -51.85
N LEU D 452 4.88 -16.65 -51.00
CA LEU D 452 5.64 -16.37 -49.78
C LEU D 452 7.16 -16.42 -50.02
N ARG D 453 7.57 -17.00 -51.14
CA ARG D 453 8.97 -17.00 -51.50
C ARG D 453 9.34 -15.64 -52.01
N ARG D 454 8.58 -15.19 -53.01
CA ARG D 454 8.82 -13.91 -53.66
C ARG D 454 8.91 -12.80 -52.62
N ILE D 455 7.86 -12.65 -51.83
CA ILE D 455 7.85 -11.63 -50.82
C ILE D 455 9.14 -11.69 -50.01
N LEU D 456 9.44 -12.86 -49.45
CA LEU D 456 10.57 -12.97 -48.56
C LEU D 456 11.90 -12.72 -49.26
N SER D 457 12.04 -13.21 -50.50
CA SER D 457 13.24 -12.92 -51.29
C SER D 457 13.39 -11.43 -51.57
N GLU D 458 12.32 -10.81 -52.01
CA GLU D 458 12.33 -9.40 -52.35
C GLU D 458 12.61 -8.52 -51.11
N GLU D 459 12.01 -8.87 -49.97
CA GLU D 459 12.13 -8.09 -48.76
C GLU D 459 13.53 -8.16 -48.24
N PHE D 460 14.13 -9.33 -48.33
CA PHE D 460 15.34 -9.57 -47.63
C PHE D 460 16.59 -9.52 -48.50
N GLU D 461 16.44 -8.95 -49.70
CA GLU D 461 17.55 -8.87 -50.63
C GLU D 461 17.61 -7.47 -51.26
N PRO E 7 -56.67 -28.59 -28.89
CA PRO E 7 -56.64 -27.14 -28.72
C PRO E 7 -57.30 -26.70 -27.41
N SER E 8 -56.55 -25.95 -26.61
CA SER E 8 -57.05 -25.39 -25.35
C SER E 8 -58.26 -24.50 -25.61
N GLY E 9 -59.26 -24.59 -24.74
CA GLY E 9 -60.47 -23.76 -24.87
C GLY E 9 -60.51 -22.61 -23.88
N ASN E 10 -59.32 -22.15 -23.46
CA ASN E 10 -59.21 -20.97 -22.59
C ASN E 10 -59.04 -19.69 -23.43
N LYS E 11 -59.12 -18.52 -22.78
CA LYS E 11 -59.25 -17.28 -23.53
C LYS E 11 -57.98 -16.88 -24.25
N ARG E 12 -58.16 -16.39 -25.46
CA ARG E 12 -57.05 -15.91 -26.28
C ARG E 12 -56.36 -14.77 -25.59
N VAL E 13 -55.05 -14.75 -25.66
CA VAL E 13 -54.30 -13.68 -25.08
C VAL E 13 -53.29 -13.15 -26.08
N THR E 14 -52.88 -11.91 -25.90
CA THR E 14 -51.96 -11.30 -26.82
C THR E 14 -50.91 -10.63 -26.00
N PHE E 15 -49.88 -10.12 -26.65
CA PHE E 15 -48.83 -9.39 -25.96
C PHE E 15 -49.38 -8.26 -25.11
N LYS E 16 -50.44 -7.62 -25.54
CA LYS E 16 -51.11 -6.61 -24.74
C LYS E 16 -51.31 -7.09 -23.31
N ASP E 17 -51.19 -8.40 -23.12
CA ASP E 17 -51.52 -9.04 -21.85
C ASP E 17 -50.29 -9.40 -21.02
N VAL E 18 -49.11 -9.13 -21.56
CA VAL E 18 -47.87 -9.49 -20.90
C VAL E 18 -47.11 -8.22 -20.49
N GLY E 19 -46.81 -8.12 -19.20
CA GLY E 19 -46.10 -6.96 -18.69
C GLY E 19 -44.62 -7.23 -18.35
N GLY E 20 -43.77 -6.28 -18.73
CA GLY E 20 -42.38 -6.29 -18.32
C GLY E 20 -41.54 -7.39 -18.94
N ALA E 21 -41.85 -7.77 -20.17
CA ALA E 21 -41.08 -8.79 -20.85
C ALA E 21 -40.77 -8.36 -22.28
N GLU E 22 -40.27 -7.13 -22.41
CA GLU E 22 -40.03 -6.52 -23.70
C GLU E 22 -39.02 -7.30 -24.51
N GLU E 23 -37.96 -7.76 -23.86
CA GLU E 23 -36.90 -8.45 -24.56
C GLU E 23 -37.40 -9.78 -25.13
N ALA E 24 -38.17 -10.50 -24.33
CA ALA E 24 -38.69 -11.79 -24.72
C ALA E 24 -39.66 -11.63 -25.86
N ILE E 25 -40.51 -10.62 -25.76
CA ILE E 25 -41.51 -10.41 -26.75
C ILE E 25 -40.82 -10.15 -28.07
N GLU E 26 -39.85 -9.25 -28.11
CA GLU E 26 -39.18 -8.97 -29.37
C GLU E 26 -38.61 -10.24 -29.97
N GLU E 27 -38.11 -11.13 -29.13
CA GLU E 27 -37.60 -12.42 -29.58
C GLU E 27 -38.74 -13.20 -30.24
N LEU E 28 -39.87 -13.26 -29.58
CA LEU E 28 -40.95 -14.12 -30.03
C LEU E 28 -41.70 -13.54 -31.24
N LYS E 29 -41.51 -12.26 -31.52
CA LYS E 29 -42.24 -11.65 -32.64
C LYS E 29 -41.94 -12.33 -33.96
N GLU E 30 -40.73 -12.85 -34.13
CA GLU E 30 -40.35 -13.60 -35.33
C GLU E 30 -41.15 -14.89 -35.42
N VAL E 31 -41.36 -15.53 -34.28
CA VAL E 31 -42.10 -16.75 -34.23
C VAL E 31 -43.55 -16.50 -34.61
N VAL E 32 -44.09 -15.36 -34.17
CA VAL E 32 -45.43 -14.95 -34.58
C VAL E 32 -45.52 -14.79 -36.09
N GLU E 33 -44.60 -14.06 -36.68
CA GLU E 33 -44.65 -13.89 -38.12
C GLU E 33 -44.69 -15.26 -38.79
N PHE E 34 -43.79 -16.14 -38.39
CA PHE E 34 -43.72 -17.45 -38.96
C PHE E 34 -45.09 -18.10 -38.95
N LEU E 35 -45.68 -18.20 -37.75
CA LEU E 35 -46.96 -18.91 -37.57
C LEU E 35 -48.12 -18.26 -38.38
N LYS E 36 -48.11 -16.94 -38.52
CA LYS E 36 -49.09 -16.27 -39.39
C LYS E 36 -49.04 -16.78 -40.82
N ASP E 37 -47.83 -16.99 -41.35
CA ASP E 37 -47.68 -17.50 -42.72
C ASP E 37 -46.34 -18.16 -42.94
N PRO E 38 -46.25 -19.45 -42.63
CA PRO E 38 -44.99 -20.13 -42.76
C PRO E 38 -44.43 -20.09 -44.15
N SER E 39 -45.26 -19.79 -45.14
CA SER E 39 -44.79 -19.86 -46.52
C SER E 39 -43.88 -18.68 -46.84
N LYS E 40 -44.05 -17.56 -46.14
CA LYS E 40 -43.17 -16.40 -46.31
C LYS E 40 -41.76 -16.87 -46.03
N PHE E 41 -41.63 -17.81 -45.12
CA PHE E 41 -40.34 -18.29 -44.69
C PHE E 41 -39.82 -19.40 -45.58
N ASN E 42 -40.65 -20.40 -45.83
CA ASN E 42 -40.24 -21.55 -46.64
C ASN E 42 -39.85 -21.14 -48.01
N ARG E 43 -40.41 -20.05 -48.45
CA ARG E 43 -40.28 -19.65 -49.84
C ARG E 43 -38.88 -19.17 -50.11
N ILE E 44 -38.17 -18.76 -49.07
CA ILE E 44 -36.82 -18.27 -49.23
C ILE E 44 -35.88 -19.01 -48.29
N GLY E 45 -36.33 -20.16 -47.81
CA GLY E 45 -35.50 -21.04 -46.99
C GLY E 45 -35.05 -20.56 -45.61
N ALA E 46 -35.84 -19.72 -44.97
CA ALA E 46 -35.52 -19.27 -43.61
C ALA E 46 -35.92 -20.35 -42.64
N ARG E 47 -34.98 -21.01 -41.99
CA ARG E 47 -35.42 -22.05 -41.07
C ARG E 47 -35.59 -21.56 -39.63
N MET E 48 -36.73 -21.91 -39.06
CA MET E 48 -37.06 -21.59 -37.67
C MET E 48 -36.71 -22.75 -36.75
N PRO E 49 -36.47 -22.46 -35.48
CA PRO E 49 -36.21 -23.56 -34.57
C PRO E 49 -37.47 -24.37 -34.35
N LYS E 50 -37.32 -25.68 -34.15
CA LYS E 50 -38.45 -26.53 -33.88
C LYS E 50 -38.88 -26.39 -32.42
N GLY E 51 -37.91 -26.02 -31.57
CA GLY E 51 -38.14 -25.96 -30.14
C GLY E 51 -37.58 -24.74 -29.47
N ILE E 52 -38.37 -24.13 -28.59
CA ILE E 52 -37.91 -22.99 -27.82
C ILE E 52 -37.97 -23.25 -26.31
N LEU E 53 -36.87 -23.00 -25.62
CA LEU E 53 -36.83 -23.21 -24.20
C LEU E 53 -37.07 -21.90 -23.44
N LEU E 54 -38.20 -21.81 -22.75
CA LEU E 54 -38.50 -20.69 -21.91
C LEU E 54 -38.00 -20.97 -20.49
N VAL E 55 -37.00 -20.19 -20.05
CA VAL E 55 -36.34 -20.42 -18.77
C VAL E 55 -36.56 -19.26 -17.79
N GLY E 56 -36.92 -19.59 -16.55
CA GLY E 56 -37.12 -18.60 -15.53
C GLY E 56 -38.00 -19.12 -14.41
N PRO E 57 -38.08 -18.36 -13.31
CA PRO E 57 -38.79 -18.83 -12.13
C PRO E 57 -40.26 -18.91 -12.36
N PRO E 58 -40.96 -19.52 -11.43
CA PRO E 58 -42.39 -19.71 -11.51
C PRO E 58 -43.14 -18.39 -11.44
N GLY E 59 -44.22 -18.28 -12.21
CA GLY E 59 -45.11 -17.13 -12.12
C GLY E 59 -44.59 -15.91 -12.84
N THR E 60 -43.63 -16.13 -13.73
CA THR E 60 -43.02 -15.03 -14.48
C THR E 60 -43.60 -14.88 -15.87
N GLY E 61 -44.56 -15.71 -16.23
CA GLY E 61 -45.27 -15.55 -17.51
C GLY E 61 -44.75 -16.44 -18.65
N LYS E 62 -44.05 -17.50 -18.28
CA LYS E 62 -43.59 -18.44 -19.25
C LYS E 62 -44.78 -18.93 -20.08
N THR E 63 -45.78 -19.50 -19.42
CA THR E 63 -46.98 -19.99 -20.11
C THR E 63 -47.67 -18.85 -20.83
N LEU E 64 -47.92 -17.77 -20.10
CA LEU E 64 -48.62 -16.60 -20.64
C LEU E 64 -48.02 -16.16 -21.99
N LEU E 65 -46.70 -16.14 -22.08
CA LEU E 65 -46.04 -15.78 -23.32
C LEU E 65 -46.35 -16.79 -24.40
N ALA E 66 -46.17 -18.07 -24.10
CA ALA E 66 -46.51 -19.12 -25.07
C ALA E 66 -47.90 -18.87 -25.61
N ARG E 67 -48.86 -18.69 -24.72
CA ARG E 67 -50.23 -18.41 -25.12
C ARG E 67 -50.33 -17.12 -25.93
N ALA E 68 -49.53 -16.12 -25.57
CA ALA E 68 -49.61 -14.83 -26.24
C ALA E 68 -49.24 -14.99 -27.71
N VAL E 69 -48.15 -15.71 -27.95
CA VAL E 69 -47.71 -16.02 -29.29
C VAL E 69 -48.85 -16.66 -30.09
N ALA E 70 -49.48 -17.68 -29.51
CA ALA E 70 -50.53 -18.38 -30.19
C ALA E 70 -51.65 -17.44 -30.55
N GLY E 71 -52.04 -16.61 -29.61
CA GLY E 71 -53.11 -15.66 -29.86
C GLY E 71 -52.69 -14.61 -30.88
N GLU E 72 -51.45 -14.17 -30.79
CA GLU E 72 -50.99 -13.08 -31.64
C GLU E 72 -50.96 -13.52 -33.10
N ALA E 73 -50.84 -14.83 -33.31
CA ALA E 73 -50.78 -15.38 -34.65
C ALA E 73 -52.09 -16.07 -35.01
N ASN E 74 -52.99 -16.18 -34.04
CA ASN E 74 -54.32 -16.69 -34.30
C ASN E 74 -54.25 -18.16 -34.70
N VAL E 75 -53.61 -18.93 -33.85
CA VAL E 75 -53.22 -20.27 -34.17
C VAL E 75 -53.55 -21.13 -32.95
N PRO E 76 -53.80 -22.43 -33.17
CA PRO E 76 -54.22 -23.25 -32.04
C PRO E 76 -53.09 -23.49 -31.07
N PHE E 77 -53.45 -23.77 -29.82
CA PHE E 77 -52.49 -23.88 -28.74
C PHE E 77 -52.79 -25.12 -27.92
N PHE E 78 -51.84 -26.05 -27.90
CA PHE E 78 -51.97 -27.27 -27.13
C PHE E 78 -51.15 -27.17 -25.85
N HIS E 79 -51.81 -27.29 -24.71
CA HIS E 79 -51.16 -27.16 -23.42
C HIS E 79 -50.94 -28.52 -22.82
N ILE E 80 -49.68 -28.95 -22.73
CA ILE E 80 -49.34 -30.19 -22.03
C ILE E 80 -48.52 -29.89 -20.79
N SER E 81 -48.74 -30.66 -19.73
CA SER E 81 -47.92 -30.53 -18.52
C SER E 81 -47.03 -31.77 -18.39
N GLY E 82 -45.73 -31.54 -18.24
CA GLY E 82 -44.75 -32.63 -18.13
C GLY E 82 -44.90 -33.42 -16.85
N SER E 83 -45.48 -32.79 -15.84
CA SER E 83 -45.67 -33.45 -14.54
C SER E 83 -46.68 -34.58 -14.62
N ASP E 84 -47.40 -34.65 -15.73
CA ASP E 84 -48.49 -35.60 -15.84
C ASP E 84 -48.09 -36.91 -16.49
N PHE E 85 -46.89 -36.95 -17.09
CA PHE E 85 -46.38 -38.19 -17.72
C PHE E 85 -45.58 -39.02 -16.74
N VAL E 86 -44.90 -38.34 -15.84
CA VAL E 86 -44.33 -39.00 -14.70
C VAL E 86 -45.47 -39.74 -14.02
N GLU E 87 -45.24 -40.99 -13.60
CA GLU E 87 -46.21 -41.71 -12.79
C GLU E 87 -47.06 -42.69 -13.61
N LEU E 88 -46.89 -42.69 -14.93
CA LEU E 88 -47.81 -43.43 -15.78
C LEU E 88 -47.46 -44.91 -15.86
N PHE E 89 -48.39 -45.67 -16.43
CA PHE E 89 -48.23 -47.13 -16.61
C PHE E 89 -47.31 -47.41 -17.81
N VAL E 90 -46.86 -48.66 -17.92
CA VAL E 90 -45.95 -49.09 -18.98
C VAL E 90 -46.39 -48.65 -20.38
N GLY E 91 -45.71 -47.65 -20.94
CA GLY E 91 -45.92 -47.27 -22.34
C GLY E 91 -46.90 -46.13 -22.57
N VAL E 92 -47.76 -45.87 -21.58
CA VAL E 92 -48.78 -44.83 -21.70
C VAL E 92 -48.20 -43.49 -22.17
N GLY E 93 -47.10 -43.08 -21.53
CA GLY E 93 -46.49 -41.78 -21.82
C GLY E 93 -46.05 -41.65 -23.27
N ALA E 94 -45.28 -42.61 -23.74
CA ALA E 94 -44.89 -42.64 -25.12
C ALA E 94 -46.11 -42.37 -25.98
N ALA E 95 -47.12 -43.22 -25.82
CA ALA E 95 -48.33 -43.12 -26.63
C ALA E 95 -48.87 -41.70 -26.58
N ARG E 96 -48.82 -41.10 -25.40
CA ARG E 96 -49.40 -39.78 -25.22
C ARG E 96 -48.59 -38.72 -25.91
N VAL E 97 -47.30 -38.97 -26.07
CA VAL E 97 -46.47 -38.04 -26.82
C VAL E 97 -46.79 -38.22 -28.28
N ARG E 98 -46.88 -39.48 -28.69
CA ARG E 98 -47.15 -39.81 -30.07
C ARG E 98 -48.43 -39.15 -30.58
N ASP E 99 -49.49 -39.16 -29.76
CA ASP E 99 -50.73 -38.55 -30.17
C ASP E 99 -50.68 -37.04 -30.08
N LEU E 100 -50.03 -36.52 -29.05
CA LEU E 100 -49.91 -35.08 -28.97
C LEU E 100 -49.43 -34.53 -30.30
N PHE E 101 -48.43 -35.19 -30.88
CA PHE E 101 -47.85 -34.69 -32.11
C PHE E 101 -48.71 -35.05 -33.31
N ALA E 102 -49.42 -36.16 -33.22
CA ALA E 102 -50.40 -36.49 -34.22
C ALA E 102 -51.32 -35.29 -34.38
N GLN E 103 -51.87 -34.84 -33.26
CA GLN E 103 -52.83 -33.73 -33.28
C GLN E 103 -52.13 -32.46 -33.76
N ALA E 104 -50.91 -32.28 -33.32
CA ALA E 104 -50.16 -31.11 -33.72
C ALA E 104 -50.14 -30.99 -35.25
N LYS E 105 -49.87 -32.10 -35.90
CA LYS E 105 -49.79 -32.10 -37.32
C LYS E 105 -51.15 -31.83 -37.91
N ALA E 106 -52.17 -32.40 -37.29
CA ALA E 106 -53.53 -32.27 -37.79
C ALA E 106 -53.98 -30.81 -37.76
N HIS E 107 -53.38 -30.02 -36.87
CA HIS E 107 -53.90 -28.68 -36.62
C HIS E 107 -52.91 -27.58 -36.95
N ALA E 108 -51.83 -27.93 -37.64
CA ALA E 108 -50.77 -26.96 -37.94
C ALA E 108 -51.24 -25.92 -38.96
N PRO E 109 -50.68 -24.71 -38.90
CA PRO E 109 -49.71 -24.25 -37.90
C PRO E 109 -50.30 -24.14 -36.50
N CYS E 110 -49.46 -24.38 -35.51
CA CYS E 110 -49.92 -24.42 -34.13
C CYS E 110 -48.73 -24.29 -33.18
N ILE E 111 -49.03 -24.02 -31.92
CA ILE E 111 -48.01 -24.10 -30.88
C ILE E 111 -48.31 -25.25 -29.95
N VAL E 112 -47.32 -26.09 -29.74
CA VAL E 112 -47.41 -27.12 -28.73
C VAL E 112 -46.59 -26.65 -27.57
N PHE E 113 -47.17 -26.66 -26.38
CA PHE E 113 -46.49 -26.12 -25.23
C PHE E 113 -46.35 -27.15 -24.13
N ILE E 114 -45.10 -27.42 -23.75
CA ILE E 114 -44.79 -28.42 -22.72
C ILE E 114 -44.30 -27.74 -21.45
N ASP E 115 -45.20 -27.48 -20.52
CA ASP E 115 -44.86 -26.87 -19.22
C ASP E 115 -43.98 -27.85 -18.42
N GLU E 116 -43.24 -27.33 -17.45
CA GLU E 116 -42.47 -28.20 -16.55
C GLU E 116 -41.83 -29.37 -17.29
N ILE E 117 -41.14 -29.09 -18.39
CA ILE E 117 -40.52 -30.14 -19.18
C ILE E 117 -39.44 -30.88 -18.40
N ASP E 118 -38.87 -30.20 -17.40
CA ASP E 118 -37.86 -30.80 -16.54
C ASP E 118 -38.36 -32.09 -15.90
N ALA E 119 -39.68 -32.20 -15.79
CA ALA E 119 -40.31 -33.40 -15.23
C ALA E 119 -40.05 -34.65 -16.08
N VAL E 120 -39.97 -34.47 -17.39
CA VAL E 120 -39.83 -35.60 -18.30
C VAL E 120 -38.51 -35.57 -19.06
N GLY E 121 -37.79 -34.46 -18.96
CA GLY E 121 -36.50 -34.33 -19.64
C GLY E 121 -35.33 -34.38 -18.67
N ARG E 122 -35.47 -35.19 -17.63
CA ARG E 122 -34.53 -35.19 -16.51
C ARG E 122 -33.16 -35.76 -16.87
N HIS E 123 -32.48 -36.31 -15.86
CA HIS E 123 -31.13 -36.84 -16.02
C HIS E 123 -30.48 -36.27 -17.28
N GLU E 134 -39.73 -46.24 -17.83
CA GLU E 134 -40.91 -45.51 -18.27
C GLU E 134 -40.55 -44.08 -18.67
N ARG E 135 -39.77 -43.39 -17.84
CA ARG E 135 -39.34 -42.04 -18.18
C ARG E 135 -38.46 -42.14 -19.42
N GLU E 136 -37.47 -43.03 -19.37
CA GLU E 136 -36.59 -43.29 -20.52
C GLU E 136 -37.33 -43.30 -21.88
N GLN E 137 -38.37 -44.11 -22.01
CA GLN E 137 -39.09 -44.22 -23.28
C GLN E 137 -39.90 -42.98 -23.58
N THR E 138 -40.57 -42.45 -22.56
CA THR E 138 -41.34 -41.23 -22.73
C THR E 138 -40.46 -40.18 -23.35
N LEU E 139 -39.29 -39.97 -22.79
CA LEU E 139 -38.36 -39.02 -23.34
C LEU E 139 -37.97 -39.41 -24.75
N ASN E 140 -37.34 -40.57 -24.89
CA ASN E 140 -36.88 -41.02 -26.19
C ASN E 140 -37.95 -40.82 -27.23
N GLN E 141 -39.18 -41.10 -26.83
CA GLN E 141 -40.32 -40.91 -27.71
C GLN E 141 -40.40 -39.48 -28.16
N LEU E 142 -40.37 -38.57 -27.19
CA LEU E 142 -40.39 -37.14 -27.48
C LEU E 142 -39.31 -36.77 -28.50
N LEU E 143 -38.06 -37.11 -28.18
CA LEU E 143 -36.93 -36.77 -29.03
C LEU E 143 -37.18 -37.21 -30.47
N VAL E 144 -37.85 -38.35 -30.64
CA VAL E 144 -38.20 -38.86 -31.95
C VAL E 144 -39.17 -37.92 -32.66
N GLU E 145 -40.24 -37.55 -31.96
CA GLU E 145 -41.28 -36.71 -32.54
C GLU E 145 -40.70 -35.36 -32.97
N MET E 146 -39.86 -34.77 -32.12
CA MET E 146 -39.19 -33.52 -32.46
C MET E 146 -38.43 -33.73 -33.75
N ASP E 147 -37.62 -34.77 -33.79
CA ASP E 147 -36.88 -35.09 -34.99
C ASP E 147 -37.84 -35.46 -36.10
N GLY E 148 -39.05 -35.82 -35.72
CA GLY E 148 -40.00 -36.42 -36.64
C GLY E 148 -40.91 -35.46 -37.40
N PHE E 149 -41.04 -34.21 -36.96
CA PHE E 149 -41.97 -33.30 -37.61
C PHE E 149 -41.28 -32.21 -38.40
N ASP E 150 -41.95 -31.77 -39.44
CA ASP E 150 -41.38 -30.84 -40.36
C ASP E 150 -41.76 -29.43 -39.95
N SER E 151 -40.75 -28.64 -39.60
CA SER E 151 -40.93 -27.27 -39.12
C SER E 151 -41.69 -26.42 -40.15
N LYS E 152 -41.56 -26.77 -41.43
CA LYS E 152 -42.12 -25.94 -42.49
C LYS E 152 -43.63 -25.96 -42.45
N GLU E 153 -44.16 -26.93 -41.71
CA GLU E 153 -45.60 -27.07 -41.54
C GLU E 153 -46.12 -26.00 -40.57
N GLY E 154 -45.20 -25.28 -39.95
CA GLY E 154 -45.58 -24.20 -39.02
C GLY E 154 -45.88 -24.69 -37.62
N ILE E 155 -45.19 -25.75 -37.20
CA ILE E 155 -45.30 -26.27 -35.87
C ILE E 155 -44.13 -25.77 -35.02
N ILE E 156 -44.44 -25.10 -33.93
CA ILE E 156 -43.44 -24.61 -33.01
C ILE E 156 -43.75 -25.21 -31.64
N VAL E 157 -42.78 -25.90 -31.08
CA VAL E 157 -42.89 -26.47 -29.77
C VAL E 157 -42.16 -25.59 -28.78
N MET E 158 -42.89 -25.09 -27.78
CA MET E 158 -42.29 -24.32 -26.72
C MET E 158 -42.35 -25.08 -25.44
N ALA E 159 -41.38 -24.83 -24.56
CA ALA E 159 -41.23 -25.58 -23.33
C ALA E 159 -40.78 -24.67 -22.21
N ALA E 160 -41.20 -24.98 -21.00
CA ALA E 160 -40.92 -24.14 -19.85
C ALA E 160 -40.27 -24.95 -18.77
N THR E 161 -39.32 -24.32 -18.09
CA THR E 161 -38.72 -24.86 -16.90
C THR E 161 -38.10 -23.72 -16.13
N ASN E 162 -37.92 -23.92 -14.84
CA ASN E 162 -37.07 -23.04 -14.07
C ASN E 162 -35.88 -23.83 -13.64
N ARG E 163 -35.75 -25.03 -14.19
CA ARG E 163 -34.75 -25.98 -13.74
C ARG E 163 -33.97 -26.51 -14.94
N PRO E 164 -33.30 -25.62 -15.66
CA PRO E 164 -32.75 -26.00 -16.94
C PRO E 164 -31.49 -26.79 -16.79
N ASP E 165 -30.97 -26.83 -15.58
CA ASP E 165 -29.73 -27.59 -15.29
C ASP E 165 -29.99 -29.09 -15.27
N ILE E 166 -31.25 -29.44 -15.02
CA ILE E 166 -31.65 -30.85 -14.86
C ILE E 166 -31.78 -31.54 -16.24
N LEU E 167 -31.92 -30.74 -17.30
CA LEU E 167 -32.34 -31.23 -18.62
C LEU E 167 -31.29 -32.07 -19.35
N ASP E 168 -31.72 -33.20 -19.88
CA ASP E 168 -30.84 -34.03 -20.67
C ASP E 168 -30.39 -33.27 -21.91
N PRO E 169 -29.07 -33.12 -22.07
CA PRO E 169 -28.49 -32.34 -23.16
C PRO E 169 -29.08 -32.71 -24.50
N ALA E 170 -29.53 -33.95 -24.62
CA ALA E 170 -30.09 -34.43 -25.87
C ALA E 170 -31.27 -33.57 -26.27
N LEU E 171 -31.92 -32.94 -25.30
CA LEU E 171 -33.02 -32.05 -25.59
C LEU E 171 -32.53 -30.76 -26.20
N LEU E 172 -31.27 -30.43 -25.91
CA LEU E 172 -30.72 -29.14 -26.28
C LEU E 172 -29.85 -29.20 -27.52
N ARG E 173 -29.94 -30.30 -28.25
CA ARG E 173 -29.15 -30.45 -29.45
C ARG E 173 -29.86 -29.76 -30.59
N PRO E 174 -29.09 -29.18 -31.52
CA PRO E 174 -29.67 -28.61 -32.72
C PRO E 174 -30.77 -29.50 -33.27
N GLY E 175 -31.85 -28.90 -33.72
CA GLY E 175 -32.99 -29.65 -34.19
C GLY E 175 -34.04 -29.73 -33.11
N ARG E 176 -33.59 -29.77 -31.87
CA ARG E 176 -34.48 -29.87 -30.76
C ARG E 176 -34.74 -28.51 -30.13
N PHE E 177 -34.62 -28.43 -28.82
CA PHE E 177 -34.86 -27.18 -28.11
C PHE E 177 -33.59 -26.37 -28.05
N ASP E 178 -33.21 -25.79 -29.18
CA ASP E 178 -31.89 -25.17 -29.33
C ASP E 178 -31.95 -23.64 -29.18
N LYS E 179 -33.08 -23.14 -28.69
CA LYS E 179 -33.23 -21.73 -28.45
C LYS E 179 -33.80 -21.51 -27.07
N LYS E 180 -33.16 -20.67 -26.29
CA LYS E 180 -33.69 -20.33 -24.99
C LYS E 180 -34.04 -18.84 -24.94
N ILE E 181 -35.19 -18.53 -24.37
CA ILE E 181 -35.50 -17.17 -24.04
C ILE E 181 -35.61 -17.10 -22.54
N VAL E 182 -34.83 -16.22 -21.94
CA VAL E 182 -34.82 -16.07 -20.49
C VAL E 182 -35.95 -15.15 -20.05
N VAL E 183 -36.75 -15.59 -19.11
CA VAL E 183 -37.86 -14.79 -18.61
C VAL E 183 -37.65 -14.37 -17.16
N ASP E 184 -37.16 -13.14 -16.98
CA ASP E 184 -36.75 -12.61 -15.68
C ASP E 184 -37.89 -12.09 -14.85
N PRO E 185 -37.71 -12.09 -13.53
CA PRO E 185 -38.67 -11.44 -12.67
C PRO E 185 -38.63 -9.97 -12.93
N PRO E 186 -39.77 -9.33 -12.87
CA PRO E 186 -39.89 -7.98 -13.34
C PRO E 186 -39.39 -6.97 -12.35
N ASP E 187 -38.85 -5.89 -12.90
CA ASP E 187 -38.41 -4.75 -12.11
C ASP E 187 -39.58 -3.87 -11.73
N MET E 188 -39.30 -2.71 -11.18
CA MET E 188 -40.32 -1.87 -10.67
C MET E 188 -41.32 -1.54 -11.74
N LEU E 189 -40.86 -0.97 -12.84
CA LEU E 189 -41.81 -0.59 -13.90
C LEU E 189 -42.52 -1.82 -14.45
N GLY E 190 -41.81 -2.93 -14.53
CA GLY E 190 -42.43 -4.17 -15.00
C GLY E 190 -43.61 -4.55 -14.13
N ARG E 191 -43.39 -4.54 -12.83
CA ARG E 191 -44.43 -4.80 -11.89
C ARG E 191 -45.58 -3.83 -12.12
N LYS E 192 -45.25 -2.59 -12.39
CA LYS E 192 -46.28 -1.58 -12.59
C LYS E 192 -47.16 -1.94 -13.78
N LYS E 193 -46.58 -2.36 -14.91
CA LYS E 193 -47.39 -2.72 -16.09
C LYS E 193 -48.29 -3.92 -15.82
N ILE E 194 -47.78 -4.85 -15.06
CA ILE E 194 -48.55 -6.01 -14.70
C ILE E 194 -49.78 -5.61 -13.87
N LEU E 195 -49.60 -4.79 -12.85
CA LEU E 195 -50.74 -4.36 -12.05
C LEU E 195 -51.71 -3.57 -12.91
N GLU E 196 -51.18 -2.85 -13.90
CA GLU E 196 -52.05 -2.13 -14.86
C GLU E 196 -52.88 -3.12 -15.65
N ILE E 197 -52.26 -4.22 -16.08
CA ILE E 197 -52.95 -5.20 -16.88
C ILE E 197 -54.08 -5.82 -16.08
N HIS E 198 -53.77 -6.24 -14.87
CA HIS E 198 -54.72 -7.01 -14.10
C HIS E 198 -55.71 -6.13 -13.37
N THR E 199 -55.56 -4.82 -13.51
CA THR E 199 -56.55 -3.90 -12.97
C THR E 199 -57.40 -3.29 -14.07
N ARG E 200 -57.14 -3.65 -15.32
CA ARG E 200 -57.85 -3.04 -16.45
C ARG E 200 -59.34 -3.09 -16.32
N ASN E 201 -59.87 -4.22 -15.85
CA ASN E 201 -61.31 -4.39 -15.81
C ASN E 201 -61.86 -4.25 -14.41
N LYS E 202 -61.02 -3.82 -13.47
CA LYS E 202 -61.42 -3.72 -12.09
C LYS E 202 -61.79 -2.27 -11.76
N PRO E 203 -62.68 -2.08 -10.78
CA PRO E 203 -63.03 -0.76 -10.29
C PRO E 203 -62.09 -0.24 -9.19
N LEU E 204 -61.19 0.67 -9.55
CA LEU E 204 -60.27 1.23 -8.57
C LEU E 204 -60.73 2.60 -8.07
N ALA E 205 -60.28 2.97 -6.88
CA ALA E 205 -60.47 4.31 -6.37
C ALA E 205 -59.43 5.23 -7.00
N GLU E 206 -59.68 6.53 -6.98
CA GLU E 206 -58.75 7.48 -7.59
C GLU E 206 -57.49 7.66 -6.73
N ASP E 207 -57.42 6.96 -5.59
CA ASP E 207 -56.30 7.09 -4.68
C ASP E 207 -55.26 5.98 -4.88
N VAL E 208 -55.62 4.98 -5.69
CA VAL E 208 -54.75 3.83 -5.89
C VAL E 208 -53.50 4.16 -6.69
N ASN E 209 -52.36 4.19 -6.01
CA ASN E 209 -51.08 4.52 -6.64
C ASN E 209 -50.31 3.26 -7.01
N LEU E 210 -50.39 2.86 -8.28
CA LEU E 210 -49.82 1.60 -8.69
C LEU E 210 -48.33 1.60 -8.57
N GLU E 211 -47.70 2.71 -8.92
CA GLU E 211 -46.26 2.76 -8.84
C GLU E 211 -45.82 2.46 -7.42
N ILE E 212 -46.38 3.16 -6.44
CA ILE E 212 -46.01 2.88 -5.06
C ILE E 212 -46.12 1.38 -4.79
N ILE E 213 -47.21 0.77 -5.21
CA ILE E 213 -47.41 -0.65 -4.97
C ILE E 213 -46.35 -1.44 -5.63
N ALA E 214 -46.02 -1.10 -6.86
CA ALA E 214 -44.92 -1.73 -7.54
C ALA E 214 -43.67 -1.61 -6.67
N LYS E 215 -43.47 -0.43 -6.08
CA LYS E 215 -42.30 -0.22 -5.26
C LYS E 215 -42.31 -1.11 -4.02
N ARG E 216 -43.49 -1.36 -3.47
CA ARG E 216 -43.53 -2.08 -2.21
C ARG E 216 -43.61 -3.59 -2.43
N THR E 217 -43.40 -4.02 -3.66
CA THR E 217 -43.44 -5.44 -3.97
C THR E 217 -42.15 -5.98 -4.58
N PRO E 218 -41.00 -5.63 -4.02
CA PRO E 218 -39.81 -6.19 -4.64
C PRO E 218 -39.84 -7.71 -4.58
N GLY E 219 -39.46 -8.35 -5.68
CA GLY E 219 -39.39 -9.80 -5.71
C GLY E 219 -40.66 -10.46 -6.24
N PHE E 220 -41.75 -9.72 -6.26
CA PHE E 220 -42.99 -10.28 -6.74
C PHE E 220 -42.87 -10.57 -8.22
N VAL E 221 -43.55 -11.64 -8.65
CA VAL E 221 -43.58 -12.00 -10.06
C VAL E 221 -45.01 -11.96 -10.54
N GLY E 222 -45.20 -12.02 -11.85
CA GLY E 222 -46.51 -11.88 -12.42
C GLY E 222 -47.54 -12.55 -11.55
N ALA E 223 -47.42 -13.85 -11.40
CA ALA E 223 -48.42 -14.64 -10.69
C ALA E 223 -48.75 -14.03 -9.33
N ASP E 224 -47.72 -13.54 -8.65
CA ASP E 224 -47.89 -12.98 -7.32
C ASP E 224 -48.65 -11.67 -7.41
N LEU E 225 -48.43 -10.95 -8.49
CA LEU E 225 -49.11 -9.67 -8.69
C LEU E 225 -50.60 -9.86 -9.03
N GLU E 226 -50.93 -10.90 -9.79
CA GLU E 226 -52.31 -11.19 -10.10
C GLU E 226 -53.06 -11.45 -8.79
N ASN E 227 -52.47 -12.30 -7.95
CA ASN E 227 -53.08 -12.65 -6.69
C ASN E 227 -53.33 -11.42 -5.82
N LEU E 228 -52.31 -10.59 -5.65
CA LEU E 228 -52.41 -9.37 -4.89
C LEU E 228 -53.66 -8.60 -5.27
N VAL E 229 -53.83 -8.42 -6.56
CA VAL E 229 -54.97 -7.72 -7.07
C VAL E 229 -56.24 -8.42 -6.62
N ASN E 230 -56.27 -9.74 -6.74
CA ASN E 230 -57.44 -10.46 -6.35
C ASN E 230 -57.68 -10.30 -4.88
N GLU E 231 -56.60 -10.40 -4.10
CA GLU E 231 -56.72 -10.28 -2.64
C GLU E 231 -57.18 -8.89 -2.30
N ALA E 232 -56.89 -7.94 -3.17
CA ALA E 232 -57.35 -6.59 -2.99
C ALA E 232 -58.83 -6.54 -3.21
N ALA E 233 -59.29 -7.28 -4.20
CA ALA E 233 -60.69 -7.28 -4.54
C ALA E 233 -61.46 -7.97 -3.45
N LEU E 234 -60.90 -9.06 -2.97
CA LEU E 234 -61.50 -9.81 -1.90
C LEU E 234 -61.74 -8.95 -0.67
N LEU E 235 -60.76 -8.13 -0.30
CA LEU E 235 -60.88 -7.25 0.86
C LEU E 235 -62.02 -6.27 0.69
N ALA E 236 -62.08 -5.64 -0.48
CA ALA E 236 -63.12 -4.68 -0.79
C ALA E 236 -64.49 -5.37 -0.79
N ALA E 237 -64.61 -6.48 -1.51
CA ALA E 237 -65.86 -7.22 -1.54
C ALA E 237 -66.29 -7.54 -0.13
N ARG E 238 -65.34 -7.99 0.67
CA ARG E 238 -65.61 -8.41 2.04
C ARG E 238 -66.32 -7.31 2.79
N GLU E 239 -65.94 -6.07 2.52
CA GLU E 239 -66.54 -4.92 3.18
C GLU E 239 -67.65 -4.30 2.35
N GLY E 240 -68.15 -5.06 1.37
CA GLY E 240 -69.30 -4.65 0.57
C GLY E 240 -69.07 -3.38 -0.24
N ARG E 241 -67.82 -3.15 -0.66
CA ARG E 241 -67.46 -1.92 -1.37
C ARG E 241 -67.27 -2.09 -2.89
N ASP E 242 -67.57 -1.01 -3.60
CA ASP E 242 -67.59 -1.03 -5.06
C ASP E 242 -66.21 -0.84 -5.65
N LYS E 243 -65.42 0.07 -5.09
CA LYS E 243 -64.09 0.32 -5.60
C LYS E 243 -63.02 -0.30 -4.70
N ILE E 244 -61.88 -0.62 -5.30
CA ILE E 244 -60.73 -1.14 -4.59
C ILE E 244 -59.82 0.03 -4.24
N THR E 245 -59.57 0.22 -2.94
CA THR E 245 -58.83 1.38 -2.46
C THR E 245 -57.36 1.06 -2.22
N MET E 246 -56.54 2.09 -2.16
CA MET E 246 -55.12 1.91 -1.88
C MET E 246 -54.90 1.10 -0.61
N LYS E 247 -55.68 1.37 0.41
CA LYS E 247 -55.53 0.64 1.64
C LYS E 247 -55.76 -0.85 1.40
N ASP E 248 -56.64 -1.18 0.46
CA ASP E 248 -56.87 -2.58 0.14
C ASP E 248 -55.59 -3.19 -0.36
N PHE E 249 -54.95 -2.53 -1.32
CA PHE E 249 -53.71 -3.06 -1.89
C PHE E 249 -52.62 -3.12 -0.84
N GLU E 250 -52.48 -2.03 -0.11
CA GLU E 250 -51.52 -2.03 0.96
C GLU E 250 -51.81 -3.24 1.85
N GLU E 251 -53.02 -3.37 2.35
CA GLU E 251 -53.35 -4.46 3.25
C GLU E 251 -53.17 -5.82 2.61
N ALA E 252 -53.30 -5.88 1.29
CA ALA E 252 -53.23 -7.15 0.58
C ALA E 252 -51.80 -7.66 0.55
N ILE E 253 -50.87 -6.74 0.33
CA ILE E 253 -49.43 -7.04 0.30
C ILE E 253 -48.97 -7.91 1.46
N ASP E 254 -49.37 -7.54 2.66
CA ASP E 254 -48.97 -8.26 3.86
C ASP E 254 -49.74 -9.58 3.97
N ARG E 255 -50.71 -9.77 3.09
CA ARG E 255 -51.49 -10.99 3.02
C ARG E 255 -50.93 -12.00 1.98
N VAL E 256 -50.61 -11.53 0.78
CA VAL E 256 -49.91 -12.37 -0.23
C VAL E 256 -48.52 -12.77 0.26
N ILE E 257 -47.82 -11.85 0.92
CA ILE E 257 -46.52 -12.14 1.53
C ILE E 257 -46.68 -12.93 2.84
N ALA E 258 -46.99 -12.21 3.93
CA ALA E 258 -47.05 -12.79 5.27
C ALA E 258 -46.93 -11.68 6.31
N LEU E 265 -35.74 -13.55 0.72
CA LEU E 265 -37.08 -13.19 0.30
C LEU E 265 -37.37 -11.69 0.62
N LEU E 266 -36.79 -11.19 1.71
CA LEU E 266 -37.02 -9.81 2.15
C LEU E 266 -35.70 -9.09 2.38
N ILE E 267 -35.20 -8.43 1.34
CA ILE E 267 -33.94 -7.70 1.42
C ILE E 267 -34.11 -6.34 2.11
N SER E 268 -33.16 -6.05 2.99
CA SER E 268 -33.24 -4.88 3.85
C SER E 268 -32.90 -3.57 3.11
N PRO E 269 -33.79 -2.60 3.17
CA PRO E 269 -33.49 -1.26 2.68
C PRO E 269 -32.00 -0.91 2.79
N ALA E 270 -31.42 -1.10 3.96
CA ALA E 270 -29.97 -0.93 4.14
C ALA E 270 -29.21 -1.75 3.10
N GLU E 271 -29.49 -3.04 3.04
CA GLU E 271 -28.79 -3.94 2.15
C GLU E 271 -28.93 -3.46 0.73
N LYS E 272 -30.16 -3.11 0.35
CA LYS E 272 -30.42 -2.63 -0.99
C LYS E 272 -29.48 -1.49 -1.30
N ARG E 273 -29.36 -0.54 -0.39
CA ARG E 273 -28.43 0.60 -0.55
C ARG E 273 -27.06 0.10 -0.98
N ILE E 274 -26.52 -0.84 -0.25
CA ILE E 274 -25.15 -1.26 -0.47
C ILE E 274 -24.99 -1.96 -1.81
N ILE E 275 -25.92 -2.86 -2.10
CA ILE E 275 -25.93 -3.53 -3.36
C ILE E 275 -26.00 -2.52 -4.48
N ALA E 276 -26.83 -1.48 -4.30
CA ALA E 276 -26.98 -0.42 -5.30
C ALA E 276 -25.67 0.33 -5.55
N TYR E 277 -24.98 0.70 -4.48
CA TYR E 277 -23.71 1.36 -4.64
C TYR E 277 -22.68 0.47 -5.28
N HIS E 278 -22.75 -0.82 -4.96
CA HIS E 278 -21.80 -1.82 -5.48
C HIS E 278 -21.96 -1.97 -6.99
N GLU E 279 -23.19 -2.03 -7.46
CA GLU E 279 -23.42 -2.23 -8.90
C GLU E 279 -23.16 -0.95 -9.66
N ALA E 280 -23.51 0.17 -9.06
CA ALA E 280 -23.25 1.45 -9.68
C ALA E 280 -21.74 1.57 -9.82
N GLY E 281 -21.05 1.16 -8.78
CA GLY E 281 -19.61 1.16 -8.78
C GLY E 281 -19.05 0.54 -10.06
N HIS E 282 -19.40 -0.73 -10.30
CA HIS E 282 -18.91 -1.41 -11.46
C HIS E 282 -19.16 -0.52 -12.67
N ALA E 283 -20.36 0.02 -12.75
CA ALA E 283 -20.77 0.75 -13.92
C ALA E 283 -19.95 2.03 -14.13
N VAL E 284 -19.78 2.81 -13.08
CA VAL E 284 -19.07 4.06 -13.20
C VAL E 284 -17.65 3.79 -13.68
N VAL E 285 -16.93 2.97 -12.92
CA VAL E 285 -15.58 2.64 -13.26
C VAL E 285 -15.49 2.15 -14.72
N SER E 286 -16.39 1.26 -15.13
CA SER E 286 -16.32 0.71 -16.47
C SER E 286 -16.45 1.79 -17.51
N THR E 287 -17.24 2.80 -17.19
CA THR E 287 -17.56 3.83 -18.16
C THR E 287 -16.43 4.85 -18.28
N VAL E 288 -15.69 5.07 -17.18
CA VAL E 288 -14.60 6.04 -17.19
C VAL E 288 -13.34 5.44 -17.74
N VAL E 289 -13.15 4.19 -17.43
CA VAL E 289 -11.97 3.48 -17.86
C VAL E 289 -11.99 3.31 -19.38
N PRO E 290 -10.92 3.78 -20.05
CA PRO E 290 -10.89 3.82 -21.51
C PRO E 290 -11.33 2.51 -22.17
N ASN E 291 -10.69 1.42 -21.81
CA ASN E 291 -10.99 0.13 -22.43
C ASN E 291 -12.03 -0.65 -21.63
N GLY E 292 -12.97 0.05 -21.01
CA GLY E 292 -14.03 -0.62 -20.28
C GLY E 292 -15.12 -1.15 -21.19
N GLU E 293 -15.78 -2.22 -20.75
CA GLU E 293 -16.83 -2.87 -21.54
C GLU E 293 -18.13 -2.09 -21.41
N PRO E 294 -18.63 -1.55 -22.55
CA PRO E 294 -19.88 -0.80 -22.48
C PRO E 294 -20.80 -1.49 -21.51
N VAL E 295 -21.52 -0.71 -20.69
CA VAL E 295 -22.48 -1.31 -19.79
C VAL E 295 -23.84 -1.23 -20.45
N HIS E 296 -24.53 -2.37 -20.57
CA HIS E 296 -25.84 -2.41 -21.22
C HIS E 296 -26.98 -2.24 -20.19
N ARG E 297 -26.76 -2.71 -18.97
CA ARG E 297 -27.79 -2.55 -17.94
C ARG E 297 -27.26 -2.89 -16.55
N ILE E 298 -27.79 -2.20 -15.55
CA ILE E 298 -27.49 -2.49 -14.13
C ILE E 298 -28.77 -2.97 -13.45
N SER E 299 -28.62 -3.82 -12.43
CA SER E 299 -29.78 -4.35 -11.74
C SER E 299 -29.47 -4.71 -10.32
N ILE E 300 -30.48 -4.59 -9.49
CA ILE E 300 -30.34 -4.69 -8.06
C ILE E 300 -30.86 -6.05 -7.65
N ILE E 301 -31.50 -6.69 -8.62
CA ILE E 301 -32.14 -7.98 -8.43
C ILE E 301 -31.13 -9.08 -8.12
N LYS E 319 -13.44 -11.76 -27.30
CA LYS E 319 -12.20 -11.16 -27.77
C LYS E 319 -11.10 -12.20 -27.94
N TYR E 320 -10.59 -12.33 -29.15
CA TYR E 320 -9.48 -13.23 -29.45
C TYR E 320 -8.25 -12.79 -28.66
N LEU E 321 -7.93 -11.50 -28.78
CA LEU E 321 -6.78 -10.91 -28.14
C LEU E 321 -7.20 -9.97 -27.10
N VAL E 322 -6.35 -9.80 -26.11
CA VAL E 322 -6.60 -8.81 -25.12
C VAL E 322 -5.28 -8.23 -24.65
N SER E 323 -5.23 -6.93 -24.47
CA SER E 323 -3.98 -6.27 -24.12
C SER E 323 -3.89 -5.96 -22.62
N ARG E 324 -2.68 -5.64 -22.17
CA ARG E 324 -2.42 -5.42 -20.77
C ARG E 324 -3.27 -4.30 -20.24
N ASN E 325 -3.30 -3.20 -20.95
CA ASN E 325 -4.08 -2.09 -20.51
C ASN E 325 -5.54 -2.50 -20.45
N GLU E 326 -6.01 -3.22 -21.47
CA GLU E 326 -7.38 -3.69 -21.50
C GLU E 326 -7.65 -4.48 -20.26
N LEU E 327 -6.74 -5.38 -19.90
CA LEU E 327 -6.92 -6.23 -18.75
C LEU E 327 -6.91 -5.44 -17.47
N LEU E 328 -6.03 -4.46 -17.38
CA LEU E 328 -5.97 -3.62 -16.21
C LEU E 328 -7.28 -2.88 -16.03
N ASP E 329 -7.84 -2.39 -17.13
CA ASP E 329 -9.10 -1.67 -17.07
C ASP E 329 -10.18 -2.60 -16.62
N LYS E 330 -10.13 -3.82 -17.09
CA LYS E 330 -11.13 -4.79 -16.72
C LYS E 330 -11.07 -5.02 -15.22
N LEU E 331 -9.85 -5.14 -14.72
CA LEU E 331 -9.61 -5.41 -13.32
C LEU E 331 -10.19 -4.30 -12.45
N THR E 332 -9.99 -3.08 -12.89
CA THR E 332 -10.39 -1.96 -12.13
C THR E 332 -11.92 -1.95 -12.04
N ALA E 333 -12.57 -2.21 -13.14
CA ALA E 333 -13.99 -2.34 -13.11
C ALA E 333 -14.38 -3.42 -12.08
N LEU E 334 -13.76 -4.57 -12.15
CA LEU E 334 -14.12 -5.66 -11.24
C LEU E 334 -14.08 -5.21 -9.80
N LEU E 335 -13.11 -4.39 -9.47
CA LEU E 335 -12.94 -3.95 -8.10
C LEU E 335 -13.78 -2.68 -7.81
N GLY E 336 -14.59 -2.26 -8.78
CA GLY E 336 -15.36 -1.04 -8.63
C GLY E 336 -16.35 -1.15 -7.49
N GLY E 337 -17.17 -2.21 -7.53
CA GLY E 337 -18.16 -2.44 -6.53
C GLY E 337 -17.58 -2.21 -5.16
N ARG E 338 -16.48 -2.85 -4.88
CA ARG E 338 -15.85 -2.79 -3.60
C ARG E 338 -15.26 -1.40 -3.30
N ALA E 339 -14.68 -0.77 -4.32
CA ALA E 339 -14.23 0.60 -4.16
C ALA E 339 -15.36 1.46 -3.65
N ALA E 340 -16.55 1.28 -4.24
CA ALA E 340 -17.68 2.12 -3.91
C ALA E 340 -18.14 1.89 -2.50
N GLU E 341 -18.18 0.64 -2.08
CA GLU E 341 -18.53 0.34 -0.71
C GLU E 341 -17.57 1.03 0.24
N GLU E 342 -16.29 0.95 -0.04
CA GLU E 342 -15.32 1.45 0.89
C GLU E 342 -15.36 2.95 1.00
N VAL E 343 -15.40 3.64 -0.14
CA VAL E 343 -15.41 5.09 -0.16
C VAL E 343 -16.67 5.65 0.48
N VAL E 344 -17.81 5.05 0.14
CA VAL E 344 -19.08 5.54 0.65
C VAL E 344 -19.38 5.12 2.08
N PHE E 345 -19.02 3.90 2.45
CA PHE E 345 -19.41 3.35 3.76
C PHE E 345 -18.25 3.15 4.70
N GLY E 346 -17.04 3.25 4.19
CA GLY E 346 -15.85 3.02 5.01
C GLY E 346 -15.74 1.58 5.47
N ASP E 347 -16.88 0.90 5.52
CA ASP E 347 -16.91 -0.55 5.75
C ASP E 347 -16.92 -1.27 4.39
N VAL E 348 -16.58 -2.54 4.40
CA VAL E 348 -16.61 -3.35 3.21
C VAL E 348 -17.32 -4.64 3.59
N THR E 349 -18.08 -5.21 2.66
CA THR E 349 -18.87 -6.40 2.95
C THR E 349 -18.39 -7.62 2.19
N SER E 350 -19.03 -8.75 2.46
CA SER E 350 -18.71 -10.00 1.81
C SER E 350 -19.13 -9.95 0.34
N GLY E 351 -19.88 -8.90 -0.01
CA GLY E 351 -20.43 -8.76 -1.36
C GLY E 351 -19.41 -8.97 -2.48
N ALA E 352 -18.20 -8.47 -2.28
CA ALA E 352 -17.24 -8.45 -3.34
C ALA E 352 -16.38 -9.73 -3.43
N ALA E 353 -16.71 -10.76 -2.66
CA ALA E 353 -15.85 -11.94 -2.64
C ALA E 353 -15.58 -12.46 -4.07
N ASN E 354 -16.61 -12.55 -4.87
CA ASN E 354 -16.49 -13.12 -6.21
C ASN E 354 -15.77 -12.17 -7.16
N ASP E 355 -15.91 -10.87 -6.93
CA ASP E 355 -15.18 -9.89 -7.74
C ASP E 355 -13.71 -10.04 -7.44
N ILE E 356 -13.40 -10.27 -6.19
CA ILE E 356 -12.03 -10.41 -5.75
C ILE E 356 -11.41 -11.66 -6.38
N GLU E 357 -12.12 -12.78 -6.28
CA GLU E 357 -11.61 -14.00 -6.81
C GLU E 357 -11.27 -13.76 -8.26
N ARG E 358 -12.16 -13.09 -8.96
CA ARG E 358 -11.98 -12.93 -10.38
C ARG E 358 -10.82 -12.02 -10.65
N ALA E 359 -10.75 -10.92 -9.94
CA ALA E 359 -9.66 -9.98 -10.14
C ALA E 359 -8.36 -10.72 -9.96
N THR E 360 -8.29 -11.51 -8.90
CA THR E 360 -7.06 -12.20 -8.57
C THR E 360 -6.71 -13.17 -9.67
N GLU E 361 -7.71 -13.82 -10.25
CA GLU E 361 -7.46 -14.78 -11.32
C GLU E 361 -6.82 -14.04 -12.50
N ILE E 362 -7.37 -12.91 -12.87
CA ILE E 362 -6.88 -12.21 -14.02
C ILE E 362 -5.43 -11.86 -13.77
N ALA E 363 -5.16 -11.32 -12.58
CA ALA E 363 -3.80 -10.92 -12.18
C ALA E 363 -2.77 -12.08 -12.15
N ARG E 364 -3.10 -13.22 -11.60
CA ARG E 364 -2.14 -14.30 -11.62
C ARG E 364 -1.86 -14.61 -13.07
N ASN E 365 -2.82 -14.35 -13.90
CA ASN E 365 -2.76 -14.84 -15.25
C ASN E 365 -1.87 -13.94 -16.07
N MET E 366 -1.92 -12.67 -15.75
CA MET E 366 -1.16 -11.71 -16.44
C MET E 366 0.27 -12.09 -16.19
N VAL E 367 0.52 -12.49 -14.96
CA VAL E 367 1.87 -12.63 -14.48
C VAL E 367 2.51 -13.99 -14.84
N CYS E 368 1.72 -15.07 -14.76
CA CYS E 368 2.24 -16.42 -14.94
C CYS E 368 2.03 -17.02 -16.33
N GLN E 369 1.14 -16.42 -17.11
CA GLN E 369 0.84 -16.97 -18.42
C GLN E 369 1.09 -16.03 -19.58
N LEU E 370 0.76 -14.75 -19.40
CA LEU E 370 0.76 -13.80 -20.48
C LEU E 370 2.02 -12.95 -20.43
N GLY E 371 2.94 -13.32 -19.56
CA GLY E 371 4.20 -12.62 -19.49
C GLY E 371 4.01 -11.13 -19.44
N MET E 372 3.10 -10.67 -18.59
CA MET E 372 2.82 -9.26 -18.52
C MET E 372 3.36 -8.60 -17.27
N SER E 373 4.24 -9.27 -16.55
CA SER E 373 4.84 -8.66 -15.38
C SER E 373 6.18 -8.02 -15.66
N GLU E 374 6.34 -6.83 -15.13
CA GLU E 374 7.62 -6.16 -14.96
C GLU E 374 8.76 -7.18 -14.75
N GLU E 375 8.75 -7.77 -13.56
CA GLU E 375 9.89 -8.38 -12.99
C GLU E 375 10.14 -9.75 -13.56
N LEU E 376 9.09 -10.55 -13.67
CA LEU E 376 9.22 -12.00 -13.94
C LEU E 376 9.44 -12.40 -15.41
N GLY E 377 9.31 -11.46 -16.34
CA GLY E 377 9.68 -11.71 -17.74
C GLY E 377 8.59 -12.40 -18.53
N PRO E 378 8.82 -12.55 -19.85
CA PRO E 378 7.97 -13.30 -20.76
C PRO E 378 8.17 -14.81 -20.60
N LEU E 379 7.76 -15.33 -19.46
CA LEU E 379 7.92 -16.74 -19.14
C LEU E 379 6.65 -17.31 -18.62
N ALA E 380 6.49 -18.60 -18.84
CA ALA E 380 5.38 -19.31 -18.29
C ALA E 380 5.78 -19.94 -16.96
N TRP E 381 5.16 -19.45 -15.88
CA TRP E 381 5.31 -20.05 -14.58
C TRP E 381 4.07 -20.86 -14.22
N GLY E 382 4.18 -22.17 -14.23
CA GLY E 382 3.09 -23.01 -13.80
C GLY E 382 2.48 -23.75 -14.96
N LYS E 383 1.44 -24.54 -14.69
CA LYS E 383 0.77 -25.32 -15.73
C LYS E 383 1.65 -26.49 -16.12
N LEU E 397 0.71 -27.90 -11.84
CA LEU E 397 0.43 -26.47 -11.88
C LEU E 397 1.65 -25.66 -11.41
N ARG E 398 2.51 -26.25 -10.56
CA ARG E 398 3.72 -25.53 -10.06
C ARG E 398 5.06 -26.20 -10.25
N ASN E 399 5.80 -25.74 -11.22
CA ASN E 399 7.12 -26.24 -11.51
C ASN E 399 8.17 -25.19 -11.25
N TYR E 400 8.00 -24.42 -10.17
CA TYR E 400 8.98 -23.38 -9.86
C TYR E 400 9.30 -23.25 -8.39
N SER E 401 10.32 -22.45 -8.10
CA SER E 401 10.85 -22.30 -6.74
C SER E 401 10.03 -21.40 -5.84
N GLU E 402 10.23 -21.56 -4.55
CA GLU E 402 9.60 -20.71 -3.58
C GLU E 402 9.99 -19.27 -3.84
N GLU E 403 11.25 -19.06 -4.22
CA GLU E 403 11.74 -17.74 -4.52
C GLU E 403 10.86 -17.04 -5.55
N VAL E 404 10.57 -17.73 -6.63
CA VAL E 404 9.72 -17.19 -7.65
C VAL E 404 8.25 -17.15 -7.21
N ALA E 405 7.83 -18.13 -6.42
CA ALA E 405 6.45 -18.18 -5.95
C ALA E 405 6.15 -16.91 -5.24
N SER E 406 7.10 -16.45 -4.44
CA SER E 406 6.88 -15.23 -3.69
C SER E 406 6.98 -13.94 -4.56
N LYS E 407 7.81 -13.94 -5.59
CA LYS E 407 7.81 -12.80 -6.53
C LYS E 407 6.50 -12.73 -7.26
N ILE E 408 5.96 -13.88 -7.63
CA ILE E 408 4.63 -13.93 -8.20
C ILE E 408 3.61 -13.31 -7.26
N ASP E 409 3.63 -13.69 -6.00
CA ASP E 409 2.59 -13.19 -5.12
C ASP E 409 2.68 -11.67 -4.92
N GLU E 410 3.91 -11.13 -4.86
CA GLU E 410 4.14 -9.67 -4.78
C GLU E 410 3.56 -8.95 -5.99
N GLU E 411 3.80 -9.50 -7.16
CA GLU E 411 3.43 -8.86 -8.38
C GLU E 411 1.93 -8.80 -8.49
N VAL E 412 1.31 -9.92 -8.20
CA VAL E 412 -0.12 -10.02 -8.20
C VAL E 412 -0.69 -8.99 -7.23
N LYS E 413 -0.23 -9.02 -6.01
CA LYS E 413 -0.65 -8.04 -5.05
C LYS E 413 -0.47 -6.62 -5.58
N LYS E 414 0.62 -6.39 -6.27
CA LYS E 414 0.90 -5.07 -6.78
C LYS E 414 -0.10 -4.67 -7.86
N ILE E 415 -0.40 -5.56 -8.77
CA ILE E 415 -1.34 -5.23 -9.81
C ILE E 415 -2.74 -4.94 -9.20
N VAL E 416 -3.27 -5.89 -8.48
CA VAL E 416 -4.60 -5.72 -7.93
C VAL E 416 -4.64 -4.48 -7.06
N THR E 417 -3.62 -4.30 -6.26
CA THR E 417 -3.63 -3.15 -5.36
C THR E 417 -3.72 -1.84 -6.14
N ASN E 418 -2.84 -1.64 -7.11
CA ASN E 418 -2.87 -0.42 -7.88
C ASN E 418 -4.25 -0.22 -8.45
N CYS E 419 -4.82 -1.30 -9.00
CA CYS E 419 -6.13 -1.22 -9.62
C CYS E 419 -7.21 -0.82 -8.63
N TYR E 420 -7.10 -1.30 -7.40
CA TYR E 420 -8.03 -0.93 -6.36
C TYR E 420 -7.97 0.55 -6.09
N GLU E 421 -6.78 1.05 -5.83
CA GLU E 421 -6.69 2.47 -5.58
C GLU E 421 -7.20 3.30 -6.78
N ARG E 422 -7.00 2.79 -7.98
CA ARG E 422 -7.40 3.50 -9.16
C ARG E 422 -8.91 3.58 -9.19
N ALA E 423 -9.55 2.48 -8.85
CA ALA E 423 -11.00 2.43 -8.79
C ALA E 423 -11.48 3.44 -7.75
N LYS E 424 -10.85 3.46 -6.59
CA LYS E 424 -11.29 4.37 -5.55
C LYS E 424 -11.23 5.83 -6.01
N GLU E 425 -10.11 6.23 -6.61
CA GLU E 425 -9.97 7.57 -7.13
C GLU E 425 -11.16 7.94 -8.02
N ILE E 426 -11.52 7.04 -8.92
CA ILE E 426 -12.59 7.30 -9.86
C ILE E 426 -13.93 7.51 -9.15
N ILE E 427 -14.23 6.63 -8.22
CA ILE E 427 -15.44 6.76 -7.43
C ILE E 427 -15.47 8.12 -6.72
N ARG E 428 -14.39 8.47 -6.04
CA ARG E 428 -14.37 9.72 -5.33
C ARG E 428 -14.51 10.89 -6.32
N LYS E 429 -13.92 10.73 -7.50
CA LYS E 429 -13.93 11.77 -8.54
C LYS E 429 -15.32 11.93 -9.15
N TYR E 430 -16.11 10.87 -9.11
CA TYR E 430 -17.46 10.86 -9.70
C TYR E 430 -18.50 10.54 -8.65
N ARG E 431 -18.24 10.95 -7.43
CA ARG E 431 -19.13 10.60 -6.35
C ARG E 431 -20.52 11.06 -6.68
N LYS E 432 -20.63 12.29 -7.14
CA LYS E 432 -21.91 12.90 -7.39
C LYS E 432 -22.78 12.02 -8.26
N GLN E 433 -22.23 11.61 -9.39
CA GLN E 433 -23.02 10.82 -10.34
C GLN E 433 -23.25 9.40 -9.84
N LEU E 434 -22.34 8.87 -9.04
CA LEU E 434 -22.59 7.61 -8.37
C LEU E 434 -23.85 7.77 -7.54
N ASP E 435 -23.84 8.77 -6.67
CA ASP E 435 -25.00 9.03 -5.80
C ASP E 435 -26.27 9.18 -6.64
N ASN E 436 -26.16 9.85 -7.78
CA ASN E 436 -27.30 10.07 -8.65
C ASN E 436 -27.82 8.75 -9.18
N ILE E 437 -26.90 7.91 -9.64
CA ILE E 437 -27.26 6.64 -10.22
C ILE E 437 -27.90 5.75 -9.19
N VAL E 438 -27.40 5.81 -7.96
CA VAL E 438 -27.98 5.02 -6.90
C VAL E 438 -29.39 5.49 -6.59
N GLU E 439 -29.58 6.81 -6.65
CA GLU E 439 -30.91 7.41 -6.52
C GLU E 439 -31.93 6.65 -7.40
N ILE E 440 -31.63 6.58 -8.69
CA ILE E 440 -32.51 5.97 -9.66
C ILE E 440 -32.59 4.48 -9.46
N LEU E 441 -31.45 3.87 -9.26
CA LEU E 441 -31.38 2.45 -9.15
C LEU E 441 -32.29 1.97 -8.04
N LEU E 442 -32.28 2.70 -6.92
CA LEU E 442 -33.06 2.32 -5.75
C LEU E 442 -34.54 2.40 -6.03
N GLU E 443 -34.93 3.33 -6.89
CA GLU E 443 -36.35 3.52 -7.26
C GLU E 443 -36.74 2.52 -8.35
N LYS E 444 -35.99 2.52 -9.45
CA LYS E 444 -36.31 1.70 -10.63
C LYS E 444 -35.86 0.26 -10.50
N GLU E 445 -34.78 0.03 -9.76
CA GLU E 445 -34.23 -1.32 -9.53
C GLU E 445 -33.34 -1.73 -10.68
N THR E 446 -33.69 -1.31 -11.89
CA THR E 446 -32.87 -1.58 -13.05
C THR E 446 -32.72 -0.35 -13.89
N ILE E 447 -31.60 -0.25 -14.59
CA ILE E 447 -31.40 0.89 -15.47
C ILE E 447 -30.47 0.67 -16.67
N GLU E 448 -30.75 1.46 -17.72
CA GLU E 448 -30.07 1.38 -19.00
C GLU E 448 -28.75 2.15 -18.99
N GLY E 449 -27.84 1.73 -19.85
CA GLY E 449 -26.55 2.39 -19.97
C GLY E 449 -26.65 3.78 -20.56
N ASP E 450 -27.16 3.89 -21.78
CA ASP E 450 -27.13 5.16 -22.49
C ASP E 450 -27.61 6.25 -21.57
N GLU E 451 -28.20 5.84 -20.47
CA GLU E 451 -28.72 6.77 -19.47
C GLU E 451 -27.67 7.00 -18.40
N LEU E 452 -27.07 5.93 -17.93
CA LEU E 452 -25.92 6.02 -17.03
C LEU E 452 -24.88 6.97 -17.60
N ARG E 453 -24.43 6.69 -18.82
CA ARG E 453 -23.45 7.53 -19.48
C ARG E 453 -23.92 8.99 -19.58
N ARG E 454 -25.15 9.20 -20.06
CA ARG E 454 -25.68 10.54 -20.12
C ARG E 454 -25.29 11.34 -18.88
N ILE E 455 -25.59 10.78 -17.71
CA ILE E 455 -25.34 11.48 -16.43
C ILE E 455 -23.86 11.54 -16.04
N LEU E 456 -23.03 10.71 -16.69
CA LEU E 456 -21.58 10.82 -16.52
C LEU E 456 -21.02 11.93 -17.41
N SER E 457 -21.82 12.97 -17.59
CA SER E 457 -21.31 14.23 -18.15
C SER E 457 -22.27 15.37 -17.83
N GLU E 458 -21.84 16.42 -17.34
N TYR F 5 -38.53 -44.06 0.62
CA TYR F 5 -38.46 -45.29 -0.23
C TYR F 5 -39.70 -46.16 -0.05
N LYS F 6 -39.81 -46.81 1.09
CA LYS F 6 -40.99 -47.62 1.41
C LYS F 6 -41.67 -47.07 2.67
N PRO F 7 -43.03 -47.16 2.73
CA PRO F 7 -43.78 -46.95 3.98
C PRO F 7 -43.44 -48.05 5.01
N SER F 8 -42.67 -47.67 6.03
CA SER F 8 -42.07 -48.62 6.95
C SER F 8 -43.00 -49.76 7.30
N GLY F 9 -42.46 -50.98 7.36
CA GLY F 9 -43.23 -52.14 7.78
C GLY F 9 -43.06 -52.39 9.27
N ASN F 10 -42.49 -51.41 9.97
CA ASN F 10 -42.24 -51.52 11.40
C ASN F 10 -43.53 -51.37 12.22
N LYS F 11 -43.46 -51.70 13.50
CA LYS F 11 -44.63 -51.69 14.37
C LYS F 11 -45.03 -50.27 14.76
N ARG F 12 -46.30 -49.95 14.55
CA ARG F 12 -46.82 -48.60 14.80
C ARG F 12 -46.57 -48.15 16.24
N VAL F 13 -46.21 -46.88 16.41
CA VAL F 13 -45.99 -46.31 17.73
C VAL F 13 -46.72 -44.99 17.85
N THR F 14 -47.11 -44.66 19.09
CA THR F 14 -47.86 -43.45 19.36
C THR F 14 -47.17 -42.66 20.44
N PHE F 15 -47.79 -41.57 20.86
CA PHE F 15 -47.23 -40.74 21.93
C PHE F 15 -47.22 -41.52 23.25
N LYS F 16 -48.07 -42.54 23.35
CA LYS F 16 -48.04 -43.45 24.49
C LYS F 16 -46.70 -44.19 24.57
N ASP F 17 -45.93 -44.15 23.49
CA ASP F 17 -44.68 -44.91 23.39
C ASP F 17 -43.45 -44.02 23.56
N VAL F 18 -43.67 -42.73 23.85
CA VAL F 18 -42.55 -41.78 23.96
C VAL F 18 -42.60 -41.00 25.28
N GLY F 19 -41.51 -41.08 26.04
CA GLY F 19 -41.48 -40.49 27.39
C GLY F 19 -40.57 -39.29 27.53
N GLY F 20 -40.83 -38.51 28.57
CA GLY F 20 -39.98 -37.36 28.92
C GLY F 20 -39.92 -36.32 27.83
N ALA F 21 -40.94 -36.29 26.98
CA ALA F 21 -40.94 -35.38 25.84
C ALA F 21 -42.28 -34.63 25.72
N GLU F 22 -42.78 -34.08 26.83
CA GLU F 22 -44.08 -33.41 26.86
C GLU F 22 -44.09 -32.15 25.99
N GLU F 23 -43.03 -31.37 26.08
CA GLU F 23 -42.94 -30.12 25.34
C GLU F 23 -42.94 -30.34 23.83
N ALA F 24 -42.17 -31.32 23.37
CA ALA F 24 -42.08 -31.63 21.94
C ALA F 24 -43.33 -32.35 21.44
N ILE F 25 -43.97 -33.12 22.32
CA ILE F 25 -45.24 -33.75 22.00
C ILE F 25 -46.26 -32.66 21.66
N GLU F 26 -46.39 -31.69 22.55
CA GLU F 26 -47.38 -30.61 22.38
C GLU F 26 -47.21 -29.88 21.06
N GLU F 27 -45.96 -29.57 20.71
CA GLU F 27 -45.66 -28.89 19.47
C GLU F 27 -46.17 -29.68 18.27
N LEU F 28 -46.07 -31.00 18.36
CA LEU F 28 -46.39 -31.85 17.23
C LEU F 28 -47.83 -32.34 17.24
N LYS F 29 -48.58 -32.04 18.30
CA LYS F 29 -49.99 -32.40 18.38
C LYS F 29 -50.80 -31.72 17.27
N GLU F 30 -50.42 -30.49 16.93
CA GLU F 30 -51.05 -29.77 15.82
C GLU F 30 -50.78 -30.50 14.49
N VAL F 31 -49.57 -31.06 14.36
CA VAL F 31 -49.19 -31.84 13.18
C VAL F 31 -50.08 -33.08 13.05
N VAL F 32 -50.38 -33.72 14.18
CA VAL F 32 -51.27 -34.88 14.21
C VAL F 32 -52.68 -34.48 13.76
N GLU F 33 -53.18 -33.36 14.28
CA GLU F 33 -54.50 -32.86 13.91
C GLU F 33 -54.59 -32.55 12.43
N PHE F 34 -53.48 -32.08 11.86
CA PHE F 34 -53.42 -31.75 10.45
C PHE F 34 -53.46 -33.02 9.58
N LEU F 35 -52.61 -33.98 9.91
CA LEU F 35 -52.48 -35.20 9.11
C LEU F 35 -53.77 -36.02 9.08
N LYS F 36 -54.53 -35.99 10.17
CA LYS F 36 -55.77 -36.75 10.27
C LYS F 36 -56.91 -36.11 9.47
N ASP F 37 -56.82 -34.80 9.23
CA ASP F 37 -57.85 -34.09 8.47
C ASP F 37 -57.31 -32.76 7.96
N PRO F 38 -56.41 -32.80 6.96
CA PRO F 38 -55.83 -31.58 6.39
C PRO F 38 -56.85 -30.58 5.85
N SER F 39 -58.09 -31.05 5.66
CA SER F 39 -59.16 -30.18 5.16
C SER F 39 -59.61 -29.17 6.22
N LYS F 40 -59.48 -29.54 7.49
CA LYS F 40 -59.80 -28.64 8.60
C LYS F 40 -58.99 -27.35 8.52
N PHE F 41 -57.71 -27.48 8.17
CA PHE F 41 -56.81 -26.34 8.11
C PHE F 41 -56.90 -25.64 6.75
N ASN F 42 -56.97 -26.42 5.68
CA ASN F 42 -57.07 -25.88 4.31
C ASN F 42 -58.32 -25.02 4.10
N ARG F 43 -59.37 -25.28 4.87
CA ARG F 43 -60.63 -24.57 4.68
C ARG F 43 -60.67 -23.18 5.32
N ILE F 44 -59.79 -22.94 6.29
CA ILE F 44 -59.68 -21.60 6.90
C ILE F 44 -58.27 -21.01 6.70
N GLY F 45 -57.49 -21.62 5.82
CA GLY F 45 -56.21 -21.06 5.40
C GLY F 45 -55.14 -21.08 6.47
N ALA F 46 -55.24 -21.99 7.44
CA ALA F 46 -54.20 -22.15 8.45
C ALA F 46 -53.03 -22.91 7.86
N ARG F 47 -51.97 -22.19 7.49
CA ARG F 47 -50.87 -22.79 6.74
C ARG F 47 -49.79 -23.42 7.63
N MET F 48 -49.58 -24.72 7.44
CA MET F 48 -48.60 -25.49 8.21
C MET F 48 -47.23 -25.41 7.59
N PRO F 49 -46.18 -25.54 8.41
CA PRO F 49 -44.83 -25.70 7.88
C PRO F 49 -44.68 -27.01 7.10
N LYS F 50 -43.89 -26.97 6.03
CA LYS F 50 -43.74 -28.13 5.16
C LYS F 50 -42.60 -29.04 5.65
N GLY F 51 -41.77 -28.49 6.55
CA GLY F 51 -40.67 -29.26 7.14
C GLY F 51 -40.44 -28.93 8.60
N ILE F 52 -40.33 -29.96 9.43
CA ILE F 52 -40.03 -29.77 10.85
C ILE F 52 -38.66 -30.36 11.15
N LEU F 53 -37.86 -29.62 11.91
CA LEU F 53 -36.49 -30.01 12.17
C LEU F 53 -36.29 -30.41 13.63
N LEU F 54 -36.03 -31.68 13.87
CA LEU F 54 -35.86 -32.17 15.22
C LEU F 54 -34.40 -32.22 15.60
N VAL F 55 -34.06 -31.49 16.67
CA VAL F 55 -32.69 -31.39 17.12
C VAL F 55 -32.55 -31.96 18.52
N GLY F 56 -31.48 -32.70 18.73
CA GLY F 56 -31.21 -33.29 20.02
C GLY F 56 -30.11 -34.29 19.89
N PRO F 57 -29.52 -34.73 21.01
CA PRO F 57 -28.45 -35.72 20.97
C PRO F 57 -28.96 -37.09 20.53
N PRO F 58 -28.05 -37.98 20.09
CA PRO F 58 -28.43 -39.34 19.66
C PRO F 58 -29.11 -40.15 20.76
N GLY F 59 -30.16 -40.89 20.40
CA GLY F 59 -30.87 -41.76 21.35
C GLY F 59 -31.86 -41.01 22.24
N THR F 60 -32.27 -39.83 21.80
CA THR F 60 -33.22 -39.00 22.58
C THR F 60 -34.66 -39.30 22.17
N GLY F 61 -34.81 -39.97 21.03
CA GLY F 61 -36.14 -40.31 20.54
C GLY F 61 -36.60 -39.41 19.43
N LYS F 62 -35.67 -38.82 18.69
CA LYS F 62 -36.03 -38.03 17.52
C LYS F 62 -36.79 -38.90 16.53
N THR F 63 -36.19 -40.00 16.12
CA THR F 63 -36.80 -40.94 15.19
C THR F 63 -38.15 -41.42 15.72
N LEU F 64 -38.16 -41.86 16.97
CA LEU F 64 -39.37 -42.32 17.61
C LEU F 64 -40.53 -41.31 17.47
N LEU F 65 -40.25 -40.03 17.73
CA LEU F 65 -41.28 -38.98 17.66
C LEU F 65 -41.93 -38.87 16.28
N ALA F 66 -41.10 -38.92 15.24
CA ALA F 66 -41.62 -38.86 13.88
C ALA F 66 -42.58 -40.03 13.64
N ARG F 67 -42.20 -41.21 14.15
CA ARG F 67 -43.02 -42.40 14.02
C ARG F 67 -44.30 -42.27 14.83
N ALA F 68 -44.19 -41.71 16.04
CA ALA F 68 -45.33 -41.56 16.93
C ALA F 68 -46.39 -40.65 16.29
N VAL F 69 -45.94 -39.55 15.70
CA VAL F 69 -46.85 -38.63 15.03
C VAL F 69 -47.55 -39.33 13.86
N ALA F 70 -46.80 -40.17 13.15
CA ALA F 70 -47.35 -40.94 12.03
C ALA F 70 -48.37 -41.95 12.53
N GLY F 71 -48.02 -42.63 13.63
CA GLY F 71 -48.91 -43.62 14.23
C GLY F 71 -50.10 -42.96 14.92
N GLU F 72 -49.89 -41.74 15.42
CA GLU F 72 -50.95 -40.99 16.09
C GLU F 72 -51.95 -40.44 15.08
N ALA F 73 -51.50 -40.26 13.84
CA ALA F 73 -52.36 -39.77 12.77
C ALA F 73 -52.81 -40.92 11.85
N ASN F 74 -52.43 -42.15 12.22
CA ASN F 74 -52.72 -43.32 11.39
C ASN F 74 -52.41 -43.03 9.92
N VAL F 75 -51.18 -42.61 9.66
CA VAL F 75 -50.76 -42.30 8.31
C VAL F 75 -49.47 -43.05 8.02
N PRO F 76 -49.21 -43.34 6.73
CA PRO F 76 -47.97 -44.02 6.36
C PRO F 76 -46.74 -43.26 6.86
N PHE F 77 -45.61 -43.95 6.89
CA PHE F 77 -44.40 -43.43 7.52
C PHE F 77 -43.16 -43.91 6.76
N PHE F 78 -42.51 -43.00 6.04
CA PHE F 78 -41.38 -43.35 5.19
C PHE F 78 -40.05 -42.97 5.83
N HIS F 79 -39.28 -43.99 6.24
CA HIS F 79 -38.04 -43.78 6.97
C HIS F 79 -36.87 -43.66 6.01
N ILE F 80 -36.32 -42.46 5.88
CA ILE F 80 -35.19 -42.22 5.02
C ILE F 80 -33.98 -41.80 5.87
N SER F 81 -32.80 -42.27 5.48
CA SER F 81 -31.59 -41.87 6.19
C SER F 81 -30.73 -40.99 5.29
N GLY F 82 -30.13 -39.96 5.90
CA GLY F 82 -29.29 -39.01 5.17
C GLY F 82 -27.89 -39.53 4.91
N SER F 83 -27.52 -40.61 5.60
CA SER F 83 -26.20 -41.22 5.42
C SER F 83 -26.16 -42.22 4.26
N ASP F 84 -27.33 -42.60 3.75
CA ASP F 84 -27.42 -43.60 2.69
C ASP F 84 -27.36 -42.94 1.29
N PHE F 85 -27.18 -41.62 1.27
CA PHE F 85 -27.13 -40.87 0.01
C PHE F 85 -25.73 -40.26 -0.27
N VAL F 86 -24.99 -39.96 0.80
CA VAL F 86 -23.55 -39.68 0.68
C VAL F 86 -22.84 -41.00 0.32
N GLU F 87 -22.03 -40.96 -0.74
CA GLU F 87 -21.34 -42.17 -1.25
C GLU F 87 -21.90 -42.64 -2.60
N LEU F 88 -22.92 -41.95 -3.10
CA LEU F 88 -23.65 -42.40 -4.30
C LEU F 88 -22.89 -42.18 -5.60
N PHE F 89 -23.25 -42.98 -6.61
CA PHE F 89 -22.76 -42.78 -7.97
C PHE F 89 -23.37 -41.48 -8.49
N VAL F 90 -22.90 -41.01 -9.63
CA VAL F 90 -23.32 -39.71 -10.17
C VAL F 90 -24.81 -39.68 -10.55
N GLY F 91 -25.59 -38.90 -9.81
CA GLY F 91 -27.01 -38.70 -10.13
C GLY F 91 -27.96 -39.55 -9.31
N VAL F 92 -27.48 -40.70 -8.84
CA VAL F 92 -28.33 -41.64 -8.11
C VAL F 92 -29.02 -40.98 -6.92
N GLY F 93 -28.34 -40.03 -6.28
CA GLY F 93 -28.87 -39.33 -5.11
C GLY F 93 -30.06 -38.43 -5.41
N ALA F 94 -29.94 -37.62 -6.45
CA ALA F 94 -31.03 -36.75 -6.86
C ALA F 94 -32.25 -37.57 -7.29
N ALA F 95 -32.00 -38.63 -8.06
CA ALA F 95 -33.08 -39.50 -8.56
C ALA F 95 -33.81 -40.22 -7.43
N ARG F 96 -33.10 -40.52 -6.35
CA ARG F 96 -33.71 -41.13 -5.17
C ARG F 96 -34.59 -40.11 -4.45
N VAL F 97 -34.14 -38.87 -4.43
CA VAL F 97 -34.89 -37.79 -3.82
C VAL F 97 -36.21 -37.60 -4.54
N ARG F 98 -36.16 -37.59 -5.87
CA ARG F 98 -37.35 -37.44 -6.69
C ARG F 98 -38.28 -38.65 -6.53
N ASP F 99 -37.70 -39.84 -6.51
CA ASP F 99 -38.45 -41.08 -6.26
C ASP F 99 -39.20 -40.99 -4.94
N LEU F 100 -38.49 -40.61 -3.88
CA LEU F 100 -39.08 -40.53 -2.55
C LEU F 100 -40.33 -39.64 -2.55
N PHE F 101 -40.22 -38.45 -3.15
CA PHE F 101 -41.33 -37.51 -3.16
C PHE F 101 -42.49 -37.99 -4.01
N ALA F 102 -42.17 -38.64 -5.13
CA ALA F 102 -43.19 -39.19 -6.00
C ALA F 102 -44.09 -40.11 -5.20
N GLN F 103 -43.49 -40.96 -4.38
CA GLN F 103 -44.25 -41.87 -3.54
C GLN F 103 -44.99 -41.09 -2.44
N ALA F 104 -44.33 -40.07 -1.90
CA ALA F 104 -44.90 -39.27 -0.83
C ALA F 104 -46.24 -38.70 -1.24
N LYS F 105 -46.31 -38.18 -2.45
CA LYS F 105 -47.55 -37.63 -2.99
C LYS F 105 -48.55 -38.75 -3.28
N ALA F 106 -48.02 -39.94 -3.58
CA ALA F 106 -48.85 -41.09 -3.94
C ALA F 106 -49.59 -41.68 -2.73
N HIS F 107 -49.01 -41.51 -1.54
CA HIS F 107 -49.58 -42.12 -0.34
C HIS F 107 -50.02 -41.07 0.68
N ALA F 108 -50.10 -39.81 0.25
CA ALA F 108 -50.49 -38.71 1.14
C ALA F 108 -51.94 -38.86 1.60
N PRO F 109 -52.26 -38.36 2.82
CA PRO F 109 -51.33 -37.69 3.74
C PRO F 109 -50.30 -38.66 4.34
N CYS F 110 -49.10 -38.17 4.63
CA CYS F 110 -48.02 -39.02 5.15
C CYS F 110 -46.86 -38.21 5.71
N ILE F 111 -45.98 -38.89 6.44
CA ILE F 111 -44.75 -38.28 6.96
C ILE F 111 -43.51 -38.83 6.23
N VAL F 112 -42.72 -37.93 5.65
CA VAL F 112 -41.43 -38.29 5.06
C VAL F 112 -40.32 -37.91 6.05
N PHE F 113 -39.69 -38.91 6.63
CA PHE F 113 -38.72 -38.67 7.69
C PHE F 113 -37.30 -38.85 7.17
N ILE F 114 -36.45 -37.85 7.42
CA ILE F 114 -35.08 -37.87 6.93
C ILE F 114 -34.09 -37.80 8.09
N ASP F 115 -33.72 -38.96 8.63
CA ASP F 115 -32.80 -39.04 9.75
C ASP F 115 -31.45 -38.47 9.32
N GLU F 116 -30.64 -38.09 10.29
CA GLU F 116 -29.26 -37.72 10.00
C GLU F 116 -29.26 -36.84 8.76
N ILE F 117 -30.10 -35.81 8.79
CA ILE F 117 -30.24 -34.86 7.67
C ILE F 117 -28.95 -34.06 7.46
N ASP F 118 -28.10 -34.06 8.49
CA ASP F 118 -26.79 -33.42 8.44
C ASP F 118 -25.92 -33.96 7.29
N ALA F 119 -26.04 -35.27 7.01
CA ALA F 119 -25.16 -35.96 6.07
C ALA F 119 -25.35 -35.47 4.62
N VAL F 120 -26.50 -34.88 4.32
CA VAL F 120 -26.81 -34.42 2.96
C VAL F 120 -26.97 -32.91 2.87
N GLY F 121 -27.19 -32.26 4.01
CA GLY F 121 -27.42 -30.81 4.05
C GLY F 121 -26.17 -30.00 4.35
N ARG F 122 -25.02 -30.50 3.90
CA ARG F 122 -23.75 -29.84 4.15
C ARG F 122 -23.39 -28.83 3.05
N ASP F 133 -20.65 -30.88 -5.44
CA ASP F 133 -20.89 -31.86 -6.49
C ASP F 133 -21.95 -32.88 -6.04
N GLU F 134 -21.54 -34.14 -5.92
CA GLU F 134 -22.44 -35.20 -5.49
C GLU F 134 -23.53 -34.66 -4.55
N ARG F 135 -23.11 -34.07 -3.44
CA ARG F 135 -24.04 -33.64 -2.38
C ARG F 135 -24.66 -32.28 -2.66
N GLU F 136 -24.05 -31.51 -3.56
CA GLU F 136 -24.68 -30.30 -4.06
C GLU F 136 -25.96 -30.64 -4.81
N GLN F 137 -25.85 -31.61 -5.72
CA GLN F 137 -26.97 -32.01 -6.57
C GLN F 137 -28.07 -32.70 -5.78
N THR F 138 -27.70 -33.64 -4.93
CA THR F 138 -28.67 -34.33 -4.09
C THR F 138 -29.38 -33.33 -3.17
N LEU F 139 -28.64 -32.36 -2.63
CA LEU F 139 -29.20 -31.28 -1.81
C LEU F 139 -30.17 -30.43 -2.63
N ASN F 140 -29.67 -29.84 -3.71
CA ASN F 140 -30.50 -28.99 -4.56
C ASN F 140 -31.81 -29.67 -4.98
N GLN F 141 -31.76 -30.98 -5.18
CA GLN F 141 -32.95 -31.74 -5.54
C GLN F 141 -33.97 -31.71 -4.40
N LEU F 142 -33.50 -31.93 -3.17
CA LEU F 142 -34.35 -31.80 -1.98
C LEU F 142 -35.00 -30.42 -1.96
N LEU F 143 -34.16 -29.38 -2.02
CA LEU F 143 -34.64 -28.00 -1.98
C LEU F 143 -35.80 -27.80 -2.95
N VAL F 144 -35.63 -28.28 -4.18
CA VAL F 144 -36.64 -28.07 -5.22
C VAL F 144 -37.90 -28.90 -4.95
N GLU F 145 -37.74 -30.10 -4.42
CA GLU F 145 -38.87 -30.96 -4.10
C GLU F 145 -39.68 -30.38 -2.93
N MET F 146 -39.00 -29.99 -1.86
CA MET F 146 -39.67 -29.35 -0.72
C MET F 146 -40.50 -28.19 -1.22
N ASP F 147 -39.92 -27.37 -2.09
CA ASP F 147 -40.63 -26.22 -2.65
C ASP F 147 -41.67 -26.65 -3.69
N GLY F 148 -41.53 -27.87 -4.19
CA GLY F 148 -42.34 -28.34 -5.30
C GLY F 148 -43.67 -28.98 -4.92
N PHE F 149 -43.80 -29.41 -3.66
CA PHE F 149 -45.02 -30.11 -3.25
C PHE F 149 -45.99 -29.20 -2.51
N ASP F 150 -47.28 -29.53 -2.63
CA ASP F 150 -48.33 -28.73 -2.01
C ASP F 150 -48.60 -29.25 -0.60
N SER F 151 -48.38 -28.40 0.39
CA SER F 151 -48.56 -28.77 1.80
C SER F 151 -50.01 -29.20 2.10
N LYS F 152 -50.95 -28.68 1.32
CA LYS F 152 -52.38 -28.91 1.58
C LYS F 152 -52.85 -30.34 1.28
N GLU F 153 -52.00 -31.14 0.64
CA GLU F 153 -52.34 -32.54 0.37
C GLU F 153 -52.03 -33.42 1.59
N GLY F 154 -51.47 -32.81 2.64
CA GLY F 154 -51.26 -33.50 3.91
C GLY F 154 -49.88 -34.13 4.03
N ILE F 155 -48.88 -33.51 3.38
CA ILE F 155 -47.52 -34.04 3.39
C ILE F 155 -46.61 -33.20 4.30
N ILE F 156 -45.98 -33.87 5.26
CA ILE F 156 -45.02 -33.21 6.17
C ILE F 156 -43.68 -33.95 6.12
N VAL F 157 -42.60 -33.22 5.90
CA VAL F 157 -41.26 -33.81 5.94
C VAL F 157 -40.54 -33.43 7.24
N MET F 158 -40.31 -34.42 8.09
CA MET F 158 -39.61 -34.20 9.34
C MET F 158 -38.17 -34.70 9.20
N ALA F 159 -37.25 -33.95 9.79
CA ALA F 159 -35.81 -34.23 9.66
C ALA F 159 -35.11 -34.12 11.01
N ALA F 160 -34.23 -35.07 11.30
CA ALA F 160 -33.58 -35.11 12.59
C ALA F 160 -32.11 -34.83 12.43
N THR F 161 -31.46 -34.46 13.53
CA THR F 161 -30.03 -34.30 13.53
C THR F 161 -29.57 -33.77 14.86
N ASN F 162 -28.38 -34.18 15.29
CA ASN F 162 -27.74 -33.60 16.47
C ASN F 162 -26.59 -32.70 16.02
N ARG F 163 -26.62 -32.34 14.74
CA ARG F 163 -25.54 -31.61 14.08
C ARG F 163 -26.10 -30.38 13.35
N PRO F 164 -26.86 -29.55 14.07
CA PRO F 164 -27.61 -28.42 13.49
C PRO F 164 -26.70 -27.35 12.91
N ASP F 165 -25.53 -27.18 13.52
CA ASP F 165 -24.56 -26.19 13.08
C ASP F 165 -24.05 -26.46 11.66
N ILE F 166 -24.05 -27.74 11.27
CA ILE F 166 -23.46 -28.18 10.00
C ILE F 166 -24.35 -27.89 8.80
N LEU F 167 -25.58 -27.44 9.05
CA LEU F 167 -26.60 -27.36 8.01
C LEU F 167 -26.43 -26.19 7.03
N ASP F 168 -26.68 -26.51 5.78
CA ASP F 168 -26.87 -25.54 4.73
C ASP F 168 -28.02 -24.58 5.12
N PRO F 169 -27.70 -23.30 5.35
CA PRO F 169 -28.74 -22.30 5.68
C PRO F 169 -29.97 -22.36 4.77
N ALA F 170 -29.77 -22.83 3.54
CA ALA F 170 -30.84 -22.91 2.53
C ALA F 170 -31.97 -23.87 2.92
N LEU F 171 -31.68 -24.81 3.82
CA LEU F 171 -32.70 -25.76 4.30
C LEU F 171 -33.54 -25.11 5.41
N LEU F 172 -33.03 -24.04 6.00
CA LEU F 172 -33.67 -23.37 7.13
C LEU F 172 -34.50 -22.15 6.72
N ARG F 173 -34.61 -21.90 5.41
CA ARG F 173 -35.37 -20.75 4.92
C ARG F 173 -36.86 -21.02 4.99
N PRO F 174 -37.67 -19.96 4.99
CA PRO F 174 -39.13 -20.11 5.07
C PRO F 174 -39.65 -20.99 3.94
N GLY F 175 -40.51 -21.96 4.27
CA GLY F 175 -41.05 -22.88 3.27
C GLY F 175 -40.48 -24.30 3.37
N ARG F 176 -39.26 -24.43 3.89
CA ARG F 176 -38.62 -25.74 3.99
C ARG F 176 -38.56 -26.19 5.45
N PHE F 177 -37.39 -26.04 6.08
CA PHE F 177 -37.25 -26.35 7.50
C PHE F 177 -37.19 -25.07 8.33
N ASP F 178 -38.19 -24.21 8.14
CA ASP F 178 -38.26 -22.90 8.82
C ASP F 178 -38.89 -23.01 10.21
N LYS F 179 -38.65 -24.13 10.87
CA LYS F 179 -39.19 -24.36 12.20
C LYS F 179 -38.52 -25.57 12.82
N LYS F 180 -37.78 -25.34 13.90
CA LYS F 180 -37.07 -26.42 14.57
C LYS F 180 -37.59 -26.66 15.99
N ILE F 181 -37.81 -27.94 16.32
CA ILE F 181 -38.18 -28.34 17.68
C ILE F 181 -36.96 -28.95 18.34
N VAL F 182 -36.77 -28.65 19.63
CA VAL F 182 -35.61 -29.15 20.36
C VAL F 182 -35.98 -30.37 21.24
N VAL F 183 -35.22 -31.45 21.06
CA VAL F 183 -35.46 -32.70 21.78
C VAL F 183 -34.34 -32.93 22.79
N ASP F 184 -34.65 -32.65 24.06
CA ASP F 184 -33.66 -32.64 25.12
C ASP F 184 -33.67 -33.97 25.89
N PRO F 185 -32.49 -34.40 26.37
CA PRO F 185 -32.39 -35.58 27.23
C PRO F 185 -33.36 -35.43 28.39
N PRO F 186 -34.16 -36.46 28.64
CA PRO F 186 -35.18 -36.37 29.66
C PRO F 186 -34.61 -36.23 31.05
N ASP F 187 -35.40 -35.66 31.94
CA ASP F 187 -35.02 -35.57 33.34
C ASP F 187 -35.32 -36.87 34.05
N MET F 188 -35.43 -36.80 35.37
CA MET F 188 -35.77 -37.95 36.18
C MET F 188 -37.10 -38.56 35.73
N LEU F 189 -38.15 -37.75 35.77
CA LEU F 189 -39.50 -38.19 35.45
C LEU F 189 -39.56 -38.76 34.04
N GLY F 190 -38.91 -38.09 33.09
CA GLY F 190 -38.89 -38.53 31.71
C GLY F 190 -38.27 -39.90 31.56
N ARG F 191 -37.11 -40.07 32.19
CA ARG F 191 -36.41 -41.33 32.13
C ARG F 191 -37.31 -42.42 32.71
N LYS F 192 -38.06 -42.06 33.74
CA LYS F 192 -38.99 -43.00 34.36
C LYS F 192 -40.03 -43.45 33.34
N LYS F 193 -40.57 -42.50 32.59
CA LYS F 193 -41.61 -42.77 31.61
C LYS F 193 -41.09 -43.70 30.51
N ILE F 194 -39.86 -43.46 30.08
CA ILE F 194 -39.24 -44.31 29.07
C ILE F 194 -39.10 -45.73 29.60
N LEU F 195 -38.52 -45.88 30.78
CA LEU F 195 -38.33 -47.21 31.36
C LEU F 195 -39.67 -47.93 31.42
N GLU F 196 -40.72 -47.17 31.71
CA GLU F 196 -42.07 -47.71 31.72
C GLU F 196 -42.38 -48.30 30.35
N ILE F 197 -42.14 -47.51 29.30
CA ILE F 197 -42.49 -47.92 27.94
C ILE F 197 -41.76 -49.18 27.52
N HIS F 198 -40.44 -49.21 27.70
CA HIS F 198 -39.63 -50.33 27.24
C HIS F 198 -39.78 -51.53 28.17
N THR F 199 -40.65 -51.41 29.15
CA THR F 199 -40.92 -52.49 30.07
C THR F 199 -42.36 -53.01 29.89
N ARG F 200 -43.16 -52.24 29.14
CA ARG F 200 -44.54 -52.61 28.80
C ARG F 200 -44.73 -54.11 28.76
N ASN F 201 -43.93 -54.77 27.93
CA ASN F 201 -44.18 -56.15 27.55
C ASN F 201 -43.23 -57.12 28.21
N LYS F 202 -42.49 -56.64 29.20
CA LYS F 202 -41.50 -57.47 29.85
C LYS F 202 -41.91 -57.75 31.31
N PRO F 203 -41.69 -59.00 31.76
CA PRO F 203 -42.05 -59.49 33.09
C PRO F 203 -41.16 -58.96 34.23
N LEU F 204 -41.70 -58.08 35.07
CA LEU F 204 -40.96 -57.54 36.20
C LEU F 204 -41.30 -58.28 37.50
N ALA F 205 -40.34 -58.34 38.41
CA ALA F 205 -40.59 -58.80 39.77
C ALA F 205 -41.26 -57.67 40.54
N GLU F 206 -41.93 -58.00 41.63
CA GLU F 206 -42.69 -57.00 42.38
C GLU F 206 -41.81 -55.92 42.97
N ASP F 207 -40.53 -56.20 43.15
CA ASP F 207 -39.66 -55.28 43.89
C ASP F 207 -38.90 -54.33 42.97
N VAL F 208 -39.17 -54.40 41.67
CA VAL F 208 -38.57 -53.48 40.70
C VAL F 208 -39.14 -52.08 40.83
N ASN F 209 -38.30 -51.13 41.21
CA ASN F 209 -38.71 -49.75 41.35
C ASN F 209 -38.13 -48.88 40.25
N LEU F 210 -38.96 -48.52 39.28
CA LEU F 210 -38.51 -47.77 38.11
C LEU F 210 -38.07 -46.33 38.46
N GLU F 211 -38.67 -45.76 39.50
CA GLU F 211 -38.25 -44.44 39.94
C GLU F 211 -36.80 -44.47 40.38
N ILE F 212 -36.50 -45.35 41.34
CA ILE F 212 -35.14 -45.54 41.81
C ILE F 212 -34.18 -45.47 40.63
N ILE F 213 -34.45 -46.29 39.62
CA ILE F 213 -33.58 -46.39 38.46
C ILE F 213 -33.46 -45.04 37.76
N ALA F 214 -34.59 -44.45 37.42
CA ALA F 214 -34.60 -43.13 36.80
C ALA F 214 -33.60 -42.27 37.55
N LYS F 215 -33.69 -42.34 38.88
CA LYS F 215 -32.85 -41.54 39.76
C LYS F 215 -31.36 -41.82 39.56
N ARG F 216 -31.01 -43.11 39.43
CA ARG F 216 -29.60 -43.49 39.38
C ARG F 216 -29.10 -43.50 37.95
N THR F 217 -29.83 -42.84 37.07
CA THR F 217 -29.46 -42.81 35.66
C THR F 217 -29.44 -41.39 35.10
N PRO F 218 -28.67 -40.49 35.75
CA PRO F 218 -28.53 -39.12 35.29
C PRO F 218 -27.61 -39.01 34.07
N GLY F 219 -28.16 -38.54 32.95
CA GLY F 219 -27.39 -38.41 31.71
C GLY F 219 -27.86 -39.36 30.63
N PHE F 220 -28.52 -40.44 31.05
CA PHE F 220 -28.99 -41.46 30.11
C PHE F 220 -30.04 -40.89 29.18
N VAL F 221 -29.94 -41.26 27.92
CA VAL F 221 -30.94 -40.90 26.94
C VAL F 221 -31.79 -42.13 26.61
N GLY F 222 -32.92 -41.91 25.93
CA GLY F 222 -33.82 -43.01 25.62
C GLY F 222 -33.06 -44.27 25.23
N ALA F 223 -32.25 -44.16 24.17
CA ALA F 223 -31.49 -45.29 23.67
C ALA F 223 -30.79 -46.02 24.82
N ASP F 224 -30.16 -45.25 25.69
CA ASP F 224 -29.38 -45.85 26.78
C ASP F 224 -30.30 -46.52 27.80
N LEU F 225 -31.53 -46.04 27.91
CA LEU F 225 -32.52 -46.68 28.78
C LEU F 225 -32.98 -48.00 28.20
N GLU F 226 -33.26 -48.01 26.90
CA GLU F 226 -33.73 -49.20 26.23
C GLU F 226 -32.68 -50.30 26.28
N ASN F 227 -31.42 -49.91 26.19
CA ASN F 227 -30.32 -50.83 26.27
C ASN F 227 -30.26 -51.40 27.68
N LEU F 228 -30.32 -50.52 28.66
CA LEU F 228 -30.22 -50.90 30.07
C LEU F 228 -31.32 -51.91 30.42
N VAL F 229 -32.51 -51.70 29.86
CA VAL F 229 -33.60 -52.64 30.03
C VAL F 229 -33.19 -53.99 29.48
N ASN F 230 -32.65 -53.97 28.27
CA ASN F 230 -32.29 -55.18 27.61
C ASN F 230 -31.20 -55.93 28.36
N GLU F 231 -30.26 -55.17 28.93
CA GLU F 231 -29.17 -55.78 29.70
C GLU F 231 -29.72 -56.44 30.94
N ALA F 232 -30.78 -55.86 31.48
CA ALA F 232 -31.47 -56.45 32.61
C ALA F 232 -32.01 -57.80 32.22
N ALA F 233 -32.69 -57.85 31.06
CA ALA F 233 -33.27 -59.11 30.55
C ALA F 233 -32.19 -60.17 30.34
N LEU F 234 -31.07 -59.75 29.73
CA LEU F 234 -29.95 -60.66 29.49
C LEU F 234 -29.52 -61.34 30.79
N LEU F 235 -29.46 -60.57 31.88
CA LEU F 235 -29.03 -61.10 33.18
C LEU F 235 -30.03 -62.13 33.70
N ALA F 236 -31.32 -61.78 33.58
CA ALA F 236 -32.39 -62.69 34.00
C ALA F 236 -32.33 -63.98 33.19
N ALA F 237 -32.19 -63.85 31.87
CA ALA F 237 -32.17 -65.01 30.98
C ALA F 237 -30.95 -65.90 31.26
N ARG F 238 -29.77 -65.30 31.40
CA ARG F 238 -28.55 -66.09 31.60
C ARG F 238 -28.70 -67.04 32.78
N GLU F 239 -29.36 -66.56 33.84
CA GLU F 239 -29.55 -67.37 35.05
C GLU F 239 -30.75 -68.31 34.89
N GLY F 240 -31.51 -68.12 33.81
CA GLY F 240 -32.69 -68.92 33.55
C GLY F 240 -33.88 -68.54 34.43
N ARG F 241 -34.08 -67.24 34.65
CA ARG F 241 -35.17 -66.78 35.48
C ARG F 241 -36.28 -66.17 34.64
N ASP F 242 -37.50 -66.22 35.16
CA ASP F 242 -38.70 -65.86 34.40
C ASP F 242 -39.11 -64.37 34.52
N LYS F 243 -38.76 -63.73 35.63
CA LYS F 243 -39.05 -62.30 35.82
C LYS F 243 -37.74 -61.53 36.02
N ILE F 244 -37.73 -60.26 35.64
CA ILE F 244 -36.57 -59.41 35.83
C ILE F 244 -36.71 -58.64 37.17
N THR F 245 -35.68 -58.75 38.02
CA THR F 245 -35.75 -58.16 39.36
C THR F 245 -35.02 -56.82 39.44
N MET F 246 -35.14 -56.15 40.58
CA MET F 246 -34.43 -54.89 40.82
C MET F 246 -32.91 -55.12 40.73
N LYS F 247 -32.45 -56.23 41.33
CA LYS F 247 -31.05 -56.65 41.26
C LYS F 247 -30.51 -56.52 39.84
N ASP F 248 -31.23 -57.10 38.89
CA ASP F 248 -30.80 -57.15 37.48
C ASP F 248 -30.58 -55.74 36.94
N PHE F 249 -31.54 -54.86 37.17
CA PHE F 249 -31.42 -53.49 36.70
C PHE F 249 -30.21 -52.80 37.34
N GLU F 250 -30.17 -52.80 38.67
CA GLU F 250 -29.09 -52.14 39.38
C GLU F 250 -27.74 -52.58 38.81
N GLU F 251 -27.61 -53.88 38.54
CA GLU F 251 -26.37 -54.42 37.99
C GLU F 251 -26.22 -54.09 36.49
N ALA F 252 -27.34 -53.81 35.83
CA ALA F 252 -27.30 -53.46 34.41
C ALA F 252 -26.66 -52.08 34.19
N ILE F 253 -27.02 -51.11 35.01
CA ILE F 253 -26.53 -49.73 34.86
C ILE F 253 -24.99 -49.68 34.81
N ASP F 254 -24.35 -50.47 35.65
CA ASP F 254 -22.90 -50.55 35.67
C ASP F 254 -22.38 -51.14 34.36
N ARG F 255 -23.20 -52.02 33.78
CA ARG F 255 -22.84 -52.73 32.56
C ARG F 255 -22.73 -51.77 31.37
N VAL F 256 -23.49 -50.68 31.41
CA VAL F 256 -23.47 -49.69 30.35
C VAL F 256 -22.18 -48.84 30.39
N ILE F 257 -22.06 -48.01 31.44
CA ILE F 257 -20.95 -47.06 31.57
C ILE F 257 -19.59 -47.77 31.41
N ILE F 267 -21.78 -33.47 33.86
CA ILE F 267 -22.39 -34.44 34.74
C ILE F 267 -21.95 -34.24 36.21
N SER F 268 -21.00 -33.33 36.44
CA SER F 268 -20.49 -33.11 37.79
C SER F 268 -20.48 -31.64 38.17
N PRO F 269 -21.27 -31.26 39.19
CA PRO F 269 -21.46 -29.93 39.76
C PRO F 269 -20.20 -29.07 39.81
N ALA F 270 -19.03 -29.69 39.87
CA ALA F 270 -17.81 -28.97 39.60
C ALA F 270 -17.91 -28.42 38.18
N GLU F 271 -18.27 -29.32 37.26
CA GLU F 271 -18.34 -29.02 35.83
C GLU F 271 -19.57 -28.18 35.49
N LYS F 272 -20.72 -28.61 35.99
CA LYS F 272 -21.92 -27.84 35.86
C LYS F 272 -21.55 -26.35 35.89
N ARG F 273 -20.80 -25.94 36.91
CA ARG F 273 -20.41 -24.55 37.11
C ARG F 273 -19.79 -24.00 35.87
N ILE F 274 -18.84 -24.74 35.33
CA ILE F 274 -18.08 -24.28 34.19
C ILE F 274 -19.02 -24.05 33.02
N ILE F 275 -19.71 -25.09 32.61
CA ILE F 275 -20.58 -25.00 31.45
C ILE F 275 -21.56 -23.83 31.59
N ALA F 276 -22.01 -23.58 32.83
CA ALA F 276 -22.89 -22.44 33.11
C ALA F 276 -22.22 -21.13 32.71
N TYR F 277 -21.01 -20.92 33.22
CA TYR F 277 -20.24 -19.71 32.91
C TYR F 277 -19.91 -19.59 31.41
N HIS F 278 -19.63 -20.72 30.77
CA HIS F 278 -19.42 -20.73 29.34
C HIS F 278 -20.64 -20.15 28.64
N GLU F 279 -21.81 -20.75 28.86
CA GLU F 279 -23.03 -20.28 28.19
C GLU F 279 -23.33 -18.85 28.54
N ALA F 280 -23.24 -18.53 29.81
CA ALA F 280 -23.45 -17.16 30.24
C ALA F 280 -22.59 -16.23 29.39
N GLY F 281 -21.31 -16.57 29.28
CA GLY F 281 -20.35 -15.79 28.51
C GLY F 281 -20.77 -15.56 27.06
N HIS F 282 -21.22 -16.60 26.39
CA HIS F 282 -21.79 -16.42 25.07
C HIS F 282 -22.95 -15.39 25.16
N ALA F 283 -23.88 -15.64 26.09
CA ALA F 283 -25.06 -14.81 26.19
C ALA F 283 -24.68 -13.34 26.39
N VAL F 284 -23.73 -13.11 27.30
CA VAL F 284 -23.43 -11.76 27.69
C VAL F 284 -22.77 -10.98 26.54
N VAL F 285 -21.71 -11.57 25.98
CA VAL F 285 -21.01 -10.95 24.91
C VAL F 285 -21.96 -10.70 23.76
N SER F 286 -22.79 -11.68 23.45
CA SER F 286 -23.75 -11.53 22.35
C SER F 286 -24.68 -10.33 22.57
N THR F 287 -25.12 -10.11 23.79
CA THR F 287 -26.01 -9.01 24.03
C THR F 287 -25.31 -7.67 24.00
N VAL F 288 -24.07 -7.63 24.50
CA VAL F 288 -23.36 -6.36 24.63
C VAL F 288 -22.78 -5.90 23.31
N VAL F 289 -22.31 -6.84 22.51
CA VAL F 289 -21.78 -6.51 21.21
C VAL F 289 -22.93 -6.04 20.30
N PRO F 290 -22.70 -4.95 19.56
CA PRO F 290 -23.80 -4.25 18.89
C PRO F 290 -24.48 -5.05 17.79
N ASN F 291 -23.69 -5.76 17.00
CA ASN F 291 -24.25 -6.56 15.93
C ASN F 291 -24.37 -8.01 16.35
N GLY F 292 -24.76 -8.23 17.60
CA GLY F 292 -24.91 -9.59 18.09
C GLY F 292 -26.22 -10.28 17.70
N GLU F 293 -26.16 -11.63 17.68
CA GLU F 293 -27.34 -12.48 17.44
C GLU F 293 -28.30 -12.42 18.59
N PRO F 294 -29.56 -12.07 18.32
CA PRO F 294 -30.52 -12.10 19.39
C PRO F 294 -30.40 -13.40 20.17
N VAL F 295 -30.47 -13.33 21.48
CA VAL F 295 -30.44 -14.52 22.28
C VAL F 295 -31.85 -14.88 22.74
N HIS F 296 -32.32 -16.05 22.34
CA HIS F 296 -33.67 -16.46 22.64
C HIS F 296 -33.75 -17.52 23.76
N ARG F 297 -32.67 -18.30 23.93
CA ARG F 297 -32.61 -19.31 25.00
C ARG F 297 -31.16 -19.73 25.33
N ILE F 298 -30.87 -19.87 26.63
CA ILE F 298 -29.61 -20.48 27.08
C ILE F 298 -29.95 -21.73 27.89
N SER F 299 -29.07 -22.72 27.83
CA SER F 299 -29.36 -24.02 28.41
C SER F 299 -28.05 -24.67 28.77
N ILE F 300 -27.99 -25.29 29.95
CA ILE F 300 -26.78 -25.95 30.40
C ILE F 300 -26.94 -27.44 30.34
N ILE F 301 -27.78 -27.90 29.42
CA ILE F 301 -27.96 -29.30 29.20
C ILE F 301 -26.90 -29.74 28.20
N PRO F 302 -26.21 -30.86 28.49
CA PRO F 302 -25.12 -31.42 27.68
C PRO F 302 -25.32 -31.25 26.16
N ARG F 303 -26.56 -31.41 25.68
CA ARG F 303 -26.92 -31.12 24.28
C ARG F 303 -28.37 -30.53 24.22
N GLY F 304 -28.55 -29.50 23.39
CA GLY F 304 -29.78 -28.67 23.39
C GLY F 304 -29.39 -27.21 23.57
N TYR F 305 -28.58 -26.96 24.60
CA TYR F 305 -27.63 -25.82 24.67
C TYR F 305 -28.06 -24.48 24.09
N LYS F 306 -27.09 -23.56 24.12
CA LYS F 306 -27.04 -22.43 23.21
C LYS F 306 -25.77 -22.59 22.35
N ALA F 307 -25.67 -23.76 21.71
CA ALA F 307 -24.66 -24.03 20.69
C ALA F 307 -25.19 -23.51 19.34
N LEU F 308 -25.89 -22.37 19.39
CA LEU F 308 -26.57 -21.80 18.23
C LEU F 308 -25.60 -20.98 17.35
N GLY F 309 -24.37 -20.82 17.81
CA GLY F 309 -23.33 -20.15 17.05
C GLY F 309 -22.55 -21.14 16.18
N TYR F 320 -26.97 -13.71 3.22
CA TYR F 320 -27.11 -12.49 2.45
C TYR F 320 -25.77 -11.77 2.29
N LEU F 321 -25.71 -10.57 2.83
CA LEU F 321 -24.49 -9.79 2.88
C LEU F 321 -24.14 -9.67 4.31
N VAL F 322 -22.85 -9.71 4.59
CA VAL F 322 -22.37 -9.53 5.92
C VAL F 322 -21.16 -8.60 5.89
N SER F 323 -21.05 -7.74 6.89
CA SER F 323 -20.00 -6.77 6.94
C SER F 323 -18.90 -7.20 7.88
N ARG F 324 -17.75 -6.58 7.73
CA ARG F 324 -16.60 -6.91 8.53
C ARG F 324 -16.90 -6.72 10.02
N ASN F 325 -17.59 -5.65 10.38
CA ASN F 325 -17.89 -5.42 11.79
C ASN F 325 -18.87 -6.46 12.34
N GLU F 326 -19.85 -6.85 11.53
CA GLU F 326 -20.70 -7.98 11.89
C GLU F 326 -19.83 -9.18 12.21
N LEU F 327 -18.93 -9.53 11.32
CA LEU F 327 -18.15 -10.73 11.50
C LEU F 327 -17.31 -10.68 12.79
N LEU F 328 -16.73 -9.53 13.10
CA LEU F 328 -15.95 -9.36 14.33
C LEU F 328 -16.79 -9.59 15.54
N ASP F 329 -17.98 -9.02 15.53
CA ASP F 329 -18.90 -9.20 16.63
C ASP F 329 -19.28 -10.68 16.74
N LYS F 330 -19.59 -11.31 15.62
CA LYS F 330 -19.94 -12.73 15.66
C LYS F 330 -18.79 -13.54 16.23
N LEU F 331 -17.58 -13.12 15.94
CA LEU F 331 -16.40 -13.85 16.32
C LEU F 331 -16.12 -13.63 17.78
N THR F 332 -16.37 -12.39 18.25
CA THR F 332 -16.23 -12.07 19.67
C THR F 332 -17.23 -12.88 20.50
N ALA F 333 -18.43 -13.03 19.99
CA ALA F 333 -19.44 -13.80 20.71
C ALA F 333 -18.97 -15.24 20.85
N LEU F 334 -18.47 -15.79 19.76
CA LEU F 334 -18.00 -17.16 19.75
C LEU F 334 -16.96 -17.41 20.82
N LEU F 335 -16.12 -16.43 21.09
CA LEU F 335 -15.07 -16.65 22.06
C LEU F 335 -15.51 -16.28 23.49
N GLY F 336 -16.76 -15.86 23.63
CA GLY F 336 -17.29 -15.40 24.92
C GLY F 336 -17.26 -16.44 26.04
N GLY F 337 -17.65 -17.65 25.73
CA GLY F 337 -17.64 -18.72 26.71
C GLY F 337 -16.24 -18.92 27.25
N ARG F 338 -15.29 -19.09 26.33
CA ARG F 338 -13.89 -19.18 26.68
C ARG F 338 -13.50 -17.97 27.52
N ALA F 339 -13.87 -16.81 27.05
CA ALA F 339 -13.59 -15.60 27.78
C ALA F 339 -13.97 -15.76 29.24
N ALA F 340 -15.19 -16.22 29.47
CA ALA F 340 -15.71 -16.30 30.80
C ALA F 340 -14.96 -17.37 31.61
N GLU F 341 -14.64 -18.49 30.97
CA GLU F 341 -13.83 -19.53 31.62
C GLU F 341 -12.53 -18.96 32.15
N GLU F 342 -11.91 -18.08 31.38
CA GLU F 342 -10.58 -17.60 31.71
C GLU F 342 -10.63 -16.55 32.80
N VAL F 343 -11.49 -15.56 32.62
CA VAL F 343 -11.61 -14.51 33.59
C VAL F 343 -12.01 -15.06 34.96
N VAL F 344 -13.00 -15.95 34.96
CA VAL F 344 -13.59 -16.40 36.22
C VAL F 344 -12.77 -17.45 36.91
N PHE F 345 -12.29 -18.42 36.16
CA PHE F 345 -11.56 -19.55 36.76
C PHE F 345 -10.04 -19.47 36.57
N GLY F 346 -9.59 -18.58 35.70
CA GLY F 346 -8.15 -18.37 35.52
C GLY F 346 -7.47 -19.39 34.60
N ASP F 347 -7.97 -20.61 34.56
CA ASP F 347 -7.55 -21.51 33.49
C ASP F 347 -8.74 -21.90 32.65
N VAL F 348 -8.49 -22.68 31.61
CA VAL F 348 -9.43 -22.85 30.51
C VAL F 348 -9.64 -24.35 30.29
N THR F 349 -10.75 -24.75 29.69
CA THR F 349 -11.00 -26.18 29.50
C THR F 349 -11.25 -26.54 28.05
N SER F 350 -11.32 -27.83 27.77
CA SER F 350 -11.51 -28.31 26.42
C SER F 350 -12.84 -27.86 25.85
N GLY F 351 -13.67 -27.25 26.70
CA GLY F 351 -15.01 -26.85 26.28
C GLY F 351 -15.04 -26.04 24.99
N ALA F 352 -14.10 -25.12 24.85
CA ALA F 352 -14.13 -24.17 23.74
C ALA F 352 -13.56 -24.70 22.43
N ALA F 353 -13.14 -25.94 22.38
CA ALA F 353 -12.51 -26.43 21.16
C ALA F 353 -13.28 -25.98 19.92
N ASN F 354 -14.58 -26.25 19.93
CA ASN F 354 -15.43 -26.03 18.78
C ASN F 354 -15.59 -24.56 18.47
N ASP F 355 -15.65 -23.75 19.51
CA ASP F 355 -15.81 -22.33 19.29
C ASP F 355 -14.56 -21.80 18.63
N ILE F 356 -13.43 -22.31 19.07
CA ILE F 356 -12.13 -21.91 18.57
C ILE F 356 -11.96 -22.28 17.10
N GLU F 357 -12.39 -23.48 16.73
CA GLU F 357 -12.33 -23.91 15.34
C GLU F 357 -13.19 -23.00 14.48
N ARG F 358 -14.40 -22.67 14.94
CA ARG F 358 -15.30 -21.78 14.20
C ARG F 358 -14.75 -20.37 14.08
N ALA F 359 -14.24 -19.84 15.18
CA ALA F 359 -13.69 -18.50 15.15
C ALA F 359 -12.55 -18.43 14.14
N THR F 360 -11.71 -19.46 14.12
CA THR F 360 -10.56 -19.50 13.25
C THR F 360 -11.02 -19.54 11.79
N GLU F 361 -12.02 -20.36 11.49
CA GLU F 361 -12.53 -20.47 10.12
C GLU F 361 -13.01 -19.09 9.64
N ILE F 362 -13.72 -18.38 10.50
CA ILE F 362 -14.24 -17.11 10.08
C ILE F 362 -13.09 -16.19 9.82
N ALA F 363 -12.11 -16.18 10.71
CA ALA F 363 -10.98 -15.31 10.50
C ALA F 363 -10.17 -15.68 9.23
N ARG F 364 -10.00 -16.96 8.94
CA ARG F 364 -9.29 -17.31 7.75
C ARG F 364 -10.07 -16.84 6.55
N ASN F 365 -11.37 -16.80 6.71
CA ASN F 365 -12.24 -16.46 5.62
C ASN F 365 -12.18 -14.98 5.37
N MET F 366 -12.05 -14.21 6.43
CA MET F 366 -11.99 -12.80 6.29
C MET F 366 -10.76 -12.45 5.52
N VAL F 367 -9.72 -13.19 5.79
CA VAL F 367 -8.44 -12.85 5.31
C VAL F 367 -8.14 -13.34 3.91
N CYS F 368 -8.58 -14.56 3.57
CA CYS F 368 -8.20 -15.18 2.29
C CYS F 368 -9.23 -15.05 1.21
N GLN F 369 -10.46 -14.79 1.59
CA GLN F 369 -11.54 -14.80 0.65
C GLN F 369 -12.32 -13.51 0.56
N LEU F 370 -12.44 -12.81 1.67
CA LEU F 370 -13.26 -11.60 1.74
C LEU F 370 -12.42 -10.34 1.66
N GLY F 371 -11.13 -10.52 1.45
CA GLY F 371 -10.23 -9.39 1.37
C GLY F 371 -10.46 -8.40 2.49
N MET F 372 -10.65 -8.90 3.69
CA MET F 372 -10.94 -8.02 4.82
C MET F 372 -9.74 -7.81 5.70
N SER F 373 -8.55 -8.02 5.17
CA SER F 373 -7.36 -7.78 5.95
C SER F 373 -6.63 -6.56 5.50
N GLU F 374 -6.21 -5.77 6.46
CA GLU F 374 -5.40 -4.61 6.23
C GLU F 374 -4.21 -4.92 5.31
N GLU F 375 -3.46 -5.94 5.68
CA GLU F 375 -2.15 -6.17 5.12
C GLU F 375 -2.20 -6.84 3.75
N LEU F 376 -3.13 -7.75 3.57
CA LEU F 376 -3.10 -8.63 2.41
C LEU F 376 -3.86 -8.11 1.20
N GLY F 377 -4.68 -7.08 1.40
CA GLY F 377 -5.33 -6.44 0.29
C GLY F 377 -6.52 -7.23 -0.19
N PRO F 378 -7.24 -6.67 -1.16
CA PRO F 378 -8.41 -7.29 -1.74
C PRO F 378 -8.05 -8.42 -2.69
N LEU F 379 -7.53 -9.51 -2.15
CA LEU F 379 -7.14 -10.62 -2.97
C LEU F 379 -7.61 -11.94 -2.41
N ALA F 380 -7.97 -12.85 -3.30
CA ALA F 380 -8.33 -14.19 -2.90
C ALA F 380 -7.10 -15.05 -2.82
N TRP F 381 -6.75 -15.48 -1.62
CA TRP F 381 -5.62 -16.38 -1.44
C TRP F 381 -6.09 -17.81 -1.07
N GLY F 382 -6.00 -18.75 -2.03
CA GLY F 382 -6.24 -20.17 -1.74
C GLY F 382 -7.01 -20.85 -2.83
N ARG F 398 -3.70 -24.61 -1.68
CA ARG F 398 -3.08 -23.29 -1.66
C ARG F 398 -2.14 -23.11 -2.83
N ASN F 399 -2.26 -21.95 -3.48
CA ASN F 399 -1.37 -21.59 -4.58
C ASN F 399 -0.66 -20.27 -4.26
N TYR F 400 0.15 -20.28 -3.23
CA TYR F 400 0.91 -19.13 -2.89
C TYR F 400 2.09 -19.45 -2.02
N SER F 401 2.97 -18.46 -1.88
CA SER F 401 4.27 -18.64 -1.26
C SER F 401 4.21 -18.78 0.24
N GLU F 402 5.33 -19.15 0.82
CA GLU F 402 5.46 -19.28 2.23
C GLU F 402 5.48 -17.91 2.89
N GLU F 403 5.87 -16.88 2.15
CA GLU F 403 5.88 -15.54 2.70
C GLU F 403 4.46 -15.13 2.97
N VAL F 404 3.58 -15.49 2.07
CA VAL F 404 2.20 -15.13 2.25
C VAL F 404 1.50 -16.01 3.27
N ALA F 405 1.82 -17.29 3.28
CA ALA F 405 1.22 -18.18 4.22
C ALA F 405 1.48 -17.59 5.57
N SER F 406 2.68 -17.05 5.71
CA SER F 406 3.17 -16.49 6.95
C SER F 406 2.40 -15.28 7.37
N LYS F 407 2.08 -14.42 6.40
CA LYS F 407 1.32 -13.21 6.69
C LYS F 407 -0.10 -13.57 7.03
N ILE F 408 -0.63 -14.55 6.31
CA ILE F 408 -1.98 -15.02 6.55
C ILE F 408 -2.14 -15.50 7.97
N ASP F 409 -1.18 -16.25 8.44
CA ASP F 409 -1.28 -16.80 9.75
C ASP F 409 -1.20 -15.67 10.78
N GLU F 410 -0.37 -14.65 10.52
CA GLU F 410 -0.25 -13.52 11.42
C GLU F 410 -1.57 -12.76 11.50
N GLU F 411 -2.20 -12.53 10.36
CA GLU F 411 -3.39 -11.75 10.31
C GLU F 411 -4.52 -12.47 11.01
N VAL F 412 -4.68 -13.73 10.70
CA VAL F 412 -5.74 -14.50 11.29
C VAL F 412 -5.58 -14.53 12.80
N LYS F 413 -4.36 -14.70 13.27
CA LYS F 413 -4.11 -14.70 14.69
C LYS F 413 -4.39 -13.33 15.29
N LYS F 414 -4.11 -12.28 14.54
CA LYS F 414 -4.39 -10.96 15.05
C LYS F 414 -5.91 -10.82 15.29
N ILE F 415 -6.71 -11.25 14.34
CA ILE F 415 -8.12 -11.02 14.42
C ILE F 415 -8.73 -11.74 15.61
N VAL F 416 -8.38 -13.00 15.74
CA VAL F 416 -8.98 -13.84 16.76
C VAL F 416 -8.49 -13.37 18.14
N THR F 417 -7.23 -13.02 18.24
CA THR F 417 -6.71 -12.60 19.49
C THR F 417 -7.37 -11.32 19.94
N ASN F 418 -7.50 -10.38 19.02
CA ASN F 418 -8.13 -9.11 19.32
C ASN F 418 -9.51 -9.37 19.83
N CYS F 419 -10.23 -10.22 19.12
CA CYS F 419 -11.60 -10.51 19.45
C CYS F 419 -11.69 -11.23 20.78
N TYR F 420 -10.70 -12.04 21.08
CA TYR F 420 -10.69 -12.75 22.34
C TYR F 420 -10.58 -11.74 23.45
N GLU F 421 -9.64 -10.81 23.29
CA GLU F 421 -9.36 -9.83 24.30
C GLU F 421 -10.57 -8.92 24.49
N ARG F 422 -11.35 -8.75 23.44
CA ARG F 422 -12.52 -7.91 23.47
C ARG F 422 -13.63 -8.56 24.30
N ALA F 423 -13.72 -9.88 24.21
CA ALA F 423 -14.67 -10.64 24.98
C ALA F 423 -14.34 -10.61 26.46
N LYS F 424 -13.08 -10.66 26.79
CA LYS F 424 -12.69 -10.68 28.17
C LYS F 424 -12.92 -9.32 28.82
N GLU F 425 -12.83 -8.26 28.04
CA GLU F 425 -13.13 -6.95 28.53
C GLU F 425 -14.59 -6.91 28.93
N ILE F 426 -15.44 -7.40 28.04
CA ILE F 426 -16.85 -7.37 28.24
C ILE F 426 -17.21 -8.17 29.47
N ILE F 427 -16.73 -9.40 29.53
CA ILE F 427 -16.99 -10.23 30.70
C ILE F 427 -16.67 -9.48 31.99
N ARG F 428 -15.54 -8.82 32.03
CA ARG F 428 -15.08 -8.18 33.26
C ARG F 428 -15.96 -6.99 33.60
N LYS F 429 -16.41 -6.30 32.57
CA LYS F 429 -17.17 -5.09 32.72
C LYS F 429 -18.59 -5.41 33.12
N TYR F 430 -19.03 -6.62 32.76
CA TYR F 430 -20.36 -7.07 33.08
C TYR F 430 -20.26 -8.38 33.84
N ARG F 431 -19.32 -8.44 34.74
CA ARG F 431 -19.13 -9.64 35.54
C ARG F 431 -20.30 -9.89 36.47
N LYS F 432 -20.96 -8.83 36.96
CA LYS F 432 -22.11 -9.01 37.86
C LYS F 432 -23.24 -9.79 37.18
N GLN F 433 -23.66 -9.33 36.02
CA GLN F 433 -24.77 -9.97 35.34
C GLN F 433 -24.37 -11.34 34.81
N LEU F 434 -23.09 -11.55 34.58
CA LEU F 434 -22.61 -12.86 34.23
C LEU F 434 -22.91 -13.82 35.38
N ASP F 435 -22.57 -13.37 36.58
CA ASP F 435 -22.81 -14.15 37.79
C ASP F 435 -24.31 -14.38 38.02
N ASN F 436 -25.11 -13.34 37.82
CA ASN F 436 -26.53 -13.45 38.02
C ASN F 436 -27.10 -14.49 37.09
N ILE F 437 -26.72 -14.39 35.82
CA ILE F 437 -27.21 -15.29 34.80
C ILE F 437 -26.80 -16.70 35.12
N VAL F 438 -25.66 -16.86 35.77
CA VAL F 438 -25.21 -18.17 36.11
C VAL F 438 -26.02 -18.79 37.23
N GLU F 439 -26.21 -18.07 38.34
CA GLU F 439 -26.95 -18.66 39.49
C GLU F 439 -28.30 -19.15 38.99
N ILE F 440 -28.91 -18.37 38.10
CA ILE F 440 -30.22 -18.68 37.55
C ILE F 440 -30.18 -19.96 36.72
N LEU F 441 -29.22 -19.99 35.80
CA LEU F 441 -29.04 -21.10 34.89
C LEU F 441 -28.87 -22.38 35.68
N LEU F 442 -28.08 -22.31 36.75
CA LEU F 442 -27.75 -23.47 37.56
C LEU F 442 -29.00 -24.09 38.09
N GLU F 443 -29.99 -23.25 38.37
CA GLU F 443 -31.22 -23.71 38.94
C GLU F 443 -32.19 -24.19 37.86
N LYS F 444 -32.25 -23.47 36.74
CA LYS F 444 -33.30 -23.71 35.75
C LYS F 444 -32.88 -24.50 34.49
N GLU F 445 -31.58 -24.70 34.31
CA GLU F 445 -31.10 -25.53 33.21
C GLU F 445 -31.28 -24.80 31.88
N THR F 446 -32.43 -24.18 31.69
CA THR F 446 -32.77 -23.59 30.41
C THR F 446 -33.66 -22.36 30.59
N ILE F 447 -33.29 -21.29 29.90
CA ILE F 447 -34.10 -20.06 29.88
C ILE F 447 -34.38 -19.65 28.46
N GLU F 448 -35.55 -19.10 28.23
CA GLU F 448 -35.99 -18.84 26.88
C GLU F 448 -37.28 -18.06 26.86
N GLY F 449 -37.49 -17.33 25.78
CA GLY F 449 -38.76 -16.63 25.54
C GLY F 449 -38.95 -15.45 26.47
N ASP F 450 -40.19 -15.26 26.90
CA ASP F 450 -40.57 -14.16 27.78
C ASP F 450 -39.80 -14.19 29.10
N GLU F 451 -39.27 -15.36 29.44
CA GLU F 451 -38.33 -15.49 30.55
C GLU F 451 -36.99 -14.84 30.19
N LEU F 452 -36.42 -15.25 29.07
CA LEU F 452 -35.10 -14.79 28.70
C LEU F 452 -35.07 -13.29 28.41
N ARG F 453 -36.16 -12.78 27.85
CA ARG F 453 -36.27 -11.37 27.49
C ARG F 453 -36.06 -10.51 28.75
N ARG F 454 -37.09 -10.37 29.56
CA ARG F 454 -37.02 -9.53 30.76
C ARG F 454 -35.65 -9.66 31.44
N ILE F 455 -35.27 -10.88 31.76
CA ILE F 455 -34.01 -11.14 32.47
C ILE F 455 -32.90 -10.28 31.89
N LEU F 456 -32.59 -10.52 30.64
CA LEU F 456 -31.55 -9.76 29.97
C LEU F 456 -31.87 -8.26 29.97
N SER F 457 -33.17 -7.92 30.05
CA SER F 457 -33.59 -6.49 30.04
C SER F 457 -33.36 -5.79 31.40
N GLU F 458 -33.53 -6.52 32.48
CA GLU F 458 -33.27 -5.96 33.81
C GLU F 458 -31.76 -5.83 34.01
N GLU F 459 -31.01 -6.78 33.44
CA GLU F 459 -29.55 -6.83 33.58
C GLU F 459 -28.83 -5.79 32.70
N PHE F 460 -29.42 -5.44 31.56
CA PHE F 460 -28.83 -4.43 30.65
C PHE F 460 -29.81 -3.29 30.33
#